data_2LSJ
#
_entry.id   2LSJ
#
loop_
_entity.id
_entity.type
_entity.pdbx_description
1 polymer 'DNA repair protein REV1'
2 polymer 'DNA polymerase kappa'
#
loop_
_entity_poly.entity_id
_entity_poly.type
_entity_poly.pdbx_seq_one_letter_code
_entity_poly.pdbx_strand_id
1 'polypeptide(L)'
;GSGGGAQDLSSLLPGQSSCFRPAAPNLAGAVEFSDVKTLLKEWITTISDPMEEDILQVVRYCTDLIEEKDLEKLDLVIKY
MKRLMQQSVESVWNMAFDFILDNVQVVLQQTYGSTLKVT
;
A
2 'polypeptide(L)' SHMSHKKSFFDKKRSERISNCQDTS B
#
# COMPACT_ATOMS: atom_id res chain seq x y z
N ALA A 23 -10.13 -8.91 9.83
CA ALA A 23 -8.92 -8.47 10.54
C ALA A 23 -7.67 -9.02 9.87
N ALA A 24 -7.68 -9.06 8.53
CA ALA A 24 -6.55 -9.56 7.77
C ALA A 24 -6.00 -8.49 6.83
N PRO A 25 -4.75 -8.67 6.40
CA PRO A 25 -4.07 -7.73 5.50
C PRO A 25 -4.67 -7.75 4.09
N ASN A 26 -5.72 -6.96 3.88
CA ASN A 26 -6.38 -6.90 2.59
C ASN A 26 -6.43 -5.46 2.08
N LEU A 27 -6.23 -5.29 0.78
CA LEU A 27 -6.26 -3.96 0.17
C LEU A 27 -7.49 -3.80 -0.72
N ALA A 28 -8.40 -2.92 -0.31
CA ALA A 28 -9.61 -2.66 -1.07
C ALA A 28 -10.37 -3.95 -1.34
N GLY A 29 -10.22 -4.92 -0.45
CA GLY A 29 -10.89 -6.20 -0.62
C GLY A 29 -10.02 -7.24 -1.29
N ALA A 30 -8.73 -6.95 -1.39
CA ALA A 30 -7.78 -7.86 -2.03
C ALA A 30 -6.83 -8.47 -1.00
N VAL A 31 -6.95 -9.79 -0.81
CA VAL A 31 -6.10 -10.49 0.15
C VAL A 31 -4.85 -11.02 -0.53
N GLU A 32 -5.00 -11.49 -1.76
CA GLU A 32 -3.87 -12.04 -2.51
C GLU A 32 -2.92 -10.92 -2.93
N PHE A 33 -1.63 -11.23 -2.93
CA PHE A 33 -0.61 -10.25 -3.31
C PHE A 33 -0.83 -9.76 -4.73
N SER A 34 -0.96 -10.71 -5.67
CA SER A 34 -1.16 -10.38 -7.07
C SER A 34 -2.33 -9.40 -7.23
N ASP A 35 -3.35 -9.58 -6.40
CA ASP A 35 -4.53 -8.71 -6.46
C ASP A 35 -4.22 -7.35 -5.83
N VAL A 36 -3.34 -7.34 -4.83
CA VAL A 36 -2.96 -6.11 -4.15
C VAL A 36 -2.14 -5.21 -5.06
N LYS A 37 -1.02 -5.74 -5.57
CA LYS A 37 -0.15 -4.98 -6.46
C LYS A 37 -0.92 -4.45 -7.66
N THR A 38 -1.94 -5.19 -8.07
CA THR A 38 -2.76 -4.80 -9.22
C THR A 38 -3.58 -3.56 -8.90
N LEU A 39 -4.09 -3.49 -7.67
CA LEU A 39 -4.90 -2.35 -7.24
C LEU A 39 -4.04 -1.10 -7.09
N LEU A 40 -2.80 -1.29 -6.66
CA LEU A 40 -1.88 -0.17 -6.48
C LEU A 40 -1.42 0.37 -7.82
N LYS A 41 -1.01 -0.53 -8.71
CA LYS A 41 -0.55 -0.14 -10.04
C LYS A 41 -1.57 0.75 -10.73
N GLU A 42 -2.85 0.37 -10.64
CA GLU A 42 -3.92 1.14 -11.27
C GLU A 42 -4.22 2.39 -10.45
N TRP A 43 -4.25 2.25 -9.13
CA TRP A 43 -4.53 3.36 -8.25
C TRP A 43 -3.46 4.43 -8.36
N ILE A 44 -2.34 4.08 -8.97
CA ILE A 44 -1.23 5.02 -9.14
C ILE A 44 -1.18 5.55 -10.57
N THR A 45 -1.89 4.87 -11.48
CA THR A 45 -1.93 5.28 -12.87
C THR A 45 -3.21 6.04 -13.19
N THR A 46 -4.35 5.42 -12.90
CA THR A 46 -5.64 6.04 -13.16
C THR A 46 -5.86 7.25 -12.27
N ILE A 47 -5.05 7.35 -11.21
CA ILE A 47 -5.15 8.47 -10.28
C ILE A 47 -3.78 9.12 -10.05
N SER A 48 -3.73 10.44 -10.22
CA SER A 48 -2.49 11.18 -10.04
C SER A 48 -2.53 11.99 -8.74
N ASP A 49 -3.74 12.31 -8.29
CA ASP A 49 -3.91 13.08 -7.07
C ASP A 49 -4.57 12.23 -5.98
N PRO A 50 -3.78 11.37 -5.33
CA PRO A 50 -4.28 10.50 -4.27
C PRO A 50 -4.65 11.27 -3.00
N MET A 51 -5.59 10.73 -2.24
CA MET A 51 -6.04 11.37 -1.01
C MET A 51 -5.41 10.69 0.21
N GLU A 52 -5.47 11.36 1.35
CA GLU A 52 -4.90 10.83 2.59
C GLU A 52 -5.61 9.54 2.99
N GLU A 53 -6.91 9.48 2.72
CA GLU A 53 -7.70 8.30 3.06
C GLU A 53 -7.28 7.10 2.23
N ASP A 54 -7.15 7.30 0.93
CA ASP A 54 -6.74 6.24 0.02
C ASP A 54 -5.35 5.73 0.37
N ILE A 55 -4.41 6.65 0.57
CA ILE A 55 -3.05 6.29 0.92
C ILE A 55 -2.98 5.60 2.27
N LEU A 56 -3.90 5.95 3.16
CA LEU A 56 -3.96 5.36 4.49
C LEU A 56 -4.28 3.87 4.42
N GLN A 57 -5.15 3.50 3.49
CA GLN A 57 -5.55 2.11 3.31
C GLN A 57 -4.31 1.23 3.10
N VAL A 58 -3.28 1.79 2.50
CA VAL A 58 -2.05 1.06 2.25
C VAL A 58 -1.28 0.81 3.54
N VAL A 59 -1.35 1.76 4.46
CA VAL A 59 -0.66 1.64 5.74
C VAL A 59 -1.23 0.48 6.56
N ARG A 60 -2.56 0.46 6.70
CA ARG A 60 -3.22 -0.59 7.46
C ARG A 60 -2.92 -1.97 6.87
N TYR A 61 -2.64 -1.99 5.57
CA TYR A 61 -2.34 -3.24 4.88
C TYR A 61 -0.93 -3.73 5.22
N CYS A 62 0.05 -2.85 5.02
CA CYS A 62 1.44 -3.20 5.30
C CYS A 62 1.65 -3.43 6.80
N THR A 63 1.06 -2.56 7.61
CA THR A 63 1.18 -2.68 9.07
C THR A 63 0.67 -4.04 9.55
N ASP A 64 -0.27 -4.61 8.82
CA ASP A 64 -0.83 -5.91 9.18
C ASP A 64 0.16 -7.02 8.88
N LEU A 65 0.89 -6.88 7.79
CA LEU A 65 1.87 -7.89 7.39
C LEU A 65 2.85 -8.18 8.53
N ILE A 66 3.14 -7.16 9.33
CA ILE A 66 4.05 -7.30 10.47
C ILE A 66 3.48 -8.26 11.51
N GLU A 67 2.22 -8.07 11.86
CA GLU A 67 1.56 -8.91 12.85
C GLU A 67 1.23 -10.28 12.27
N GLU A 68 0.91 -10.31 10.97
CA GLU A 68 0.58 -11.55 10.29
C GLU A 68 1.84 -12.29 9.87
N LYS A 69 2.99 -11.62 10.00
CA LYS A 69 4.26 -12.22 9.63
C LYS A 69 4.32 -12.52 8.14
N ASP A 70 3.78 -11.61 7.34
CA ASP A 70 3.77 -11.78 5.89
C ASP A 70 4.71 -10.77 5.22
N LEU A 71 5.82 -10.48 5.88
CA LEU A 71 6.80 -9.53 5.36
C LEU A 71 7.22 -9.92 3.95
N GLU A 72 7.10 -11.20 3.63
CA GLU A 72 7.46 -11.71 2.30
C GLU A 72 6.80 -10.87 1.21
N LYS A 73 5.52 -10.60 1.37
CA LYS A 73 4.77 -9.81 0.39
C LYS A 73 5.05 -8.32 0.57
N LEU A 74 5.47 -7.95 1.78
CA LEU A 74 5.77 -6.56 2.09
C LEU A 74 6.83 -6.00 1.14
N ASP A 75 8.03 -6.59 1.19
CA ASP A 75 9.13 -6.16 0.34
C ASP A 75 8.72 -6.18 -1.12
N LEU A 76 7.75 -7.03 -1.46
CA LEU A 76 7.26 -7.14 -2.83
C LEU A 76 6.34 -5.96 -3.18
N VAL A 77 5.44 -5.64 -2.26
CA VAL A 77 4.51 -4.54 -2.47
C VAL A 77 5.22 -3.19 -2.41
N ILE A 78 6.12 -3.05 -1.44
CA ILE A 78 6.88 -1.81 -1.28
C ILE A 78 7.67 -1.48 -2.54
N LYS A 79 8.52 -2.40 -2.95
CA LYS A 79 9.34 -2.21 -4.15
C LYS A 79 8.46 -2.05 -5.38
N TYR A 80 7.34 -2.76 -5.40
CA TYR A 80 6.41 -2.71 -6.53
C TYR A 80 5.78 -1.32 -6.65
N MET A 81 5.19 -0.85 -5.55
CA MET A 81 4.56 0.46 -5.54
C MET A 81 5.59 1.57 -5.72
N LYS A 82 6.82 1.29 -5.31
CA LYS A 82 7.90 2.27 -5.42
C LYS A 82 8.16 2.62 -6.89
N ARG A 83 8.47 1.62 -7.69
CA ARG A 83 8.73 1.82 -9.11
C ARG A 83 7.58 2.57 -9.78
N LEU A 84 6.39 2.44 -9.21
CA LEU A 84 5.21 3.10 -9.75
C LEU A 84 5.15 4.56 -9.29
N MET A 85 5.21 4.75 -7.98
CA MET A 85 5.16 6.09 -7.40
C MET A 85 6.33 6.94 -7.89
N GLN A 86 7.44 6.27 -8.22
CA GLN A 86 8.64 6.96 -8.70
C GLN A 86 8.50 7.31 -10.18
N GLN A 87 8.12 6.33 -10.99
CA GLN A 87 7.96 6.54 -12.42
C GLN A 87 6.76 7.43 -12.70
N SER A 88 5.86 7.53 -11.73
CA SER A 88 4.66 8.35 -11.88
C SER A 88 5.02 9.76 -12.33
N VAL A 89 4.12 10.38 -13.08
CA VAL A 89 4.34 11.73 -13.58
C VAL A 89 4.24 12.75 -12.45
N GLU A 90 3.40 12.46 -11.46
CA GLU A 90 3.21 13.36 -10.32
C GLU A 90 4.27 13.09 -9.26
N SER A 91 4.99 14.14 -8.86
CA SER A 91 6.03 14.02 -7.84
C SER A 91 5.41 13.79 -6.47
N VAL A 92 4.16 14.21 -6.30
CA VAL A 92 3.46 14.06 -5.04
C VAL A 92 3.43 12.60 -4.60
N TRP A 93 3.55 11.69 -5.57
CA TRP A 93 3.53 10.26 -5.27
C TRP A 93 4.75 9.86 -4.45
N ASN A 94 5.88 10.50 -4.73
CA ASN A 94 7.11 10.22 -4.00
C ASN A 94 6.92 10.38 -2.50
N MET A 95 6.18 11.41 -2.12
CA MET A 95 5.92 11.68 -0.70
C MET A 95 4.97 10.64 -0.13
N ALA A 96 3.97 10.25 -0.90
CA ALA A 96 2.99 9.26 -0.46
C ALA A 96 3.68 7.99 0.02
N PHE A 97 4.73 7.58 -0.69
CA PHE A 97 5.47 6.38 -0.34
C PHE A 97 6.06 6.50 1.06
N ASP A 98 6.69 7.63 1.34
CA ASP A 98 7.30 7.87 2.64
C ASP A 98 6.24 7.93 3.74
N PHE A 99 5.08 8.49 3.39
CA PHE A 99 3.98 8.62 4.34
C PHE A 99 3.56 7.24 4.86
N ILE A 100 3.45 6.27 3.96
CA ILE A 100 3.06 4.93 4.33
C ILE A 100 4.16 4.24 5.15
N LEU A 101 5.41 4.47 4.76
CA LEU A 101 6.54 3.88 5.46
C LEU A 101 6.70 4.47 6.85
N ASP A 102 6.38 5.75 6.98
CA ASP A 102 6.49 6.44 8.26
C ASP A 102 5.60 5.77 9.31
N ASN A 103 4.52 5.14 8.84
CA ASN A 103 3.59 4.47 9.74
C ASN A 103 3.89 2.97 9.82
N VAL A 104 4.22 2.38 8.67
CA VAL A 104 4.54 0.95 8.62
C VAL A 104 5.89 0.66 9.27
N GLN A 105 6.93 1.29 8.75
CA GLN A 105 8.28 1.10 9.28
C GLN A 105 8.30 1.25 10.78
N VAL A 106 7.38 2.07 11.30
CA VAL A 106 7.29 2.31 12.74
C VAL A 106 6.74 1.09 13.46
N VAL A 107 5.56 0.63 13.05
CA VAL A 107 4.93 -0.53 13.65
C VAL A 107 5.75 -1.79 13.41
N LEU A 108 6.52 -1.79 12.33
CA LEU A 108 7.36 -2.93 11.98
C LEU A 108 8.57 -3.02 12.89
N GLN A 109 9.14 -1.87 13.23
CA GLN A 109 10.30 -1.82 14.10
C GLN A 109 9.95 -2.26 15.51
N GLN A 110 8.79 -1.83 16.00
CA GLN A 110 8.34 -2.18 17.33
C GLN A 110 8.10 -3.69 17.45
N THR A 111 8.05 -4.36 16.31
CA THR A 111 7.83 -5.80 16.28
C THR A 111 9.16 -6.56 16.18
N TYR A 112 9.89 -6.31 15.10
CA TYR A 112 11.17 -6.96 14.87
C TYR A 112 12.32 -6.01 15.20
N GLY A 113 12.20 -4.76 14.77
CA GLY A 113 13.24 -3.78 15.02
C GLY A 113 13.95 -3.35 13.76
N SER A 114 13.77 -4.12 12.68
CA SER A 114 14.41 -3.83 11.41
C SER A 114 13.49 -2.99 10.53
N THR A 115 13.93 -2.73 9.30
CA THR A 115 13.16 -1.93 8.35
C THR A 115 13.49 -2.31 6.92
N LEU A 116 12.86 -1.62 5.97
CA LEU A 116 13.09 -1.88 4.55
C LEU A 116 14.16 -0.96 4.00
N LYS A 117 14.93 -1.45 3.03
CA LYS A 117 15.99 -0.68 2.41
C LYS A 117 15.51 -0.03 1.12
N VAL A 118 15.21 1.26 1.18
CA VAL A 118 14.75 2.00 0.01
C VAL A 118 15.72 3.11 -0.37
N THR A 119 16.38 2.95 -1.50
CA THR A 119 17.34 3.94 -1.97
C THR A 119 16.70 5.32 -2.08
N LYS B 7 -14.63 9.38 1.24
CA LYS B 7 -14.42 9.09 -0.17
C LYS B 7 -13.01 8.57 -0.42
N SER B 8 -12.89 7.61 -1.32
CA SER B 8 -11.58 7.03 -1.64
C SER B 8 -11.72 5.99 -2.76
N PHE B 9 -10.76 6.00 -3.68
CA PHE B 9 -10.77 5.06 -4.79
C PHE B 9 -10.87 3.62 -4.30
N PHE B 10 -10.16 3.31 -3.22
CA PHE B 10 -10.17 1.98 -2.64
C PHE B 10 -11.55 1.63 -2.09
N ASP B 11 -12.30 2.66 -1.71
CA ASP B 11 -13.65 2.46 -1.18
C ASP B 11 -14.63 2.12 -2.29
N LYS B 12 -14.58 2.88 -3.37
CA LYS B 12 -15.47 2.66 -4.51
C LYS B 12 -15.07 1.38 -5.26
N LYS B 13 -13.80 1.01 -5.15
CA LYS B 13 -13.31 -0.19 -5.82
C LYS B 13 -13.61 -1.44 -5.01
N ARG B 14 -13.36 -1.37 -3.70
CA ARG B 14 -13.61 -2.49 -2.81
C ARG B 14 -15.11 -2.82 -2.74
N SER B 15 -15.93 -1.78 -2.87
CA SER B 15 -17.38 -1.95 -2.82
C SER B 15 -17.91 -2.52 -4.14
N GLU B 16 -17.17 -2.26 -5.22
CA GLU B 16 -17.57 -2.74 -6.54
C GLU B 16 -17.55 -4.27 -6.59
N ARG B 17 -16.50 -4.86 -6.05
CA ARG B 17 -16.36 -6.32 -6.03
C ARG B 17 -17.34 -6.94 -5.04
N ILE B 18 -17.51 -6.29 -3.90
CA ILE B 18 -18.41 -6.78 -2.87
C ILE B 18 -19.87 -6.68 -3.32
N SER B 19 -20.18 -5.62 -4.06
CA SER B 19 -21.54 -5.41 -4.55
C SER B 19 -21.80 -6.25 -5.80
N ASN B 20 -23.08 -6.42 -6.11
CA ASN B 20 -23.47 -7.21 -7.28
C ASN B 20 -24.88 -6.87 -7.72
N ALA A 23 -9.48 -8.61 9.96
CA ALA A 23 -8.27 -8.41 10.74
C ALA A 23 -7.03 -8.88 9.97
N ALA A 24 -7.14 -8.92 8.65
CA ALA A 24 -6.03 -9.34 7.80
C ALA A 24 -5.63 -8.23 6.83
N PRO A 25 -4.40 -8.33 6.30
CA PRO A 25 -3.87 -7.34 5.36
C PRO A 25 -4.56 -7.41 4.01
N ASN A 26 -5.70 -6.71 3.88
CA ASN A 26 -6.45 -6.69 2.65
C ASN A 26 -6.56 -5.27 2.10
N LEU A 27 -6.34 -5.13 0.80
CA LEU A 27 -6.41 -3.81 0.15
C LEU A 27 -7.63 -3.73 -0.76
N ALA A 28 -8.57 -2.87 -0.40
CA ALA A 28 -9.78 -2.68 -1.19
C ALA A 28 -10.52 -4.00 -1.39
N GLY A 29 -10.32 -4.94 -0.46
CA GLY A 29 -10.96 -6.22 -0.54
C GLY A 29 -10.08 -7.27 -1.21
N ALA A 30 -8.80 -6.96 -1.34
CA ALA A 30 -7.85 -7.87 -1.96
C ALA A 30 -6.91 -8.47 -0.92
N VAL A 31 -7.02 -9.78 -0.70
CA VAL A 31 -6.18 -10.47 0.27
C VAL A 31 -4.93 -11.05 -0.40
N GLU A 32 -5.06 -11.41 -1.67
CA GLU A 32 -3.95 -11.97 -2.43
C GLU A 32 -2.98 -10.89 -2.86
N PHE A 33 -1.69 -11.20 -2.82
CA PHE A 33 -0.65 -10.25 -3.21
C PHE A 33 -0.87 -9.76 -4.64
N SER A 34 -1.00 -10.71 -5.57
CA SER A 34 -1.20 -10.37 -6.97
C SER A 34 -2.36 -9.39 -7.14
N ASP A 35 -3.39 -9.56 -6.31
CA ASP A 35 -4.56 -8.70 -6.37
C ASP A 35 -4.25 -7.34 -5.74
N VAL A 36 -3.36 -7.33 -4.76
CA VAL A 36 -2.97 -6.09 -4.08
C VAL A 36 -2.16 -5.19 -5.00
N LYS A 37 -1.05 -5.72 -5.51
CA LYS A 37 -0.19 -4.96 -6.40
C LYS A 37 -0.97 -4.43 -7.60
N THR A 38 -2.00 -5.17 -8.00
CA THR A 38 -2.82 -4.78 -9.14
C THR A 38 -3.59 -3.51 -8.83
N LEU A 39 -4.20 -3.45 -7.65
CA LEU A 39 -4.97 -2.28 -7.25
C LEU A 39 -4.07 -1.05 -7.11
N LEU A 40 -2.83 -1.29 -6.70
CA LEU A 40 -1.86 -0.19 -6.52
C LEU A 40 -1.42 0.35 -7.87
N LYS A 41 -1.03 -0.55 -8.77
CA LYS A 41 -0.58 -0.15 -10.10
C LYS A 41 -1.60 0.74 -10.78
N GLU A 42 -2.88 0.40 -10.63
CA GLU A 42 -3.95 1.18 -11.23
C GLU A 42 -4.22 2.45 -10.42
N TRP A 43 -4.22 2.31 -9.10
CA TRP A 43 -4.47 3.45 -8.22
C TRP A 43 -3.37 4.50 -8.36
N ILE A 44 -2.26 4.10 -8.99
CA ILE A 44 -1.14 5.02 -9.18
C ILE A 44 -1.11 5.53 -10.62
N THR A 45 -1.89 4.91 -11.49
CA THR A 45 -1.96 5.31 -12.89
C THR A 45 -3.24 6.08 -13.18
N THR A 46 -4.37 5.46 -12.88
CA THR A 46 -5.67 6.09 -13.11
C THR A 46 -5.88 7.28 -12.19
N ILE A 47 -5.08 7.36 -11.13
CA ILE A 47 -5.18 8.46 -10.19
C ILE A 47 -3.82 9.11 -9.95
N SER A 48 -3.77 10.43 -10.12
CA SER A 48 -2.53 11.16 -9.93
C SER A 48 -2.56 11.97 -8.64
N ASP A 49 -3.77 12.31 -8.19
CA ASP A 49 -3.94 13.08 -6.96
C ASP A 49 -4.65 12.24 -5.90
N PRO A 50 -3.89 11.37 -5.22
CA PRO A 50 -4.43 10.50 -4.17
C PRO A 50 -4.83 11.28 -2.92
N MET A 51 -5.71 10.70 -2.12
CA MET A 51 -6.17 11.34 -0.90
C MET A 51 -5.57 10.67 0.33
N GLU A 52 -5.56 11.37 1.46
CA GLU A 52 -5.00 10.85 2.69
C GLU A 52 -5.68 9.53 3.07
N GLU A 53 -6.96 9.41 2.76
CA GLU A 53 -7.72 8.20 3.06
C GLU A 53 -7.22 7.02 2.24
N ASP A 54 -7.12 7.22 0.93
CA ASP A 54 -6.66 6.17 0.03
C ASP A 54 -5.27 5.70 0.43
N ILE A 55 -4.36 6.64 0.65
CA ILE A 55 -2.99 6.31 1.03
C ILE A 55 -2.97 5.60 2.38
N LEU A 56 -3.91 5.95 3.25
CA LEU A 56 -3.99 5.35 4.58
C LEU A 56 -4.30 3.85 4.47
N GLN A 57 -5.19 3.50 3.55
CA GLN A 57 -5.56 2.11 3.36
C GLN A 57 -4.33 1.23 3.13
N VAL A 58 -3.30 1.82 2.54
CA VAL A 58 -2.06 1.09 2.27
C VAL A 58 -1.28 0.85 3.56
N VAL A 59 -1.35 1.79 4.48
CA VAL A 59 -0.64 1.67 5.75
C VAL A 59 -1.20 0.51 6.58
N ARG A 60 -2.52 0.43 6.67
CA ARG A 60 -3.18 -0.63 7.42
C ARG A 60 -2.85 -2.00 6.83
N TYR A 61 -2.68 -2.04 5.51
CA TYR A 61 -2.37 -3.29 4.82
C TYR A 61 -0.94 -3.74 5.14
N CYS A 62 0.01 -2.81 5.01
CA CYS A 62 1.41 -3.12 5.28
C CYS A 62 1.64 -3.39 6.76
N THR A 63 1.05 -2.54 7.60
CA THR A 63 1.19 -2.69 9.04
C THR A 63 0.66 -4.04 9.51
N ASP A 64 -0.27 -4.61 8.74
CA ASP A 64 -0.86 -5.90 9.08
C ASP A 64 0.13 -7.03 8.82
N LEU A 65 0.92 -6.89 7.75
CA LEU A 65 1.91 -7.90 7.39
C LEU A 65 2.84 -8.21 8.56
N ILE A 66 3.19 -7.17 9.32
CA ILE A 66 4.07 -7.32 10.46
C ILE A 66 3.45 -8.24 11.50
N GLU A 67 2.16 -8.03 11.80
CA GLU A 67 1.46 -8.83 12.77
C GLU A 67 1.15 -10.23 12.23
N GLU A 68 0.85 -10.29 10.93
CA GLU A 68 0.54 -11.56 10.29
C GLU A 68 1.82 -12.28 9.86
N LYS A 69 2.97 -11.65 10.13
CA LYS A 69 4.26 -12.23 9.78
C LYS A 69 4.32 -12.55 8.29
N ASP A 70 3.79 -11.65 7.47
CA ASP A 70 3.79 -11.85 6.03
C ASP A 70 4.70 -10.83 5.34
N LEU A 71 5.77 -10.46 6.03
CA LEU A 71 6.73 -9.50 5.49
C LEU A 71 7.19 -9.91 4.09
N GLU A 72 7.10 -11.20 3.81
CA GLU A 72 7.51 -11.72 2.50
C GLU A 72 6.86 -10.91 1.37
N LYS A 73 5.57 -10.64 1.51
CA LYS A 73 4.84 -9.88 0.49
C LYS A 73 5.11 -8.39 0.65
N LEU A 74 5.46 -7.98 1.86
CA LEU A 74 5.75 -6.57 2.13
C LEU A 74 6.81 -6.03 1.18
N ASP A 75 8.00 -6.63 1.24
CA ASP A 75 9.10 -6.21 0.38
C ASP A 75 8.68 -6.22 -1.10
N LEU A 76 7.71 -7.06 -1.42
CA LEU A 76 7.21 -7.17 -2.79
C LEU A 76 6.29 -6.01 -3.13
N VAL A 77 5.36 -5.71 -2.22
CA VAL A 77 4.43 -4.61 -2.43
C VAL A 77 5.14 -3.26 -2.36
N ILE A 78 6.09 -3.14 -1.45
CA ILE A 78 6.84 -1.91 -1.27
C ILE A 78 7.65 -1.58 -2.54
N LYS A 79 8.52 -2.51 -2.93
CA LYS A 79 9.34 -2.32 -4.11
C LYS A 79 8.49 -2.18 -5.36
N TYR A 80 7.34 -2.85 -5.37
CA TYR A 80 6.43 -2.80 -6.50
C TYR A 80 5.83 -1.40 -6.65
N MET A 81 5.20 -0.92 -5.59
CA MET A 81 4.58 0.40 -5.60
C MET A 81 5.63 1.49 -5.78
N LYS A 82 6.86 1.20 -5.34
CA LYS A 82 7.95 2.16 -5.46
C LYS A 82 8.23 2.50 -6.92
N ARG A 83 8.52 1.47 -7.71
CA ARG A 83 8.81 1.67 -9.12
C ARG A 83 7.67 2.43 -9.81
N LEU A 84 6.48 2.34 -9.25
CA LEU A 84 5.31 3.02 -9.81
C LEU A 84 5.27 4.47 -9.35
N MET A 85 5.34 4.68 -8.04
CA MET A 85 5.32 6.03 -7.49
C MET A 85 6.52 6.84 -7.96
N GLN A 86 7.60 6.14 -8.29
CA GLN A 86 8.83 6.80 -8.75
C GLN A 86 8.74 7.11 -10.24
N GLN A 87 8.29 6.13 -11.03
CA GLN A 87 8.16 6.31 -12.46
C GLN A 87 6.95 7.17 -12.80
N SER A 88 6.15 7.48 -11.79
CA SER A 88 4.96 8.30 -11.99
C SER A 88 5.32 9.65 -12.59
N VAL A 89 4.31 10.49 -12.78
CA VAL A 89 4.52 11.82 -13.35
C VAL A 89 4.44 12.90 -12.27
N GLU A 90 3.62 12.65 -11.25
CA GLU A 90 3.46 13.60 -10.16
C GLU A 90 4.45 13.32 -9.04
N SER A 91 5.29 14.31 -8.73
CA SER A 91 6.29 14.16 -7.69
C SER A 91 5.63 13.91 -6.33
N VAL A 92 4.35 14.26 -6.23
CA VAL A 92 3.60 14.07 -5.00
C VAL A 92 3.55 12.59 -4.60
N TRP A 93 3.56 11.72 -5.61
CA TRP A 93 3.51 10.28 -5.36
C TRP A 93 4.72 9.83 -4.54
N ASN A 94 5.88 10.42 -4.81
CA ASN A 94 7.09 10.09 -4.09
C ASN A 94 6.92 10.28 -2.60
N MET A 95 6.15 11.30 -2.22
CA MET A 95 5.91 11.60 -0.82
C MET A 95 4.96 10.57 -0.21
N ALA A 96 3.94 10.18 -0.96
CA ALA A 96 2.97 9.20 -0.49
C ALA A 96 3.67 7.93 0.00
N PHE A 97 4.71 7.52 -0.72
CA PHE A 97 5.46 6.32 -0.36
C PHE A 97 6.06 6.45 1.03
N ASP A 98 6.71 7.59 1.27
CA ASP A 98 7.34 7.84 2.57
C ASP A 98 6.30 7.91 3.68
N PHE A 99 5.13 8.47 3.37
CA PHE A 99 4.05 8.59 4.34
C PHE A 99 3.63 7.22 4.85
N ILE A 100 3.44 6.28 3.93
CA ILE A 100 3.04 4.92 4.30
C ILE A 100 4.13 4.22 5.10
N LEU A 101 5.38 4.46 4.72
CA LEU A 101 6.52 3.86 5.41
C LEU A 101 6.69 4.45 6.81
N ASP A 102 6.38 5.74 6.94
CA ASP A 102 6.50 6.42 8.22
C ASP A 102 5.61 5.77 9.27
N ASN A 103 4.54 5.12 8.82
CA ASN A 103 3.62 4.45 9.73
C ASN A 103 3.92 2.96 9.81
N VAL A 104 4.25 2.36 8.66
CA VAL A 104 4.57 0.94 8.60
C VAL A 104 5.92 0.65 9.24
N GLN A 105 6.97 1.28 8.70
CA GLN A 105 8.32 1.09 9.21
C GLN A 105 8.35 1.24 10.73
N VAL A 106 7.44 2.05 11.27
CA VAL A 106 7.37 2.28 12.69
C VAL A 106 6.83 1.06 13.42
N VAL A 107 5.64 0.61 13.02
CA VAL A 107 5.03 -0.56 13.63
C VAL A 107 5.83 -1.81 13.37
N LEU A 108 6.59 -1.81 12.28
CA LEU A 108 7.41 -2.96 11.91
C LEU A 108 8.65 -3.04 12.81
N GLN A 109 9.22 -1.89 13.13
CA GLN A 109 10.40 -1.83 13.99
C GLN A 109 10.07 -2.28 15.40
N GLN A 110 8.91 -1.86 15.90
CA GLN A 110 8.48 -2.22 17.24
C GLN A 110 8.27 -3.72 17.36
N THR A 111 8.19 -4.40 16.22
CA THR A 111 7.98 -5.85 16.20
C THR A 111 9.31 -6.59 16.07
N TYR A 112 10.02 -6.33 14.98
CA TYR A 112 11.31 -6.97 14.74
C TYR A 112 12.46 -6.03 15.04
N GLY A 113 12.31 -4.78 14.61
CA GLY A 113 13.35 -3.79 14.85
C GLY A 113 14.04 -3.37 13.57
N SER A 114 13.84 -4.13 12.51
CA SER A 114 14.45 -3.82 11.22
C SER A 114 13.53 -2.98 10.36
N THR A 115 13.95 -2.70 9.13
CA THR A 115 13.16 -1.90 8.21
C THR A 115 13.47 -2.27 6.76
N LEU A 116 12.75 -1.65 5.83
CA LEU A 116 12.96 -1.90 4.41
C LEU A 116 13.97 -0.93 3.82
N LYS A 117 14.85 -1.44 2.96
CA LYS A 117 15.86 -0.61 2.32
C LYS A 117 15.27 0.15 1.14
N VAL A 118 14.93 1.42 1.38
CA VAL A 118 14.37 2.27 0.34
C VAL A 118 15.26 3.47 0.06
N THR A 119 16.14 3.33 -0.93
CA THR A 119 17.05 4.40 -1.30
C THR A 119 16.29 5.66 -1.67
N LYS B 7 -15.08 8.78 1.65
CA LYS B 7 -14.81 8.84 0.23
C LYS B 7 -13.38 8.41 -0.08
N SER B 8 -13.23 7.58 -1.11
CA SER B 8 -11.90 7.09 -1.50
C SER B 8 -12.01 6.16 -2.70
N PHE B 9 -10.91 6.02 -3.43
CA PHE B 9 -10.88 5.15 -4.61
C PHE B 9 -11.07 3.70 -4.21
N PHE B 10 -10.18 3.19 -3.36
CA PHE B 10 -10.25 1.82 -2.91
C PHE B 10 -11.60 1.52 -2.25
N ASP B 11 -12.24 2.57 -1.74
CA ASP B 11 -13.54 2.44 -1.09
C ASP B 11 -14.65 2.25 -2.12
N LYS B 12 -14.60 3.06 -3.17
CA LYS B 12 -15.61 2.99 -4.23
C LYS B 12 -15.35 1.80 -5.15
N LYS B 13 -14.13 1.29 -5.11
CA LYS B 13 -13.74 0.16 -5.95
C LYS B 13 -14.05 -1.16 -5.24
N ARG B 14 -13.68 -1.25 -3.97
CA ARG B 14 -13.91 -2.45 -3.18
C ARG B 14 -15.39 -2.83 -3.19
N SER B 15 -16.25 -1.82 -3.35
CA SER B 15 -17.69 -2.05 -3.37
C SER B 15 -18.11 -2.77 -4.64
N GLU B 16 -17.31 -2.60 -5.70
CA GLU B 16 -17.60 -3.24 -6.98
C GLU B 16 -17.61 -4.76 -6.84
N ARG B 17 -16.49 -5.30 -6.35
CA ARG B 17 -16.37 -6.75 -6.17
C ARG B 17 -17.37 -7.25 -5.14
N ILE B 18 -17.54 -6.50 -4.06
CA ILE B 18 -18.47 -6.87 -3.01
C ILE B 18 -19.91 -6.85 -3.51
N SER B 19 -20.16 -6.05 -4.54
CA SER B 19 -21.50 -5.94 -5.11
C SER B 19 -21.68 -6.93 -6.26
N ASN B 20 -20.58 -7.30 -6.89
CA ASN B 20 -20.63 -8.24 -8.01
C ASN B 20 -19.23 -8.76 -8.33
N ALA A 23 -9.78 -9.00 10.34
CA ALA A 23 -8.60 -8.27 10.81
C ALA A 23 -7.35 -8.72 10.07
N ALA A 24 -7.50 -9.04 8.78
CA ALA A 24 -6.38 -9.49 7.97
C ALA A 24 -5.93 -8.39 7.01
N PRO A 25 -4.69 -8.52 6.51
CA PRO A 25 -4.11 -7.54 5.59
C PRO A 25 -4.77 -7.58 4.21
N ASN A 26 -5.81 -6.77 4.03
CA ASN A 26 -6.52 -6.73 2.76
C ASN A 26 -6.60 -5.29 2.23
N LEU A 27 -6.33 -5.14 0.94
CA LEU A 27 -6.37 -3.82 0.31
C LEU A 27 -7.61 -3.67 -0.57
N ALA A 28 -8.53 -2.82 -0.14
CA ALA A 28 -9.76 -2.57 -0.89
C ALA A 28 -10.51 -3.88 -1.15
N GLY A 29 -10.33 -4.85 -0.26
CA GLY A 29 -10.99 -6.13 -0.41
C GLY A 29 -10.11 -7.16 -1.09
N ALA A 30 -8.82 -6.85 -1.21
CA ALA A 30 -7.88 -7.76 -1.86
C ALA A 30 -6.95 -8.38 -0.83
N VAL A 31 -7.10 -9.69 -0.61
CA VAL A 31 -6.27 -10.41 0.34
C VAL A 31 -5.05 -11.02 -0.34
N GLU A 32 -5.17 -11.27 -1.65
CA GLU A 32 -4.07 -11.85 -2.41
C GLU A 32 -3.09 -10.77 -2.85
N PHE A 33 -1.80 -11.09 -2.80
CA PHE A 33 -0.76 -10.16 -3.19
C PHE A 33 -0.98 -9.66 -4.62
N SER A 34 -1.12 -10.60 -5.55
CA SER A 34 -1.33 -10.25 -6.95
C SER A 34 -2.49 -9.27 -7.10
N ASP A 35 -3.51 -9.43 -6.27
CA ASP A 35 -4.68 -8.57 -6.31
C ASP A 35 -4.36 -7.21 -5.69
N VAL A 36 -3.47 -7.20 -4.70
CA VAL A 36 -3.08 -5.97 -4.03
C VAL A 36 -2.26 -5.08 -4.95
N LYS A 37 -1.17 -5.61 -5.47
CA LYS A 37 -0.30 -4.86 -6.36
C LYS A 37 -1.08 -4.32 -7.56
N THR A 38 -2.10 -5.06 -7.97
CA THR A 38 -2.93 -4.66 -9.10
C THR A 38 -3.70 -3.38 -8.79
N LEU A 39 -4.29 -3.32 -7.60
CA LEU A 39 -5.05 -2.15 -7.18
C LEU A 39 -4.15 -0.92 -7.05
N LEU A 40 -2.90 -1.17 -6.66
CA LEU A 40 -1.93 -0.08 -6.50
C LEU A 40 -1.49 0.46 -7.86
N LYS A 41 -1.10 -0.45 -8.74
CA LYS A 41 -0.65 -0.07 -10.08
C LYS A 41 -1.69 0.83 -10.77
N GLU A 42 -2.96 0.48 -10.60
CA GLU A 42 -4.05 1.25 -11.20
C GLU A 42 -4.30 2.53 -10.42
N TRP A 43 -4.18 2.45 -9.10
CA TRP A 43 -4.40 3.60 -8.24
C TRP A 43 -3.29 4.63 -8.41
N ILE A 44 -2.19 4.21 -9.02
CA ILE A 44 -1.05 5.08 -9.25
C ILE A 44 -0.95 5.50 -10.71
N THR A 45 -1.95 5.12 -11.50
CA THR A 45 -1.98 5.45 -12.91
C THR A 45 -3.24 6.23 -13.27
N THR A 46 -4.40 5.67 -12.94
CA THR A 46 -5.67 6.30 -13.22
C THR A 46 -5.93 7.46 -12.27
N ILE A 47 -5.06 7.62 -11.27
CA ILE A 47 -5.19 8.69 -10.30
C ILE A 47 -3.84 9.34 -10.02
N SER A 48 -3.80 10.67 -10.11
CA SER A 48 -2.57 11.41 -9.87
C SER A 48 -2.64 12.15 -8.54
N ASP A 49 -3.85 12.45 -8.09
CA ASP A 49 -4.05 13.16 -6.84
C ASP A 49 -4.72 12.26 -5.81
N PRO A 50 -3.93 11.36 -5.20
CA PRO A 50 -4.42 10.42 -4.19
C PRO A 50 -4.81 11.12 -2.89
N MET A 51 -5.94 10.71 -2.32
CA MET A 51 -6.42 11.30 -1.07
C MET A 51 -5.80 10.59 0.13
N GLU A 52 -5.76 11.28 1.26
CA GLU A 52 -5.19 10.72 2.49
C GLU A 52 -5.92 9.43 2.86
N GLU A 53 -7.24 9.48 2.91
CA GLU A 53 -8.05 8.32 3.26
C GLU A 53 -7.66 7.11 2.41
N ASP A 54 -7.27 7.37 1.16
CA ASP A 54 -6.87 6.31 0.25
C ASP A 54 -5.48 5.79 0.60
N ILE A 55 -4.59 6.70 0.97
CA ILE A 55 -3.23 6.32 1.32
C ILE A 55 -3.20 5.54 2.62
N LEU A 56 -3.95 6.01 3.62
CA LEU A 56 -4.01 5.35 4.92
C LEU A 56 -4.32 3.87 4.76
N GLN A 57 -5.20 3.54 3.81
CA GLN A 57 -5.59 2.16 3.56
C GLN A 57 -4.36 1.29 3.30
N VAL A 58 -3.32 1.89 2.71
CA VAL A 58 -2.09 1.18 2.42
C VAL A 58 -1.29 0.91 3.69
N VAL A 59 -1.35 1.85 4.62
CA VAL A 59 -0.64 1.71 5.88
C VAL A 59 -1.20 0.57 6.72
N ARG A 60 -2.51 0.54 6.89
CA ARG A 60 -3.17 -0.50 7.66
C ARG A 60 -2.90 -1.88 7.06
N TYR A 61 -2.65 -1.90 5.75
CA TYR A 61 -2.37 -3.16 5.06
C TYR A 61 -0.96 -3.66 5.36
N CYS A 62 0.03 -2.79 5.14
CA CYS A 62 1.41 -3.14 5.40
C CYS A 62 1.65 -3.38 6.88
N THR A 63 1.09 -2.52 7.72
CA THR A 63 1.25 -2.64 9.16
C THR A 63 0.72 -3.97 9.67
N ASP A 64 -0.24 -4.53 8.93
CA ASP A 64 -0.83 -5.81 9.31
C ASP A 64 0.13 -6.96 9.01
N LEU A 65 0.88 -6.83 7.91
CA LEU A 65 1.83 -7.87 7.52
C LEU A 65 2.79 -8.18 8.66
N ILE A 66 3.17 -7.14 9.40
CA ILE A 66 4.09 -7.30 10.52
C ILE A 66 3.52 -8.24 11.58
N GLU A 67 2.26 -8.01 11.93
CA GLU A 67 1.59 -8.85 12.93
C GLU A 67 1.24 -10.21 12.36
N GLU A 68 0.92 -10.24 11.07
CA GLU A 68 0.57 -11.48 10.39
C GLU A 68 1.82 -12.23 9.93
N LYS A 69 2.97 -11.63 10.16
CA LYS A 69 4.25 -12.24 9.78
C LYS A 69 4.27 -12.53 8.28
N ASP A 70 3.75 -11.60 7.49
CA ASP A 70 3.71 -11.77 6.05
C ASP A 70 4.64 -10.77 5.36
N LEU A 71 5.73 -10.43 6.03
CA LEU A 71 6.71 -9.49 5.49
C LEU A 71 7.15 -9.90 4.08
N GLU A 72 7.03 -11.19 3.79
CA GLU A 72 7.40 -11.71 2.48
C GLU A 72 6.77 -10.89 1.36
N LYS A 73 5.48 -10.62 1.48
CA LYS A 73 4.76 -9.84 0.48
C LYS A 73 5.03 -8.36 0.66
N LEU A 74 5.42 -7.96 1.86
CA LEU A 74 5.71 -6.56 2.16
C LEU A 74 6.77 -6.02 1.20
N ASP A 75 7.96 -6.61 1.25
CA ASP A 75 9.06 -6.18 0.39
C ASP A 75 8.63 -6.18 -1.08
N LEU A 76 7.66 -7.03 -1.40
CA LEU A 76 7.17 -7.13 -2.77
C LEU A 76 6.24 -5.96 -3.11
N VAL A 77 5.34 -5.65 -2.18
CA VAL A 77 4.40 -4.55 -2.37
C VAL A 77 5.11 -3.20 -2.31
N ILE A 78 6.07 -3.09 -1.40
CA ILE A 78 6.82 -1.85 -1.24
C ILE A 78 7.62 -1.53 -2.50
N LYS A 79 8.48 -2.46 -2.91
CA LYS A 79 9.30 -2.28 -4.09
C LYS A 79 8.43 -2.12 -5.34
N TYR A 80 7.29 -2.80 -5.35
CA TYR A 80 6.37 -2.72 -6.47
C TYR A 80 5.78 -1.33 -6.61
N MET A 81 5.14 -0.85 -5.54
CA MET A 81 4.54 0.47 -5.54
C MET A 81 5.60 1.56 -5.72
N LYS A 82 6.82 1.26 -5.31
CA LYS A 82 7.92 2.21 -5.42
C LYS A 82 8.17 2.57 -6.89
N ARG A 83 8.45 1.55 -7.69
CA ARG A 83 8.70 1.76 -9.12
C ARG A 83 7.57 2.52 -9.77
N LEU A 84 6.38 2.42 -9.20
CA LEU A 84 5.20 3.10 -9.73
C LEU A 84 5.17 4.56 -9.27
N MET A 85 5.24 4.76 -7.96
CA MET A 85 5.23 6.11 -7.40
C MET A 85 6.42 6.92 -7.89
N GLN A 86 7.52 6.23 -8.19
CA GLN A 86 8.73 6.88 -8.67
C GLN A 86 8.60 7.24 -10.16
N GLN A 87 8.16 6.28 -10.95
CA GLN A 87 7.99 6.50 -12.38
C GLN A 87 6.80 7.41 -12.67
N SER A 88 5.92 7.54 -11.68
CA SER A 88 4.74 8.38 -11.83
C SER A 88 5.12 9.78 -12.30
N VAL A 89 4.19 10.45 -12.97
CA VAL A 89 4.42 11.79 -13.49
C VAL A 89 4.35 12.83 -12.37
N GLU A 90 3.50 12.56 -11.39
CA GLU A 90 3.34 13.47 -10.26
C GLU A 90 4.37 13.18 -9.17
N SER A 91 5.06 14.22 -8.72
CA SER A 91 6.07 14.08 -7.69
C SER A 91 5.44 13.80 -6.33
N VAL A 92 4.19 14.24 -6.17
CA VAL A 92 3.47 14.03 -4.92
C VAL A 92 3.43 12.56 -4.54
N TRP A 93 3.51 11.69 -5.55
CA TRP A 93 3.49 10.26 -5.32
C TRP A 93 4.70 9.81 -4.51
N ASN A 94 5.85 10.43 -4.79
CA ASN A 94 7.08 10.09 -4.09
C ASN A 94 6.93 10.31 -2.59
N MET A 95 6.18 11.35 -2.22
CA MET A 95 5.95 11.66 -0.82
C MET A 95 5.03 10.63 -0.17
N ALA A 96 3.99 10.24 -0.89
CA ALA A 96 3.03 9.26 -0.39
C ALA A 96 3.73 7.99 0.09
N PHE A 97 4.76 7.57 -0.65
CA PHE A 97 5.51 6.37 -0.29
C PHE A 97 6.12 6.51 1.10
N ASP A 98 6.83 7.61 1.31
CA ASP A 98 7.47 7.87 2.60
C ASP A 98 6.43 7.94 3.72
N PHE A 99 5.29 8.55 3.41
CA PHE A 99 4.21 8.69 4.39
C PHE A 99 3.79 7.32 4.93
N ILE A 100 3.56 6.38 4.01
CA ILE A 100 3.14 5.04 4.39
C ILE A 100 4.23 4.33 5.18
N LEU A 101 5.48 4.51 4.76
CA LEU A 101 6.61 3.88 5.43
C LEU A 101 6.81 4.47 6.83
N ASP A 102 6.52 5.76 6.97
CA ASP A 102 6.67 6.43 8.26
C ASP A 102 5.78 5.79 9.31
N ASN A 103 4.70 5.14 8.85
CA ASN A 103 3.77 4.49 9.77
C ASN A 103 4.06 2.99 9.85
N VAL A 104 4.34 2.39 8.70
CA VAL A 104 4.64 0.96 8.65
C VAL A 104 6.00 0.66 9.26
N GLN A 105 7.04 1.28 8.72
CA GLN A 105 8.40 1.07 9.21
C GLN A 105 8.45 1.23 10.73
N VAL A 106 7.56 2.06 11.27
CA VAL A 106 7.50 2.29 12.71
C VAL A 106 6.96 1.07 13.44
N VAL A 107 5.77 0.64 13.05
CA VAL A 107 5.14 -0.53 13.67
C VAL A 107 5.94 -1.79 13.41
N LEU A 108 6.67 -1.81 12.30
CA LEU A 108 7.48 -2.95 11.93
C LEU A 108 8.73 -3.05 12.81
N GLN A 109 9.31 -1.90 13.13
CA GLN A 109 10.51 -1.86 13.97
C GLN A 109 10.19 -2.29 15.39
N GLN A 110 9.05 -1.83 15.89
CA GLN A 110 8.62 -2.18 17.25
C GLN A 110 8.38 -3.67 17.39
N THR A 111 8.27 -4.35 16.25
CA THR A 111 8.03 -5.79 16.24
C THR A 111 9.34 -6.57 16.11
N TYR A 112 10.05 -6.34 15.01
CA TYR A 112 11.32 -7.02 14.77
C TYR A 112 12.49 -6.10 15.06
N GLY A 113 12.38 -4.85 14.63
CA GLY A 113 13.44 -3.88 14.86
C GLY A 113 14.13 -3.47 13.57
N SER A 114 13.90 -4.22 12.50
CA SER A 114 14.52 -3.94 11.22
C SER A 114 13.58 -3.09 10.35
N THR A 115 13.98 -2.86 9.11
CA THR A 115 13.19 -2.07 8.18
C THR A 115 13.46 -2.47 6.74
N LEU A 116 12.79 -1.79 5.81
CA LEU A 116 12.97 -2.08 4.38
C LEU A 116 14.14 -1.30 3.81
N LYS A 117 14.72 -1.81 2.72
CA LYS A 117 15.84 -1.16 2.07
C LYS A 117 15.39 -0.41 0.82
N VAL A 118 15.21 0.90 0.95
CA VAL A 118 14.78 1.73 -0.17
C VAL A 118 15.83 2.78 -0.51
N THR A 119 16.51 2.57 -1.63
CA THR A 119 17.55 3.50 -2.07
C THR A 119 17.13 4.24 -3.33
N LYS B 7 -14.81 9.84 1.04
CA LYS B 7 -14.66 9.34 -0.33
C LYS B 7 -13.26 8.79 -0.55
N SER B 8 -13.15 7.82 -1.45
CA SER B 8 -11.86 7.20 -1.76
C SER B 8 -11.98 6.25 -2.95
N PHE B 9 -10.90 6.11 -3.70
CA PHE B 9 -10.87 5.23 -4.87
C PHE B 9 -11.00 3.77 -4.44
N PHE B 10 -10.36 3.42 -3.33
CA PHE B 10 -10.39 2.06 -2.83
C PHE B 10 -11.80 1.67 -2.38
N ASP B 11 -12.60 2.69 -2.03
CA ASP B 11 -13.97 2.46 -1.59
C ASP B 11 -14.87 2.11 -2.77
N LYS B 12 -14.67 2.81 -3.88
CA LYS B 12 -15.47 2.58 -5.08
C LYS B 12 -15.00 1.33 -5.82
N LYS B 13 -13.78 0.89 -5.51
CA LYS B 13 -13.20 -0.29 -6.14
C LYS B 13 -13.58 -1.55 -5.36
N ARG B 14 -13.54 -1.46 -4.04
CA ARG B 14 -13.87 -2.59 -3.18
C ARG B 14 -15.34 -2.99 -3.36
N SER B 15 -16.17 -2.01 -3.69
CA SER B 15 -17.60 -2.27 -3.88
C SER B 15 -17.83 -3.25 -5.01
N GLU B 16 -17.41 -2.87 -6.22
CA GLU B 16 -17.57 -3.72 -7.39
C GLU B 16 -16.95 -5.10 -7.14
N ARG B 17 -15.84 -5.12 -6.43
CA ARG B 17 -15.16 -6.38 -6.12
C ARG B 17 -16.06 -7.31 -5.31
N ILE B 18 -16.86 -6.72 -4.44
CA ILE B 18 -17.78 -7.50 -3.60
C ILE B 18 -18.92 -8.08 -4.43
N SER B 19 -19.21 -7.44 -5.55
CA SER B 19 -20.28 -7.88 -6.44
C SER B 19 -19.74 -8.78 -7.55
N ASN B 20 -20.61 -9.15 -8.48
CA ASN B 20 -20.22 -10.02 -9.59
C ASN B 20 -19.17 -9.34 -10.46
N ALA A 23 -9.97 -10.65 9.54
CA ALA A 23 -8.95 -9.91 10.26
C ALA A 23 -7.58 -10.08 9.62
N ALA A 24 -7.58 -10.32 8.31
CA ALA A 24 -6.33 -10.50 7.58
C ALA A 24 -5.98 -9.25 6.78
N PRO A 25 -4.69 -9.14 6.40
CA PRO A 25 -4.20 -8.00 5.63
C PRO A 25 -4.73 -7.99 4.20
N ASN A 26 -5.79 -7.23 3.97
CA ASN A 26 -6.40 -7.15 2.64
C ASN A 26 -6.50 -5.68 2.19
N LEU A 27 -6.21 -5.45 0.92
CA LEU A 27 -6.26 -4.10 0.36
C LEU A 27 -7.50 -3.93 -0.53
N ALA A 28 -8.43 -3.08 -0.09
CA ALA A 28 -9.65 -2.84 -0.85
C ALA A 28 -10.39 -4.14 -1.14
N GLY A 29 -10.21 -5.12 -0.27
CA GLY A 29 -10.87 -6.40 -0.44
C GLY A 29 -10.00 -7.40 -1.17
N ALA A 30 -8.71 -7.09 -1.29
CA ALA A 30 -7.78 -7.98 -1.97
C ALA A 30 -6.88 -8.69 -0.96
N VAL A 31 -7.06 -10.01 -0.84
CA VAL A 31 -6.25 -10.80 0.08
C VAL A 31 -5.01 -11.35 -0.61
N GLU A 32 -5.12 -11.63 -1.90
CA GLU A 32 -4.01 -12.16 -2.67
C GLU A 32 -3.05 -11.04 -3.07
N PHE A 33 -1.75 -11.31 -2.95
CA PHE A 33 -0.74 -10.33 -3.31
C PHE A 33 -0.94 -9.81 -4.73
N SER A 34 -1.10 -10.73 -5.68
CA SER A 34 -1.31 -10.36 -7.07
C SER A 34 -2.46 -9.37 -7.21
N ASP A 35 -3.49 -9.56 -6.39
CA ASP A 35 -4.65 -8.67 -6.41
C ASP A 35 -4.33 -7.32 -5.77
N VAL A 36 -3.41 -7.34 -4.81
CA VAL A 36 -3.01 -6.12 -4.12
C VAL A 36 -2.18 -5.21 -5.03
N LYS A 37 -1.09 -5.77 -5.56
CA LYS A 37 -0.23 -5.00 -6.45
C LYS A 37 -1.00 -4.47 -7.65
N THR A 38 -2.04 -5.19 -8.06
CA THR A 38 -2.86 -4.79 -9.18
C THR A 38 -3.68 -3.56 -8.85
N LEU A 39 -4.16 -3.49 -7.63
CA LEU A 39 -4.98 -2.36 -7.17
C LEU A 39 -4.12 -1.10 -7.05
N LEU A 40 -2.89 -1.28 -6.61
CA LEU A 40 -1.96 -0.16 -6.44
C LEU A 40 -1.50 0.38 -7.79
N LYS A 41 -1.12 -0.53 -8.68
CA LYS A 41 -0.67 -0.15 -10.01
C LYS A 41 -1.68 0.75 -10.70
N GLU A 42 -2.97 0.41 -10.57
CA GLU A 42 -4.03 1.18 -11.19
C GLU A 42 -4.31 2.44 -10.37
N TRP A 43 -4.34 2.30 -9.05
CA TRP A 43 -4.59 3.43 -8.17
C TRP A 43 -3.50 4.49 -8.30
N ILE A 44 -2.39 4.10 -8.92
CA ILE A 44 -1.26 5.02 -9.10
C ILE A 44 -1.21 5.55 -10.53
N THR A 45 -1.95 4.90 -11.42
CA THR A 45 -1.99 5.29 -12.82
C THR A 45 -3.27 6.07 -13.12
N THR A 46 -4.42 5.46 -12.84
CA THR A 46 -5.70 6.09 -13.08
C THR A 46 -5.90 7.31 -12.18
N ILE A 47 -5.09 7.40 -11.13
CA ILE A 47 -5.17 8.53 -10.20
C ILE A 47 -3.80 9.16 -10.00
N SER A 48 -3.74 10.48 -10.18
CA SER A 48 -2.49 11.21 -10.02
C SER A 48 -2.52 12.04 -8.74
N ASP A 49 -3.71 12.40 -8.29
CA ASP A 49 -3.87 13.18 -7.08
C ASP A 49 -4.55 12.37 -5.99
N PRO A 50 -3.76 11.49 -5.33
CA PRO A 50 -4.25 10.64 -4.25
C PRO A 50 -4.59 11.43 -2.99
N MET A 51 -5.58 10.94 -2.24
CA MET A 51 -6.00 11.59 -1.01
C MET A 51 -5.31 10.98 0.21
N GLU A 52 -5.20 11.75 1.28
CA GLU A 52 -4.56 11.27 2.50
C GLU A 52 -5.22 9.98 2.99
N GLU A 53 -6.55 9.93 2.89
CA GLU A 53 -7.30 8.75 3.32
C GLU A 53 -6.95 7.54 2.46
N ASP A 54 -6.98 7.72 1.15
CA ASP A 54 -6.67 6.65 0.22
C ASP A 54 -5.29 6.06 0.51
N ILE A 55 -4.32 6.94 0.75
CA ILE A 55 -2.96 6.50 1.04
C ILE A 55 -2.87 5.82 2.40
N LEU A 56 -3.73 6.24 3.33
CA LEU A 56 -3.77 5.66 4.66
C LEU A 56 -4.17 4.19 4.62
N GLN A 57 -5.08 3.87 3.70
CA GLN A 57 -5.55 2.49 3.55
C GLN A 57 -4.38 1.54 3.35
N VAL A 58 -3.32 2.03 2.71
CA VAL A 58 -2.14 1.22 2.45
C VAL A 58 -1.35 0.96 3.72
N VAL A 59 -1.35 1.95 4.62
CA VAL A 59 -0.63 1.82 5.90
C VAL A 59 -1.22 0.69 6.73
N ARG A 60 -2.53 0.73 6.94
CA ARG A 60 -3.21 -0.29 7.73
C ARG A 60 -3.01 -1.67 7.13
N TYR A 61 -2.76 -1.72 5.83
CA TYR A 61 -2.55 -2.98 5.13
C TYR A 61 -1.17 -3.54 5.43
N CYS A 62 -0.14 -2.71 5.23
CA CYS A 62 1.24 -3.13 5.48
C CYS A 62 1.47 -3.36 6.96
N THR A 63 1.01 -2.42 7.79
CA THR A 63 1.17 -2.53 9.23
C THR A 63 0.66 -3.87 9.74
N ASP A 64 -0.31 -4.43 9.04
CA ASP A 64 -0.90 -5.72 9.43
C ASP A 64 0.08 -6.86 9.13
N LEU A 65 0.76 -6.76 8.01
CA LEU A 65 1.72 -7.79 7.60
C LEU A 65 2.74 -8.05 8.70
N ILE A 66 3.05 -7.01 9.46
CA ILE A 66 4.02 -7.13 10.56
C ILE A 66 3.47 -8.02 11.66
N GLU A 67 2.25 -7.76 12.10
CA GLU A 67 1.62 -8.54 13.16
C GLU A 67 1.21 -9.92 12.64
N GLU A 68 1.00 -10.02 11.32
CA GLU A 68 0.60 -11.27 10.71
C GLU A 68 1.82 -12.08 10.27
N LYS A 69 2.99 -11.43 10.30
CA LYS A 69 4.24 -12.08 9.91
C LYS A 69 4.21 -12.45 8.43
N ASP A 70 3.70 -11.53 7.61
CA ASP A 70 3.63 -11.76 6.17
C ASP A 70 4.54 -10.79 5.42
N LEU A 71 5.70 -10.51 6.00
CA LEU A 71 6.66 -9.59 5.38
C LEU A 71 7.06 -10.08 3.99
N GLU A 72 6.80 -11.36 3.72
CA GLU A 72 7.13 -11.94 2.42
C GLU A 72 6.60 -11.08 1.28
N LYS A 73 5.29 -10.82 1.30
CA LYS A 73 4.65 -10.01 0.27
C LYS A 73 4.91 -8.53 0.52
N LEU A 74 5.20 -8.18 1.77
CA LEU A 74 5.47 -6.79 2.13
C LEU A 74 6.57 -6.19 1.25
N ASP A 75 7.73 -6.83 1.25
CA ASP A 75 8.85 -6.36 0.45
C ASP A 75 8.49 -6.32 -1.03
N LEU A 76 7.54 -7.16 -1.42
CA LEU A 76 7.10 -7.21 -2.81
C LEU A 76 6.18 -6.05 -3.13
N VAL A 77 5.26 -5.74 -2.22
CA VAL A 77 4.32 -4.64 -2.42
C VAL A 77 5.04 -3.29 -2.36
N ILE A 78 5.99 -3.19 -1.43
CA ILE A 78 6.75 -1.95 -1.27
C ILE A 78 7.56 -1.63 -2.52
N LYS A 79 8.42 -2.56 -2.91
CA LYS A 79 9.26 -2.38 -4.10
C LYS A 79 8.40 -2.22 -5.35
N TYR A 80 7.24 -2.88 -5.35
CA TYR A 80 6.34 -2.81 -6.49
C TYR A 80 5.74 -1.41 -6.63
N MET A 81 5.10 -0.93 -5.57
CA MET A 81 4.50 0.39 -5.57
C MET A 81 5.56 1.48 -5.76
N LYS A 82 6.78 1.18 -5.33
CA LYS A 82 7.89 2.12 -5.45
C LYS A 82 8.14 2.48 -6.91
N ARG A 83 8.42 1.46 -7.73
CA ARG A 83 8.68 1.66 -9.14
C ARG A 83 7.54 2.43 -9.80
N LEU A 84 6.35 2.33 -9.23
CA LEU A 84 5.18 3.01 -9.76
C LEU A 84 5.15 4.47 -9.31
N MET A 85 5.24 4.68 -8.00
CA MET A 85 5.23 6.03 -7.44
C MET A 85 6.44 6.83 -7.92
N GLN A 86 7.51 6.12 -8.25
CA GLN A 86 8.73 6.77 -8.73
C GLN A 86 8.63 7.11 -10.21
N GLN A 87 8.09 6.18 -10.99
CA GLN A 87 7.94 6.37 -12.42
C GLN A 87 6.71 7.23 -12.73
N SER A 88 5.93 7.54 -11.69
CA SER A 88 4.73 8.35 -11.84
C SER A 88 5.06 9.70 -12.48
N VAL A 89 4.03 10.53 -12.66
CA VAL A 89 4.22 11.85 -13.25
C VAL A 89 4.16 12.93 -12.18
N GLU A 90 3.36 12.71 -11.15
CA GLU A 90 3.21 13.68 -10.07
C GLU A 90 4.21 13.39 -8.95
N SER A 91 5.08 14.35 -8.68
CA SER A 91 6.09 14.19 -7.63
C SER A 91 5.43 13.89 -6.29
N VAL A 92 4.17 14.29 -6.14
CA VAL A 92 3.43 14.05 -4.90
C VAL A 92 3.42 12.57 -4.55
N TRP A 93 3.44 11.72 -5.57
CA TRP A 93 3.44 10.28 -5.36
C TRP A 93 4.68 9.84 -4.59
N ASN A 94 5.81 10.48 -4.87
CA ASN A 94 7.06 10.15 -4.20
C ASN A 94 6.93 10.31 -2.68
N MET A 95 6.20 11.35 -2.28
CA MET A 95 6.00 11.61 -0.86
C MET A 95 5.04 10.59 -0.24
N ALA A 96 4.02 10.21 -1.00
CA ALA A 96 3.05 9.24 -0.53
C ALA A 96 3.72 7.97 -0.03
N PHE A 97 4.71 7.50 -0.78
CA PHE A 97 5.44 6.29 -0.43
C PHE A 97 6.07 6.43 0.96
N ASP A 98 6.72 7.56 1.20
CA ASP A 98 7.36 7.83 2.48
C ASP A 98 6.32 7.92 3.60
N PHE A 99 5.16 8.49 3.28
CA PHE A 99 4.10 8.65 4.26
C PHE A 99 3.66 7.29 4.81
N ILE A 100 3.53 6.32 3.92
CA ILE A 100 3.12 4.97 4.32
C ILE A 100 4.23 4.28 5.11
N LEU A 101 5.47 4.49 4.69
CA LEU A 101 6.62 3.88 5.36
C LEU A 101 6.82 4.49 6.75
N ASP A 102 6.52 5.78 6.88
CA ASP A 102 6.68 6.48 8.14
C ASP A 102 5.78 5.85 9.22
N ASN A 103 4.69 5.22 8.79
CA ASN A 103 3.77 4.59 9.71
C ASN A 103 4.04 3.09 9.79
N VAL A 104 4.36 2.49 8.65
CA VAL A 104 4.63 1.06 8.59
C VAL A 104 5.98 0.73 9.22
N GLN A 105 7.03 1.34 8.66
CA GLN A 105 8.39 1.11 9.17
C GLN A 105 8.45 1.27 10.68
N VAL A 106 7.56 2.12 11.21
CA VAL A 106 7.52 2.37 12.64
C VAL A 106 6.98 1.16 13.40
N VAL A 107 5.77 0.73 13.02
CA VAL A 107 5.13 -0.41 13.66
C VAL A 107 5.93 -1.70 13.39
N LEU A 108 6.68 -1.70 12.29
CA LEU A 108 7.48 -2.87 11.93
C LEU A 108 8.71 -2.97 12.82
N GLN A 109 9.32 -1.83 13.14
CA GLN A 109 10.51 -1.80 13.97
C GLN A 109 10.18 -2.24 15.40
N GLN A 110 9.03 -1.77 15.91
CA GLN A 110 8.60 -2.12 17.25
C GLN A 110 8.35 -3.62 17.38
N THR A 111 8.26 -4.30 16.24
CA THR A 111 8.01 -5.74 16.23
C THR A 111 9.32 -6.51 16.08
N TYR A 112 10.02 -6.28 14.98
CA TYR A 112 11.30 -6.96 14.73
C TYR A 112 12.47 -6.03 15.02
N GLY A 113 12.36 -4.78 14.59
CA GLY A 113 13.42 -3.81 14.81
C GLY A 113 14.11 -3.40 13.53
N SER A 114 13.88 -4.17 12.46
CA SER A 114 14.49 -3.89 11.17
C SER A 114 13.58 -3.03 10.31
N THR A 115 14.00 -2.77 9.08
CA THR A 115 13.22 -1.96 8.15
C THR A 115 13.52 -2.33 6.70
N LEU A 116 12.89 -1.62 5.77
CA LEU A 116 13.10 -1.89 4.35
C LEU A 116 14.13 -0.93 3.77
N LYS A 117 14.85 -1.40 2.75
CA LYS A 117 15.87 -0.58 2.09
C LYS A 117 15.28 0.16 0.90
N VAL A 118 14.91 1.42 1.13
CA VAL A 118 14.34 2.25 0.07
C VAL A 118 15.22 3.47 -0.21
N THR A 119 16.15 3.31 -1.13
CA THR A 119 17.06 4.40 -1.49
C THR A 119 16.30 5.59 -2.06
N LYS B 7 -14.79 8.79 1.40
CA LYS B 7 -14.30 9.21 0.09
C LYS B 7 -12.91 8.66 -0.16
N SER B 8 -12.80 7.75 -1.13
CA SER B 8 -11.53 7.14 -1.48
C SER B 8 -11.69 6.15 -2.63
N PHE B 9 -10.72 6.13 -3.53
CA PHE B 9 -10.76 5.23 -4.67
C PHE B 9 -10.89 3.78 -4.22
N PHE B 10 -10.08 3.38 -3.25
CA PHE B 10 -10.10 2.03 -2.72
C PHE B 10 -11.47 1.70 -2.15
N ASP B 11 -12.22 2.73 -1.76
CA ASP B 11 -13.55 2.55 -1.18
C ASP B 11 -14.57 2.25 -2.28
N LYS B 12 -14.49 3.00 -3.38
CA LYS B 12 -15.40 2.83 -4.50
C LYS B 12 -15.00 1.61 -5.33
N LYS B 13 -13.76 1.17 -5.18
CA LYS B 13 -13.27 0.02 -5.92
C LYS B 13 -13.58 -1.28 -5.17
N ARG B 14 -13.35 -1.28 -3.87
CA ARG B 14 -13.62 -2.46 -3.05
C ARG B 14 -15.07 -2.90 -3.18
N SER B 15 -15.95 -1.95 -3.52
CA SER B 15 -17.36 -2.25 -3.68
C SER B 15 -17.63 -2.92 -5.02
N GLU B 16 -16.76 -2.66 -5.99
CA GLU B 16 -16.91 -3.23 -7.32
C GLU B 16 -16.99 -4.75 -7.25
N ARG B 17 -15.99 -5.36 -6.62
CA ARG B 17 -15.95 -6.82 -6.48
C ARG B 17 -17.11 -7.32 -5.63
N ILE B 18 -17.51 -6.50 -4.65
CA ILE B 18 -18.61 -6.86 -3.77
C ILE B 18 -19.95 -6.79 -4.49
N SER B 19 -20.00 -6.00 -5.56
CA SER B 19 -21.22 -5.84 -6.34
C SER B 19 -20.92 -5.86 -7.83
N ASN B 20 -20.88 -7.07 -8.40
CA ASN B 20 -20.59 -7.23 -9.82
C ASN B 20 -21.56 -6.41 -10.66
N ALA A 23 -10.09 -10.11 9.46
CA ALA A 23 -8.96 -9.95 10.36
C ALA A 23 -7.65 -10.28 9.67
N ALA A 24 -7.65 -10.15 8.34
CA ALA A 24 -6.45 -10.42 7.56
C ALA A 24 -6.01 -9.18 6.78
N PRO A 25 -4.73 -9.16 6.37
CA PRO A 25 -4.16 -8.04 5.61
C PRO A 25 -4.72 -7.97 4.19
N ASN A 26 -5.84 -7.28 4.04
CA ASN A 26 -6.47 -7.13 2.74
C ASN A 26 -6.54 -5.66 2.34
N LEU A 27 -6.22 -5.38 1.07
CA LEU A 27 -6.25 -4.01 0.56
C LEU A 27 -7.43 -3.81 -0.37
N ALA A 28 -8.36 -2.95 0.04
CA ALA A 28 -9.53 -2.65 -0.77
C ALA A 28 -10.31 -3.92 -1.08
N GLY A 29 -10.22 -4.90 -0.20
CA GLY A 29 -10.92 -6.16 -0.39
C GLY A 29 -10.08 -7.17 -1.13
N ALA A 30 -8.79 -6.90 -1.25
CA ALA A 30 -7.88 -7.81 -1.94
C ALA A 30 -6.96 -8.52 -0.96
N VAL A 31 -7.07 -9.85 -0.90
CA VAL A 31 -6.26 -10.65 0.00
C VAL A 31 -5.00 -11.15 -0.70
N GLU A 32 -5.17 -11.65 -1.92
CA GLU A 32 -4.04 -12.16 -2.69
C GLU A 32 -3.08 -11.04 -3.08
N PHE A 33 -1.79 -11.30 -2.95
CA PHE A 33 -0.77 -10.30 -3.28
C PHE A 33 -0.99 -9.76 -4.69
N SER A 34 -1.12 -10.67 -5.66
CA SER A 34 -1.32 -10.28 -7.05
C SER A 34 -2.48 -9.31 -7.18
N ASP A 35 -3.52 -9.50 -6.37
CA ASP A 35 -4.69 -8.64 -6.39
C ASP A 35 -4.39 -7.30 -5.73
N VAL A 36 -3.47 -7.32 -4.77
CA VAL A 36 -3.09 -6.11 -4.04
C VAL A 36 -2.28 -5.17 -4.94
N LYS A 37 -1.18 -5.69 -5.47
CA LYS A 37 -0.32 -4.89 -6.34
C LYS A 37 -1.09 -4.34 -7.53
N THR A 38 -2.07 -5.13 -8.01
CA THR A 38 -2.89 -4.72 -9.14
C THR A 38 -3.69 -3.47 -8.81
N LEU A 39 -4.21 -3.42 -7.59
CA LEU A 39 -5.01 -2.27 -7.15
C LEU A 39 -4.15 -1.01 -7.06
N LEU A 40 -2.90 -1.18 -6.63
CA LEU A 40 -1.98 -0.07 -6.49
C LEU A 40 -1.54 0.44 -7.87
N LYS A 41 -1.18 -0.49 -8.75
CA LYS A 41 -0.74 -0.14 -10.09
C LYS A 41 -1.75 0.75 -10.79
N GLU A 42 -3.03 0.41 -10.64
CA GLU A 42 -4.11 1.19 -11.25
C GLU A 42 -4.36 2.46 -10.46
N TRP A 43 -4.39 2.34 -9.14
CA TRP A 43 -4.63 3.49 -8.26
C TRP A 43 -3.53 4.53 -8.41
N ILE A 44 -2.41 4.12 -9.01
CA ILE A 44 -1.29 5.02 -9.21
C ILE A 44 -1.24 5.54 -10.65
N THR A 45 -2.00 4.89 -11.53
CA THR A 45 -2.04 5.29 -12.93
C THR A 45 -3.32 6.05 -13.25
N THR A 46 -4.46 5.44 -12.94
CA THR A 46 -5.75 6.07 -13.20
C THR A 46 -5.94 7.31 -12.32
N ILE A 47 -5.12 7.42 -11.28
CA ILE A 47 -5.20 8.56 -10.37
C ILE A 47 -3.83 9.21 -10.19
N SER A 48 -3.79 10.54 -10.26
CA SER A 48 -2.55 11.28 -10.12
C SER A 48 -2.51 12.00 -8.78
N ASP A 49 -3.67 12.44 -8.30
CA ASP A 49 -3.77 13.15 -7.04
C ASP A 49 -4.49 12.29 -6.00
N PRO A 50 -3.74 11.38 -5.36
CA PRO A 50 -4.28 10.49 -4.32
C PRO A 50 -4.65 11.23 -3.04
N MET A 51 -5.72 10.79 -2.40
CA MET A 51 -6.18 11.41 -1.17
C MET A 51 -5.51 10.76 0.04
N GLU A 52 -5.50 11.48 1.17
CA GLU A 52 -4.90 10.98 2.39
C GLU A 52 -5.51 9.64 2.80
N GLU A 53 -6.83 9.60 2.86
CA GLU A 53 -7.54 8.37 3.23
C GLU A 53 -7.08 7.20 2.37
N ASP A 54 -7.09 7.39 1.06
CA ASP A 54 -6.68 6.35 0.12
C ASP A 54 -5.28 5.85 0.45
N ILE A 55 -4.36 6.79 0.67
CA ILE A 55 -2.98 6.45 1.00
C ILE A 55 -2.88 5.75 2.34
N LEU A 56 -3.80 6.10 3.25
CA LEU A 56 -3.83 5.50 4.58
C LEU A 56 -4.17 4.02 4.50
N GLN A 57 -5.06 3.67 3.57
CA GLN A 57 -5.47 2.28 3.39
C GLN A 57 -4.27 1.37 3.21
N VAL A 58 -3.22 1.90 2.60
CA VAL A 58 -2.00 1.14 2.36
C VAL A 58 -1.24 0.89 3.67
N VAL A 59 -1.30 1.86 4.57
CA VAL A 59 -0.62 1.75 5.85
C VAL A 59 -1.20 0.61 6.69
N ARG A 60 -2.51 0.62 6.87
CA ARG A 60 -3.19 -0.40 7.63
C ARG A 60 -2.95 -1.79 7.03
N TYR A 61 -2.70 -1.82 5.73
CA TYR A 61 -2.45 -3.08 5.03
C TYR A 61 -1.05 -3.60 5.33
N CYS A 62 -0.05 -2.76 5.11
CA CYS A 62 1.33 -3.15 5.36
C CYS A 62 1.58 -3.38 6.85
N THR A 63 1.04 -2.50 7.68
CA THR A 63 1.19 -2.61 9.12
C THR A 63 0.67 -3.95 9.64
N ASP A 64 -0.27 -4.52 8.91
CA ASP A 64 -0.85 -5.81 9.28
C ASP A 64 0.12 -6.95 8.99
N LEU A 65 0.85 -6.83 7.88
CA LEU A 65 1.82 -7.85 7.49
C LEU A 65 2.80 -8.13 8.62
N ILE A 66 3.13 -7.09 9.38
CA ILE A 66 4.06 -7.22 10.49
C ILE A 66 3.51 -8.14 11.57
N GLU A 67 2.25 -7.93 11.95
CA GLU A 67 1.60 -8.74 12.96
C GLU A 67 1.25 -10.13 12.41
N GLU A 68 0.92 -10.17 11.13
CA GLU A 68 0.57 -11.42 10.48
C GLU A 68 1.81 -12.19 10.05
N LYS A 69 2.96 -11.54 10.16
CA LYS A 69 4.24 -12.17 9.79
C LYS A 69 4.26 -12.48 8.29
N ASP A 70 3.71 -11.59 7.49
CA ASP A 70 3.68 -11.77 6.05
C ASP A 70 4.61 -10.78 5.35
N LEU A 71 5.73 -10.49 5.99
CA LEU A 71 6.71 -9.55 5.44
C LEU A 71 7.11 -9.96 4.02
N GLU A 72 6.96 -11.25 3.71
CA GLU A 72 7.29 -11.77 2.39
C GLU A 72 6.64 -10.93 1.30
N LYS A 73 5.35 -10.66 1.46
CA LYS A 73 4.60 -9.87 0.49
C LYS A 73 4.89 -8.38 0.67
N LEU A 74 5.32 -8.00 1.87
CA LEU A 74 5.63 -6.61 2.17
C LEU A 74 6.69 -6.07 1.22
N ASP A 75 7.87 -6.67 1.25
CA ASP A 75 8.97 -6.25 0.39
C ASP A 75 8.54 -6.25 -1.07
N LEU A 76 7.57 -7.09 -1.39
CA LEU A 76 7.07 -7.18 -2.77
C LEU A 76 6.15 -6.01 -3.10
N VAL A 77 5.22 -5.72 -2.19
CA VAL A 77 4.28 -4.61 -2.38
C VAL A 77 4.99 -3.27 -2.31
N ILE A 78 5.97 -3.17 -1.41
CA ILE A 78 6.73 -1.94 -1.24
C ILE A 78 7.55 -1.62 -2.48
N LYS A 79 8.40 -2.56 -2.87
CA LYS A 79 9.25 -2.38 -4.05
C LYS A 79 8.40 -2.23 -5.31
N TYR A 80 7.23 -2.85 -5.31
CA TYR A 80 6.32 -2.79 -6.45
C TYR A 80 5.75 -1.38 -6.60
N MET A 81 5.10 -0.89 -5.55
CA MET A 81 4.50 0.43 -5.56
C MET A 81 5.57 1.51 -5.76
N LYS A 82 6.80 1.21 -5.33
CA LYS A 82 7.91 2.14 -5.46
C LYS A 82 8.16 2.49 -6.91
N ARG A 83 8.42 1.47 -7.73
CA ARG A 83 8.68 1.67 -9.15
C ARG A 83 7.54 2.45 -9.80
N LEU A 84 6.34 2.34 -9.22
CA LEU A 84 5.18 3.04 -9.75
C LEU A 84 5.16 4.51 -9.31
N MET A 85 5.24 4.72 -8.00
CA MET A 85 5.25 6.07 -7.45
C MET A 85 6.46 6.85 -7.94
N GLN A 86 7.54 6.15 -8.24
CA GLN A 86 8.75 6.78 -8.73
C GLN A 86 8.64 7.13 -10.20
N GLN A 87 8.20 6.16 -11.00
CA GLN A 87 8.04 6.36 -12.43
C GLN A 87 6.90 7.33 -12.73
N SER A 88 6.00 7.49 -11.75
CA SER A 88 4.86 8.38 -11.91
C SER A 88 5.31 9.76 -12.37
N VAL A 89 4.42 10.47 -13.06
CA VAL A 89 4.72 11.80 -13.56
C VAL A 89 4.63 12.84 -12.44
N GLU A 90 3.73 12.60 -11.49
CA GLU A 90 3.56 13.52 -10.37
C GLU A 90 4.55 13.21 -9.25
N SER A 91 5.26 14.23 -8.80
CA SER A 91 6.25 14.07 -7.74
C SER A 91 5.57 13.82 -6.40
N VAL A 92 4.32 14.27 -6.28
CA VAL A 92 3.56 14.10 -5.05
C VAL A 92 3.51 12.63 -4.64
N TRP A 93 3.63 11.74 -5.62
CA TRP A 93 3.59 10.31 -5.37
C TRP A 93 4.79 9.87 -4.54
N ASN A 94 5.92 10.54 -4.75
CA ASN A 94 7.14 10.22 -4.02
C ASN A 94 6.95 10.42 -2.52
N MET A 95 6.17 11.43 -2.15
CA MET A 95 5.90 11.72 -0.75
C MET A 95 4.97 10.68 -0.15
N ALA A 96 3.97 10.27 -0.93
CA ALA A 96 3.00 9.27 -0.47
C ALA A 96 3.71 8.03 0.04
N PHE A 97 4.70 7.57 -0.71
CA PHE A 97 5.46 6.38 -0.33
C PHE A 97 6.06 6.52 1.06
N ASP A 98 6.73 7.65 1.30
CA ASP A 98 7.35 7.91 2.59
C ASP A 98 6.30 8.00 3.69
N PHE A 99 5.14 8.55 3.35
CA PHE A 99 4.05 8.69 4.31
C PHE A 99 3.60 7.33 4.83
N ILE A 100 3.46 6.36 3.92
CA ILE A 100 3.03 5.02 4.29
C ILE A 100 4.12 4.30 5.08
N LEU A 101 5.37 4.53 4.70
CA LEU A 101 6.51 3.90 5.37
C LEU A 101 6.70 4.49 6.77
N ASP A 102 6.41 5.78 6.90
CA ASP A 102 6.55 6.48 8.18
C ASP A 102 5.67 5.83 9.24
N ASN A 103 4.59 5.19 8.80
CA ASN A 103 3.66 4.54 9.72
C ASN A 103 3.96 3.04 9.80
N VAL A 104 4.25 2.43 8.66
CA VAL A 104 4.56 1.00 8.61
C VAL A 104 5.92 0.71 9.24
N GLN A 105 6.96 1.33 8.69
CA GLN A 105 8.31 1.13 9.19
C GLN A 105 8.36 1.30 10.71
N VAL A 106 7.46 2.13 11.24
CA VAL A 106 7.41 2.37 12.67
C VAL A 106 6.87 1.16 13.42
N VAL A 107 5.69 0.70 13.02
CA VAL A 107 5.06 -0.45 13.64
C VAL A 107 5.86 -1.72 13.38
N LEU A 108 6.62 -1.72 12.28
CA LEU A 108 7.43 -2.88 11.92
C LEU A 108 8.66 -2.98 12.82
N GLN A 109 9.25 -1.83 13.15
CA GLN A 109 10.43 -1.79 14.00
C GLN A 109 10.09 -2.24 15.42
N GLN A 110 8.94 -1.81 15.91
CA GLN A 110 8.51 -2.17 17.26
C GLN A 110 8.28 -3.67 17.38
N THR A 111 8.19 -4.34 16.23
CA THR A 111 7.98 -5.78 16.20
C THR A 111 9.30 -6.53 16.06
N TYR A 112 10.00 -6.27 14.97
CA TYR A 112 11.28 -6.92 14.71
C TYR A 112 12.44 -5.99 15.01
N GLY A 113 12.30 -4.73 14.59
CA GLY A 113 13.36 -3.75 14.82
C GLY A 113 14.06 -3.33 13.55
N SER A 114 13.84 -4.09 12.48
CA SER A 114 14.46 -3.80 11.20
C SER A 114 13.54 -2.95 10.33
N THR A 115 13.98 -2.66 9.11
CA THR A 115 13.20 -1.86 8.18
C THR A 115 13.54 -2.21 6.73
N LEU A 116 12.76 -1.67 5.80
CA LEU A 116 12.97 -1.92 4.39
C LEU A 116 13.97 -0.92 3.80
N LYS A 117 14.81 -1.40 2.89
CA LYS A 117 15.80 -0.54 2.25
C LYS A 117 15.22 0.16 1.03
N VAL A 118 14.80 1.41 1.22
CA VAL A 118 14.22 2.20 0.13
C VAL A 118 15.06 3.44 -0.15
N THR A 119 16.06 3.28 -1.02
CA THR A 119 16.93 4.39 -1.38
C THR A 119 16.36 5.18 -2.56
N LYS B 7 -15.02 8.28 1.28
CA LYS B 7 -14.45 9.07 0.19
C LYS B 7 -13.03 8.62 -0.14
N SER B 8 -12.92 7.70 -1.10
CA SER B 8 -11.63 7.18 -1.51
C SER B 8 -11.78 6.17 -2.64
N PHE B 9 -10.79 6.13 -3.53
CA PHE B 9 -10.82 5.21 -4.66
C PHE B 9 -10.82 3.76 -4.18
N PHE B 10 -10.09 3.50 -3.10
CA PHE B 10 -10.01 2.16 -2.53
C PHE B 10 -11.35 1.72 -1.95
N ASP B 11 -12.16 2.71 -1.55
CA ASP B 11 -13.47 2.43 -0.97
C ASP B 11 -14.47 2.03 -2.06
N LYS B 12 -14.42 2.74 -3.17
CA LYS B 12 -15.33 2.47 -4.29
C LYS B 12 -14.87 1.24 -5.07
N LYS B 13 -13.58 0.96 -5.00
CA LYS B 13 -13.01 -0.20 -5.70
C LYS B 13 -13.30 -1.49 -4.94
N ARG B 14 -13.33 -1.40 -3.62
CA ARG B 14 -13.60 -2.57 -2.79
C ARG B 14 -15.08 -2.95 -2.85
N SER B 15 -15.92 -1.96 -3.15
CA SER B 15 -17.36 -2.20 -3.24
C SER B 15 -17.73 -2.87 -4.55
N GLU B 16 -17.24 -2.32 -5.66
CA GLU B 16 -17.52 -2.88 -6.97
C GLU B 16 -17.16 -4.35 -7.02
N ARG B 17 -16.02 -4.70 -6.43
CA ARG B 17 -15.54 -6.09 -6.41
C ARG B 17 -16.45 -6.95 -5.54
N ILE B 18 -17.09 -6.33 -4.56
CA ILE B 18 -17.99 -7.05 -3.66
C ILE B 18 -19.36 -7.25 -4.30
N SER B 19 -19.82 -6.25 -5.03
CA SER B 19 -21.12 -6.32 -5.70
C SER B 19 -21.03 -5.79 -7.13
N ASN B 20 -21.26 -6.69 -8.09
CA ASN B 20 -21.19 -6.31 -9.50
C ASN B 20 -22.24 -7.08 -10.30
N ALA A 23 -10.26 -9.77 9.46
CA ALA A 23 -9.16 -9.18 10.21
C ALA A 23 -7.80 -9.52 9.58
N ALA A 24 -7.81 -9.74 8.27
CA ALA A 24 -6.59 -10.07 7.55
C ALA A 24 -6.11 -8.90 6.71
N PRO A 25 -4.82 -8.92 6.34
CA PRO A 25 -4.22 -7.87 5.53
C PRO A 25 -4.73 -7.87 4.09
N ASN A 26 -5.88 -7.24 3.87
CA ASN A 26 -6.48 -7.17 2.55
C ASN A 26 -6.60 -5.73 2.08
N LEU A 27 -6.23 -5.48 0.83
CA LEU A 27 -6.30 -4.15 0.25
C LEU A 27 -7.57 -3.98 -0.58
N ALA A 28 -8.56 -3.29 -0.02
CA ALA A 28 -9.81 -3.04 -0.71
C ALA A 28 -10.48 -4.36 -1.11
N GLY A 29 -10.35 -5.36 -0.24
CA GLY A 29 -10.95 -6.66 -0.52
C GLY A 29 -9.98 -7.62 -1.17
N ALA A 30 -8.80 -7.12 -1.54
CA ALA A 30 -7.79 -7.94 -2.17
C ALA A 30 -6.88 -8.59 -1.13
N VAL A 31 -6.99 -9.91 -1.00
CA VAL A 31 -6.18 -10.65 -0.05
C VAL A 31 -4.91 -11.18 -0.69
N GLU A 32 -5.03 -11.61 -1.95
CA GLU A 32 -3.88 -12.15 -2.68
C GLU A 32 -2.93 -11.04 -3.08
N PHE A 33 -1.63 -11.32 -3.02
CA PHE A 33 -0.61 -10.34 -3.38
C PHE A 33 -0.85 -9.80 -4.79
N SER A 34 -1.00 -10.70 -5.74
CA SER A 34 -1.22 -10.33 -7.13
C SER A 34 -2.38 -9.33 -7.24
N ASP A 35 -3.41 -9.54 -6.41
CA ASP A 35 -4.57 -8.66 -6.41
C ASP A 35 -4.24 -7.31 -5.78
N VAL A 36 -3.31 -7.32 -4.83
CA VAL A 36 -2.90 -6.10 -4.15
C VAL A 36 -2.08 -5.20 -5.07
N LYS A 37 -1.00 -5.73 -5.60
CA LYS A 37 -0.13 -4.99 -6.51
C LYS A 37 -0.92 -4.45 -7.70
N THR A 38 -1.94 -5.19 -8.11
CA THR A 38 -2.77 -4.79 -9.23
C THR A 38 -3.60 -3.56 -8.90
N LEU A 39 -4.08 -3.49 -7.66
CA LEU A 39 -4.89 -2.36 -7.21
C LEU A 39 -4.03 -1.10 -7.06
N LEU A 40 -2.79 -1.29 -6.64
CA LEU A 40 -1.86 -0.17 -6.46
C LEU A 40 -1.41 0.38 -7.81
N LYS A 41 -1.03 -0.52 -8.71
CA LYS A 41 -0.58 -0.12 -10.03
C LYS A 41 -1.60 0.78 -10.72
N GLU A 42 -2.88 0.42 -10.59
CA GLU A 42 -3.95 1.21 -11.19
C GLU A 42 -4.24 2.46 -10.36
N TRP A 43 -4.25 2.30 -9.05
CA TRP A 43 -4.52 3.42 -8.15
C TRP A 43 -3.43 4.48 -8.27
N ILE A 44 -2.31 4.11 -8.89
CA ILE A 44 -1.21 5.04 -9.07
C ILE A 44 -1.18 5.58 -10.50
N THR A 45 -1.90 4.93 -11.40
CA THR A 45 -1.96 5.35 -12.79
C THR A 45 -3.24 6.13 -13.07
N THR A 46 -4.38 5.51 -12.78
CA THR A 46 -5.67 6.14 -13.00
C THR A 46 -5.86 7.35 -12.09
N ILE A 47 -5.03 7.44 -11.05
CA ILE A 47 -5.10 8.54 -10.10
C ILE A 47 -3.73 9.17 -9.88
N SER A 48 -3.65 10.48 -10.07
CA SER A 48 -2.39 11.21 -9.90
C SER A 48 -2.42 12.03 -8.62
N ASP A 49 -3.63 12.40 -8.18
CA ASP A 49 -3.79 13.20 -6.97
C ASP A 49 -4.48 12.39 -5.88
N PRO A 50 -3.72 11.51 -5.22
CA PRO A 50 -4.25 10.67 -4.14
C PRO A 50 -4.60 11.46 -2.89
N MET A 51 -5.55 10.95 -2.11
CA MET A 51 -5.97 11.61 -0.88
C MET A 51 -5.32 10.96 0.34
N GLU A 52 -5.31 11.69 1.45
CA GLU A 52 -4.72 11.18 2.68
C GLU A 52 -5.39 9.88 3.11
N GLU A 53 -6.68 9.79 2.88
CA GLU A 53 -7.44 8.58 3.24
C GLU A 53 -7.02 7.40 2.37
N ASP A 54 -7.00 7.60 1.07
CA ASP A 54 -6.62 6.55 0.13
C ASP A 54 -5.24 6.00 0.48
N ILE A 55 -4.27 6.89 0.63
CA ILE A 55 -2.90 6.49 0.96
C ILE A 55 -2.85 5.82 2.33
N LEU A 56 -3.74 6.22 3.21
CA LEU A 56 -3.79 5.65 4.56
C LEU A 56 -4.20 4.19 4.52
N GLN A 57 -5.13 3.86 3.61
CA GLN A 57 -5.60 2.49 3.47
C GLN A 57 -4.44 1.53 3.25
N VAL A 58 -3.37 2.03 2.64
CA VAL A 58 -2.19 1.22 2.38
C VAL A 58 -1.41 0.95 3.66
N VAL A 59 -1.40 1.93 4.56
CA VAL A 59 -0.69 1.80 5.83
C VAL A 59 -1.26 0.65 6.66
N ARG A 60 -2.58 0.68 6.86
CA ARG A 60 -3.25 -0.36 7.63
C ARG A 60 -3.03 -1.74 7.02
N TYR A 61 -2.77 -1.76 5.71
CA TYR A 61 -2.54 -3.02 5.01
C TYR A 61 -1.15 -3.57 5.32
N CYS A 62 -0.13 -2.74 5.13
CA CYS A 62 1.24 -3.14 5.39
C CYS A 62 1.47 -3.39 6.88
N THR A 63 0.98 -2.47 7.71
CA THR A 63 1.13 -2.58 9.15
C THR A 63 0.61 -3.93 9.65
N ASP A 64 -0.36 -4.48 8.93
CA ASP A 64 -0.94 -5.77 9.30
C ASP A 64 0.02 -6.91 9.00
N LEU A 65 0.73 -6.80 7.88
CA LEU A 65 1.69 -7.82 7.49
C LEU A 65 2.68 -8.11 8.61
N ILE A 66 3.06 -7.07 9.34
CA ILE A 66 4.00 -7.21 10.44
C ILE A 66 3.45 -8.14 11.52
N GLU A 67 2.21 -7.90 11.93
CA GLU A 67 1.57 -8.72 12.96
C GLU A 67 1.19 -10.09 12.39
N GLU A 68 0.89 -10.13 11.10
CA GLU A 68 0.51 -11.37 10.44
C GLU A 68 1.74 -12.14 9.97
N LYS A 69 2.92 -11.55 10.17
CA LYS A 69 4.17 -12.17 9.77
C LYS A 69 4.16 -12.50 8.29
N ASP A 70 3.67 -11.57 7.47
CA ASP A 70 3.60 -11.77 6.03
C ASP A 70 4.52 -10.78 5.32
N LEU A 71 5.64 -10.45 5.94
CA LEU A 71 6.60 -9.52 5.36
C LEU A 71 7.07 -10.00 4.00
N GLU A 72 6.86 -11.29 3.73
CA GLU A 72 7.27 -11.88 2.45
C GLU A 72 6.76 -11.04 1.29
N LYS A 73 5.45 -10.80 1.25
CA LYS A 73 4.85 -10.00 0.19
C LYS A 73 5.07 -8.51 0.42
N LEU A 74 5.32 -8.15 1.68
CA LEU A 74 5.56 -6.76 2.02
C LEU A 74 6.66 -6.15 1.16
N ASP A 75 7.81 -6.83 1.12
CA ASP A 75 8.94 -6.36 0.32
C ASP A 75 8.59 -6.34 -1.17
N LEU A 76 7.67 -7.21 -1.57
CA LEU A 76 7.24 -7.28 -2.96
C LEU A 76 6.31 -6.12 -3.31
N VAL A 77 5.42 -5.78 -2.38
CA VAL A 77 4.48 -4.70 -2.59
C VAL A 77 5.16 -3.35 -2.50
N ILE A 78 6.01 -3.18 -1.48
CA ILE A 78 6.73 -1.93 -1.30
C ILE A 78 7.55 -1.57 -2.53
N LYS A 79 8.40 -2.49 -2.96
CA LYS A 79 9.23 -2.28 -4.14
C LYS A 79 8.38 -2.12 -5.39
N TYR A 80 7.28 -2.85 -5.45
CA TYR A 80 6.37 -2.80 -6.59
C TYR A 80 5.75 -1.41 -6.72
N MET A 81 5.20 -0.91 -5.61
CA MET A 81 4.57 0.40 -5.60
C MET A 81 5.60 1.50 -5.80
N LYS A 82 6.84 1.23 -5.38
CA LYS A 82 7.92 2.19 -5.50
C LYS A 82 8.17 2.54 -6.97
N ARG A 83 8.46 1.53 -7.76
CA ARG A 83 8.72 1.73 -9.19
C ARG A 83 7.58 2.50 -9.85
N LEU A 84 6.39 2.37 -9.29
CA LEU A 84 5.21 3.06 -9.82
C LEU A 84 5.16 4.51 -9.36
N MET A 85 5.24 4.70 -8.03
CA MET A 85 5.20 6.04 -7.46
C MET A 85 6.38 6.87 -7.95
N GLN A 86 7.49 6.20 -8.27
CA GLN A 86 8.68 6.88 -8.75
C GLN A 86 8.53 7.24 -10.23
N GLN A 87 8.14 6.27 -11.04
CA GLN A 87 7.97 6.49 -12.47
C GLN A 87 6.76 7.39 -12.74
N SER A 88 5.88 7.50 -11.75
CA SER A 88 4.68 8.32 -11.89
C SER A 88 5.04 9.73 -12.35
N VAL A 89 4.11 10.36 -13.05
CA VAL A 89 4.32 11.72 -13.56
C VAL A 89 4.24 12.74 -12.44
N GLU A 90 3.41 12.46 -11.44
CA GLU A 90 3.24 13.36 -10.30
C GLU A 90 4.31 13.11 -9.25
N SER A 91 5.00 14.18 -8.86
CA SER A 91 6.06 14.07 -7.86
C SER A 91 5.48 13.84 -6.48
N VAL A 92 4.24 14.27 -6.28
CA VAL A 92 3.56 14.10 -5.00
C VAL A 92 3.55 12.65 -4.57
N TRP A 93 3.61 11.74 -5.55
CA TRP A 93 3.60 10.31 -5.28
C TRP A 93 4.82 9.91 -4.45
N ASN A 94 5.94 10.58 -4.71
CA ASN A 94 7.19 10.30 -3.99
C ASN A 94 6.99 10.45 -2.49
N MET A 95 6.22 11.46 -2.11
CA MET A 95 5.95 11.72 -0.69
C MET A 95 5.01 10.67 -0.11
N ALA A 96 4.02 10.28 -0.91
CA ALA A 96 3.05 9.28 -0.48
C ALA A 96 3.74 8.02 0.03
N PHE A 97 4.73 7.55 -0.72
CA PHE A 97 5.48 6.36 -0.35
C PHE A 97 6.08 6.50 1.04
N ASP A 98 6.71 7.64 1.29
CA ASP A 98 7.33 7.90 2.58
C ASP A 98 6.28 7.97 3.69
N PHE A 99 5.11 8.53 3.35
CA PHE A 99 4.03 8.66 4.32
C PHE A 99 3.60 7.30 4.85
N ILE A 100 3.46 6.33 3.94
CA ILE A 100 3.06 4.98 4.32
C ILE A 100 4.16 4.29 5.12
N LEU A 101 5.40 4.52 4.72
CA LEU A 101 6.54 3.90 5.40
C LEU A 101 6.73 4.51 6.80
N ASP A 102 6.41 5.80 6.93
CA ASP A 102 6.55 6.48 8.21
C ASP A 102 5.66 5.83 9.26
N ASN A 103 4.58 5.21 8.82
CA ASN A 103 3.64 4.55 9.73
C ASN A 103 3.93 3.04 9.80
N VAL A 104 4.26 2.46 8.65
CA VAL A 104 4.55 1.03 8.58
C VAL A 104 5.91 0.72 9.22
N GLN A 105 6.96 1.33 8.68
CA GLN A 105 8.30 1.12 9.19
C GLN A 105 8.34 1.27 10.71
N VAL A 106 7.44 2.10 11.25
CA VAL A 106 7.38 2.33 12.68
C VAL A 106 6.84 1.10 13.41
N VAL A 107 5.64 0.67 13.02
CA VAL A 107 5.02 -0.50 13.63
C VAL A 107 5.83 -1.76 13.37
N LEU A 108 6.58 -1.75 12.27
CA LEU A 108 7.40 -2.90 11.90
C LEU A 108 8.63 -3.00 12.80
N GLN A 109 9.21 -1.85 13.13
CA GLN A 109 10.39 -1.81 13.99
C GLN A 109 10.06 -2.27 15.41
N GLN A 110 8.91 -1.83 15.89
CA GLN A 110 8.47 -2.18 17.24
C GLN A 110 8.23 -3.69 17.35
N THR A 111 8.15 -4.36 16.20
CA THR A 111 7.91 -5.80 16.16
C THR A 111 9.23 -6.56 16.03
N TYR A 112 9.95 -6.30 14.95
CA TYR A 112 11.22 -6.97 14.69
C TYR A 112 12.38 -6.04 15.01
N GLY A 113 12.27 -4.78 14.59
CA GLY A 113 13.32 -3.82 14.85
C GLY A 113 14.03 -3.38 13.58
N SER A 114 13.81 -4.14 12.51
CA SER A 114 14.44 -3.84 11.22
C SER A 114 13.51 -2.98 10.35
N THR A 115 13.95 -2.73 9.12
CA THR A 115 13.16 -1.94 8.19
C THR A 115 13.46 -2.32 6.75
N LEU A 116 12.75 -1.70 5.81
CA LEU A 116 12.93 -1.97 4.40
C LEU A 116 13.93 -0.99 3.78
N LYS A 117 14.83 -1.51 2.95
CA LYS A 117 15.83 -0.69 2.30
C LYS A 117 15.24 0.06 1.11
N VAL A 118 14.89 1.33 1.33
CA VAL A 118 14.30 2.15 0.28
C VAL A 118 15.19 3.35 -0.04
N THR A 119 16.07 3.19 -1.02
CA THR A 119 16.97 4.26 -1.42
C THR A 119 16.20 5.51 -1.82
N LYS B 7 -14.10 11.00 0.32
CA LYS B 7 -14.12 10.07 -0.81
C LYS B 7 -12.83 9.27 -0.88
N SER B 8 -12.78 8.31 -1.79
CA SER B 8 -11.60 7.47 -1.95
C SER B 8 -11.79 6.48 -3.10
N PHE B 9 -10.68 6.13 -3.75
CA PHE B 9 -10.72 5.20 -4.87
C PHE B 9 -10.86 3.76 -4.38
N PHE B 10 -10.15 3.44 -3.31
CA PHE B 10 -10.19 2.09 -2.74
C PHE B 10 -11.59 1.77 -2.23
N ASP B 11 -12.35 2.81 -1.89
CA ASP B 11 -13.70 2.63 -1.40
C ASP B 11 -14.67 2.26 -2.53
N LYS B 12 -14.58 2.99 -3.63
CA LYS B 12 -15.43 2.74 -4.78
C LYS B 12 -15.04 1.44 -5.47
N LYS B 13 -13.78 1.04 -5.31
CA LYS B 13 -13.28 -0.18 -5.92
C LYS B 13 -13.63 -1.39 -5.06
N ARG B 14 -13.27 -1.34 -3.79
CA ARG B 14 -13.53 -2.43 -2.86
C ARG B 14 -15.02 -2.80 -2.89
N SER B 15 -15.86 -1.82 -3.18
CA SER B 15 -17.30 -2.04 -3.24
C SER B 15 -17.67 -3.02 -4.34
N GLU B 16 -17.09 -2.80 -5.53
CA GLU B 16 -17.35 -3.67 -6.67
C GLU B 16 -16.94 -5.11 -6.38
N ARG B 17 -15.89 -5.26 -5.57
CA ARG B 17 -15.39 -6.58 -5.21
C ARG B 17 -16.36 -7.29 -4.27
N ILE B 18 -17.05 -6.52 -3.44
CA ILE B 18 -18.01 -7.07 -2.50
C ILE B 18 -19.31 -7.46 -3.19
N SER B 19 -19.93 -6.48 -3.85
CA SER B 19 -21.19 -6.70 -4.55
C SER B 19 -20.94 -7.40 -5.88
N ASN B 20 -21.82 -8.33 -6.22
CA ASN B 20 -21.71 -9.08 -7.48
C ASN B 20 -20.34 -9.77 -7.58
N ALA A 23 -9.65 -9.60 10.41
CA ALA A 23 -8.66 -8.56 10.67
C ALA A 23 -7.35 -8.86 9.93
N ALA A 24 -7.46 -9.44 8.74
CA ALA A 24 -6.28 -9.77 7.94
C ALA A 24 -5.91 -8.62 7.02
N PRO A 25 -4.66 -8.62 6.55
CA PRO A 25 -4.14 -7.58 5.65
C PRO A 25 -4.77 -7.66 4.26
N ASN A 26 -5.80 -6.86 4.04
CA ASN A 26 -6.49 -6.84 2.75
C ASN A 26 -6.60 -5.41 2.22
N LEU A 27 -6.32 -5.24 0.94
CA LEU A 27 -6.38 -3.92 0.31
C LEU A 27 -7.64 -3.79 -0.55
N ALA A 28 -8.57 -2.95 -0.10
CA ALA A 28 -9.81 -2.73 -0.80
C ALA A 28 -10.55 -4.04 -1.05
N GLY A 29 -10.33 -5.01 -0.16
CA GLY A 29 -10.98 -6.30 -0.29
C GLY A 29 -10.10 -7.31 -1.01
N ALA A 30 -8.82 -6.99 -1.17
CA ALA A 30 -7.89 -7.88 -1.84
C ALA A 30 -6.91 -8.50 -0.84
N VAL A 31 -7.06 -9.81 -0.63
CA VAL A 31 -6.20 -10.53 0.30
C VAL A 31 -4.96 -11.08 -0.42
N GLU A 32 -5.13 -11.46 -1.68
CA GLU A 32 -4.03 -12.00 -2.46
C GLU A 32 -3.05 -10.88 -2.86
N PHE A 33 -1.77 -11.22 -2.90
CA PHE A 33 -0.74 -10.26 -3.27
C PHE A 33 -0.97 -9.72 -4.68
N SER A 34 -1.12 -10.62 -5.63
CA SER A 34 -1.34 -10.25 -7.03
C SER A 34 -2.51 -9.27 -7.13
N ASP A 35 -3.53 -9.47 -6.30
CA ASP A 35 -4.70 -8.61 -6.31
C ASP A 35 -4.38 -7.25 -5.68
N VAL A 36 -3.44 -7.25 -4.73
CA VAL A 36 -3.04 -6.03 -4.05
C VAL A 36 -2.24 -5.12 -4.98
N LYS A 37 -1.15 -5.66 -5.52
CA LYS A 37 -0.29 -4.90 -6.42
C LYS A 37 -1.09 -4.37 -7.61
N THR A 38 -2.08 -5.15 -8.05
CA THR A 38 -2.91 -4.76 -9.18
C THR A 38 -3.74 -3.52 -8.86
N LEU A 39 -4.22 -3.45 -7.62
CA LEU A 39 -5.03 -2.31 -7.19
C LEU A 39 -4.18 -1.06 -7.06
N LEU A 40 -2.94 -1.23 -6.61
CA LEU A 40 -2.02 -0.12 -6.44
C LEU A 40 -1.55 0.41 -7.79
N LYS A 41 -1.21 -0.50 -8.69
CA LYS A 41 -0.74 -0.13 -10.02
C LYS A 41 -1.73 0.83 -10.69
N GLU A 42 -3.02 0.50 -10.62
CA GLU A 42 -4.06 1.33 -11.21
C GLU A 42 -4.34 2.56 -10.35
N TRP A 43 -4.36 2.35 -9.03
CA TRP A 43 -4.62 3.44 -8.09
C TRP A 43 -3.53 4.50 -8.18
N ILE A 44 -2.41 4.14 -8.80
CA ILE A 44 -1.29 5.06 -8.95
C ILE A 44 -1.24 5.65 -10.36
N THR A 45 -1.97 5.03 -11.28
CA THR A 45 -2.02 5.49 -12.66
C THR A 45 -3.29 6.29 -12.93
N THR A 46 -4.43 5.67 -12.67
CA THR A 46 -5.72 6.31 -12.89
C THR A 46 -5.91 7.49 -11.95
N ILE A 47 -5.07 7.57 -10.93
CA ILE A 47 -5.14 8.66 -9.96
C ILE A 47 -3.77 9.29 -9.74
N SER A 48 -3.72 10.61 -9.86
CA SER A 48 -2.46 11.34 -9.68
C SER A 48 -2.46 12.12 -8.36
N ASP A 49 -3.66 12.46 -7.90
CA ASP A 49 -3.80 13.20 -6.65
C ASP A 49 -4.52 12.35 -5.61
N PRO A 50 -3.78 11.46 -4.94
CA PRO A 50 -4.32 10.58 -3.91
C PRO A 50 -4.70 11.33 -2.64
N MET A 51 -5.71 10.83 -1.94
CA MET A 51 -6.16 11.46 -0.71
C MET A 51 -5.56 10.76 0.52
N GLU A 52 -5.41 11.51 1.61
CA GLU A 52 -4.85 10.96 2.83
C GLU A 52 -5.62 9.73 3.29
N GLU A 53 -6.90 9.68 2.94
CA GLU A 53 -7.76 8.55 3.31
C GLU A 53 -7.38 7.31 2.51
N ASP A 54 -7.13 7.49 1.22
CA ASP A 54 -6.77 6.38 0.35
C ASP A 54 -5.37 5.86 0.68
N ILE A 55 -4.43 6.78 0.87
CA ILE A 55 -3.06 6.40 1.20
C ILE A 55 -2.99 5.72 2.56
N LEU A 56 -3.87 6.12 3.46
CA LEU A 56 -3.91 5.55 4.81
C LEU A 56 -4.26 4.07 4.75
N GLN A 57 -5.18 3.71 3.87
CA GLN A 57 -5.60 2.33 3.70
C GLN A 57 -4.39 1.41 3.46
N VAL A 58 -3.37 1.96 2.81
CA VAL A 58 -2.16 1.20 2.52
C VAL A 58 -1.34 0.96 3.79
N VAL A 59 -1.36 1.92 4.69
CA VAL A 59 -0.62 1.81 5.95
C VAL A 59 -1.19 0.69 6.81
N ARG A 60 -2.50 0.71 7.04
CA ARG A 60 -3.15 -0.30 7.85
C ARG A 60 -2.95 -1.70 7.25
N TYR A 61 -2.72 -1.74 5.94
CA TYR A 61 -2.51 -3.01 5.25
C TYR A 61 -1.12 -3.56 5.53
N CYS A 62 -0.11 -2.73 5.31
CA CYS A 62 1.28 -3.13 5.54
C CYS A 62 1.54 -3.36 7.02
N THR A 63 1.08 -2.43 7.85
CA THR A 63 1.26 -2.52 9.29
C THR A 63 0.75 -3.86 9.82
N ASP A 64 -0.24 -4.43 9.13
CA ASP A 64 -0.81 -5.70 9.54
C ASP A 64 0.14 -6.85 9.23
N LEU A 65 0.82 -6.75 8.09
CA LEU A 65 1.77 -7.78 7.67
C LEU A 65 2.79 -8.06 8.76
N ILE A 66 3.10 -7.03 9.54
CA ILE A 66 4.07 -7.16 10.63
C ILE A 66 3.53 -8.06 11.74
N GLU A 67 2.30 -7.82 12.14
CA GLU A 67 1.67 -8.61 13.19
C GLU A 67 1.30 -10.00 12.68
N GLU A 68 1.05 -10.10 11.39
CA GLU A 68 0.69 -11.38 10.78
C GLU A 68 1.93 -12.13 10.33
N LYS A 69 3.07 -11.44 10.34
CA LYS A 69 4.33 -12.06 9.92
C LYS A 69 4.30 -12.43 8.45
N ASP A 70 3.76 -11.54 7.62
CA ASP A 70 3.67 -11.78 6.19
C ASP A 70 4.56 -10.80 5.42
N LEU A 71 5.72 -10.48 5.99
CA LEU A 71 6.66 -9.56 5.37
C LEU A 71 7.06 -10.05 3.98
N GLU A 72 6.84 -11.35 3.73
CA GLU A 72 7.17 -11.93 2.44
C GLU A 72 6.60 -11.09 1.30
N LYS A 73 5.31 -10.84 1.33
CA LYS A 73 4.64 -10.05 0.30
C LYS A 73 4.89 -8.56 0.52
N LEU A 74 5.21 -8.19 1.75
CA LEU A 74 5.48 -6.80 2.09
C LEU A 74 6.55 -6.21 1.18
N ASP A 75 7.73 -6.83 1.19
CA ASP A 75 8.84 -6.37 0.36
C ASP A 75 8.44 -6.34 -1.11
N LEU A 76 7.50 -7.19 -1.49
CA LEU A 76 7.03 -7.26 -2.87
C LEU A 76 6.10 -6.09 -3.18
N VAL A 77 5.18 -5.80 -2.25
CA VAL A 77 4.24 -4.71 -2.43
C VAL A 77 4.93 -3.36 -2.34
N ILE A 78 5.86 -3.24 -1.40
CA ILE A 78 6.60 -2.00 -1.21
C ILE A 78 7.44 -1.66 -2.44
N LYS A 79 8.29 -2.59 -2.85
CA LYS A 79 9.13 -2.40 -4.02
C LYS A 79 8.30 -2.23 -5.28
N TYR A 80 7.09 -2.78 -5.27
CA TYR A 80 6.20 -2.70 -6.41
C TYR A 80 5.51 -1.33 -6.46
N MET A 81 5.05 -0.87 -5.30
CA MET A 81 4.38 0.42 -5.22
C MET A 81 5.38 1.57 -5.32
N LYS A 82 6.59 1.33 -4.82
CA LYS A 82 7.64 2.35 -4.86
C LYS A 82 8.14 2.56 -6.29
N ARG A 83 8.11 1.50 -7.08
CA ARG A 83 8.55 1.58 -8.47
C ARG A 83 7.56 2.36 -9.32
N LEU A 84 6.29 2.30 -8.94
CA LEU A 84 5.24 3.01 -9.66
C LEU A 84 5.18 4.48 -9.24
N MET A 85 5.03 4.71 -7.94
CA MET A 85 4.95 6.06 -7.42
C MET A 85 6.18 6.88 -7.84
N GLN A 86 7.28 6.19 -8.08
CA GLN A 86 8.52 6.85 -8.50
C GLN A 86 8.49 7.18 -9.99
N GLN A 87 8.17 6.18 -10.81
CA GLN A 87 8.11 6.38 -12.25
C GLN A 87 6.90 7.22 -12.63
N SER A 88 6.02 7.46 -11.67
CA SER A 88 4.82 8.26 -11.91
C SER A 88 5.18 9.63 -12.47
N VAL A 89 4.17 10.43 -12.79
CA VAL A 89 4.38 11.76 -13.34
C VAL A 89 4.29 12.82 -12.25
N GLU A 90 3.45 12.57 -11.25
CA GLU A 90 3.28 13.51 -10.14
C GLU A 90 4.33 13.26 -9.06
N SER A 91 5.06 14.33 -8.71
CA SER A 91 6.09 14.24 -7.68
C SER A 91 5.49 13.95 -6.32
N VAL A 92 4.24 14.38 -6.13
CA VAL A 92 3.55 14.16 -4.86
C VAL A 92 3.54 12.69 -4.48
N TRP A 93 3.59 11.82 -5.48
CA TRP A 93 3.59 10.38 -5.26
C TRP A 93 4.83 9.95 -4.47
N ASN A 94 5.94 10.63 -4.71
CA ASN A 94 7.19 10.31 -4.03
C ASN A 94 7.02 10.43 -2.52
N MET A 95 6.32 11.46 -2.08
CA MET A 95 6.09 11.68 -0.65
C MET A 95 5.08 10.67 -0.11
N ALA A 96 4.07 10.36 -0.91
CA ALA A 96 3.04 9.42 -0.51
C ALA A 96 3.66 8.10 -0.05
N PHE A 97 4.65 7.63 -0.80
CA PHE A 97 5.32 6.37 -0.47
C PHE A 97 5.99 6.46 0.90
N ASP A 98 6.62 7.60 1.17
CA ASP A 98 7.30 7.80 2.45
C ASP A 98 6.30 7.89 3.59
N PHE A 99 5.13 8.44 3.31
CA PHE A 99 4.09 8.59 4.31
C PHE A 99 3.68 7.22 4.87
N ILE A 100 3.50 6.25 3.99
CA ILE A 100 3.12 4.91 4.40
C ILE A 100 4.25 4.22 5.18
N LEU A 101 5.47 4.39 4.69
CA LEU A 101 6.64 3.80 5.34
C LEU A 101 6.87 4.42 6.72
N ASP A 102 6.59 5.71 6.83
CA ASP A 102 6.76 6.43 8.09
C ASP A 102 5.90 5.81 9.18
N ASN A 103 4.78 5.21 8.78
CA ASN A 103 3.88 4.58 9.74
C ASN A 103 4.12 3.08 9.81
N VAL A 104 4.41 2.47 8.67
CA VAL A 104 4.67 1.03 8.61
C VAL A 104 6.04 0.70 9.19
N GLN A 105 7.09 1.26 8.58
CA GLN A 105 8.45 1.02 9.03
C GLN A 105 8.56 1.22 10.54
N VAL A 106 7.72 2.07 11.10
CA VAL A 106 7.72 2.34 12.52
C VAL A 106 7.19 1.15 13.31
N VAL A 107 5.96 0.75 13.00
CA VAL A 107 5.34 -0.38 13.67
C VAL A 107 6.10 -1.67 13.41
N LEU A 108 6.82 -1.72 12.29
CA LEU A 108 7.60 -2.90 11.91
C LEU A 108 8.85 -3.01 12.78
N GLN A 109 9.48 -1.87 13.05
CA GLN A 109 10.69 -1.84 13.87
C GLN A 109 10.39 -2.26 15.31
N GLN A 110 9.26 -1.79 15.83
CA GLN A 110 8.86 -2.12 17.20
C GLN A 110 8.60 -3.62 17.33
N THR A 111 8.46 -4.30 16.21
CA THR A 111 8.20 -5.73 16.21
C THR A 111 9.49 -6.53 16.05
N TYR A 112 10.18 -6.32 14.93
CA TYR A 112 11.42 -7.02 14.66
C TYR A 112 12.62 -6.12 14.93
N GLY A 113 12.53 -4.86 14.50
CA GLY A 113 13.61 -3.92 14.72
C GLY A 113 14.39 -3.64 13.45
N SER A 114 13.69 -3.48 12.34
CA SER A 114 14.33 -3.22 11.06
C SER A 114 13.40 -2.44 10.13
N THR A 115 13.90 -2.13 8.94
CA THR A 115 13.11 -1.38 7.96
C THR A 115 13.55 -1.71 6.54
N LEU A 116 12.59 -1.74 5.62
CA LEU A 116 12.88 -2.04 4.22
C LEU A 116 13.98 -1.14 3.69
N LYS A 117 14.68 -1.62 2.66
CA LYS A 117 15.76 -0.85 2.05
C LYS A 117 15.39 -0.41 0.64
N VAL A 118 14.96 0.85 0.52
CA VAL A 118 14.57 1.40 -0.77
C VAL A 118 15.56 2.46 -1.24
N THR A 119 16.32 2.14 -2.28
CA THR A 119 17.31 3.07 -2.83
C THR A 119 16.63 4.30 -3.44
N LYS B 7 -14.60 10.51 0.53
CA LYS B 7 -14.60 9.44 -0.46
C LYS B 7 -13.20 8.88 -0.66
N SER B 8 -13.08 7.84 -1.48
CA SER B 8 -11.79 7.21 -1.76
C SER B 8 -11.91 6.24 -2.93
N PHE B 9 -10.81 6.06 -3.65
CA PHE B 9 -10.78 5.15 -4.79
C PHE B 9 -10.93 3.70 -4.34
N PHE B 10 -10.24 3.35 -3.27
CA PHE B 10 -10.28 1.98 -2.74
C PHE B 10 -11.71 1.62 -2.32
N ASP B 11 -12.50 2.65 -2.01
CA ASP B 11 -13.89 2.44 -1.59
C ASP B 11 -14.78 2.11 -2.79
N LYS B 12 -14.60 2.85 -3.88
CA LYS B 12 -15.38 2.64 -5.09
C LYS B 12 -14.87 1.43 -5.85
N LYS B 13 -13.64 1.03 -5.57
CA LYS B 13 -13.04 -0.13 -6.23
C LYS B 13 -13.43 -1.42 -5.54
N ARG B 14 -13.38 -1.42 -4.21
CA ARG B 14 -13.74 -2.60 -3.44
C ARG B 14 -15.16 -3.08 -3.78
N SER B 15 -15.98 -2.15 -4.25
CA SER B 15 -17.36 -2.48 -4.62
C SER B 15 -17.40 -3.27 -5.93
N GLU B 16 -16.38 -3.08 -6.75
CA GLU B 16 -16.31 -3.78 -8.03
C GLU B 16 -16.44 -5.29 -7.85
N ARG B 17 -15.56 -5.86 -7.03
CA ARG B 17 -15.57 -7.29 -6.77
C ARG B 17 -16.92 -7.72 -6.19
N ILE B 18 -17.55 -6.82 -5.44
CA ILE B 18 -18.85 -7.11 -4.84
C ILE B 18 -19.93 -7.25 -5.90
N SER B 19 -19.70 -6.64 -7.05
CA SER B 19 -20.66 -6.70 -8.16
C SER B 19 -20.05 -7.36 -9.38
N ASN B 20 -20.76 -7.31 -10.49
CA ASN B 20 -20.29 -7.92 -11.74
C ASN B 20 -19.00 -7.25 -12.21
N ALA A 23 -10.45 -10.96 8.82
CA ALA A 23 -9.48 -10.33 9.71
C ALA A 23 -8.05 -10.51 9.19
N ALA A 24 -7.90 -10.49 7.87
CA ALA A 24 -6.60 -10.65 7.25
C ALA A 24 -6.19 -9.39 6.50
N PRO A 25 -4.88 -9.26 6.24
CA PRO A 25 -4.32 -8.09 5.54
C PRO A 25 -4.72 -8.07 4.06
N ASN A 26 -5.83 -7.39 3.76
CA ASN A 26 -6.32 -7.30 2.39
C ASN A 26 -6.48 -5.84 1.98
N LEU A 27 -6.22 -5.56 0.70
CA LEU A 27 -6.34 -4.20 0.18
C LEU A 27 -7.63 -4.03 -0.62
N ALA A 28 -8.53 -3.21 -0.11
CA ALA A 28 -9.81 -2.96 -0.76
C ALA A 28 -10.56 -4.26 -1.01
N GLY A 29 -10.30 -5.26 -0.17
CA GLY A 29 -10.96 -6.54 -0.33
C GLY A 29 -10.14 -7.53 -1.12
N ALA A 30 -8.87 -7.20 -1.33
CA ALA A 30 -7.97 -8.07 -2.07
C ALA A 30 -7.01 -8.81 -1.14
N VAL A 31 -7.09 -10.13 -1.13
CA VAL A 31 -6.24 -10.95 -0.28
C VAL A 31 -5.00 -11.43 -1.04
N GLU A 32 -5.21 -11.81 -2.30
CA GLU A 32 -4.11 -12.29 -3.14
C GLU A 32 -3.16 -11.14 -3.49
N PHE A 33 -1.87 -11.42 -3.40
CA PHE A 33 -0.85 -10.41 -3.71
C PHE A 33 -1.06 -9.84 -5.11
N SER A 34 -1.20 -10.74 -6.09
CA SER A 34 -1.41 -10.33 -7.47
C SER A 34 -2.55 -9.32 -7.58
N ASP A 35 -3.59 -9.53 -6.78
CA ASP A 35 -4.75 -8.64 -6.79
C ASP A 35 -4.42 -7.32 -6.10
N VAL A 36 -3.50 -7.37 -5.14
CA VAL A 36 -3.10 -6.18 -4.40
C VAL A 36 -2.27 -5.25 -5.27
N LYS A 37 -1.16 -5.77 -5.80
CA LYS A 37 -0.28 -4.99 -6.65
C LYS A 37 -1.04 -4.42 -7.85
N THR A 38 -2.05 -5.14 -8.31
CA THR A 38 -2.86 -4.70 -9.44
C THR A 38 -3.68 -3.47 -9.08
N LEU A 39 -4.20 -3.45 -7.85
CA LEU A 39 -5.01 -2.33 -7.39
C LEU A 39 -4.15 -1.08 -7.19
N LEU A 40 -2.92 -1.28 -6.74
CA LEU A 40 -2.00 -0.17 -6.51
C LEU A 40 -1.51 0.41 -7.83
N LYS A 41 -1.12 -0.47 -8.75
CA LYS A 41 -0.63 -0.05 -10.06
C LYS A 41 -1.63 0.89 -10.73
N GLU A 42 -2.91 0.54 -10.65
CA GLU A 42 -3.96 1.36 -11.25
C GLU A 42 -4.26 2.59 -10.39
N TRP A 43 -4.30 2.40 -9.08
CA TRP A 43 -4.57 3.49 -8.16
C TRP A 43 -3.46 4.55 -8.24
N ILE A 44 -2.34 4.19 -8.84
CA ILE A 44 -1.22 5.10 -8.99
C ILE A 44 -1.16 5.69 -10.40
N THR A 45 -1.90 5.08 -11.31
CA THR A 45 -1.94 5.53 -12.70
C THR A 45 -3.21 6.30 -13.00
N THR A 46 -4.36 5.67 -12.75
CA THR A 46 -5.64 6.29 -12.99
C THR A 46 -5.86 7.49 -12.07
N ILE A 47 -5.05 7.57 -11.03
CA ILE A 47 -5.15 8.67 -10.07
C ILE A 47 -3.79 9.35 -9.88
N SER A 48 -3.78 10.69 -9.98
CA SER A 48 -2.55 11.45 -9.82
C SER A 48 -2.56 12.20 -8.49
N ASP A 49 -3.75 12.55 -8.02
CA ASP A 49 -3.89 13.27 -6.75
C ASP A 49 -4.54 12.39 -5.69
N PRO A 50 -3.72 11.53 -5.06
CA PRO A 50 -4.19 10.61 -4.01
C PRO A 50 -4.58 11.35 -2.73
N MET A 51 -5.69 10.92 -2.13
CA MET A 51 -6.17 11.54 -0.90
C MET A 51 -5.50 10.91 0.31
N GLU A 52 -5.48 11.64 1.43
CA GLU A 52 -4.86 11.16 2.66
C GLU A 52 -5.52 9.86 3.11
N GLU A 53 -6.84 9.80 2.98
CA GLU A 53 -7.59 8.61 3.38
C GLU A 53 -7.22 7.41 2.50
N ASP A 54 -7.19 7.63 1.20
CA ASP A 54 -6.84 6.58 0.26
C ASP A 54 -5.47 5.99 0.56
N ILE A 55 -4.47 6.86 0.72
CA ILE A 55 -3.11 6.43 1.02
C ILE A 55 -3.04 5.76 2.38
N LEU A 56 -3.90 6.19 3.31
CA LEU A 56 -3.93 5.63 4.65
C LEU A 56 -4.33 4.16 4.61
N GLN A 57 -5.27 3.82 3.74
CA GLN A 57 -5.73 2.44 3.61
C GLN A 57 -4.56 1.51 3.36
N VAL A 58 -3.53 2.00 2.67
CA VAL A 58 -2.36 1.20 2.36
C VAL A 58 -1.52 0.95 3.62
N VAL A 59 -1.50 1.93 4.51
CA VAL A 59 -0.75 1.81 5.76
C VAL A 59 -1.28 0.66 6.61
N ARG A 60 -2.58 0.66 6.84
CA ARG A 60 -3.21 -0.37 7.65
C ARG A 60 -2.96 -1.75 7.04
N TYR A 61 -2.74 -1.79 5.74
CA TYR A 61 -2.49 -3.04 5.04
C TYR A 61 -1.09 -3.56 5.33
N CYS A 62 -0.10 -2.71 5.12
CA CYS A 62 1.29 -3.08 5.35
C CYS A 62 1.56 -3.29 6.84
N THR A 63 1.08 -2.36 7.66
CA THR A 63 1.25 -2.44 9.10
C THR A 63 0.74 -3.76 9.65
N ASP A 64 -0.23 -4.35 8.94
CA ASP A 64 -0.81 -5.62 9.37
C ASP A 64 0.16 -6.76 9.11
N LEU A 65 0.87 -6.70 7.99
CA LEU A 65 1.83 -7.74 7.63
C LEU A 65 2.84 -7.96 8.74
N ILE A 66 3.15 -6.90 9.48
CA ILE A 66 4.09 -6.97 10.58
C ILE A 66 3.56 -7.86 11.70
N GLU A 67 2.30 -7.65 12.07
CA GLU A 67 1.67 -8.44 13.12
C GLU A 67 1.35 -9.85 12.63
N GLU A 68 1.00 -9.97 11.36
CA GLU A 68 0.67 -11.26 10.77
C GLU A 68 1.92 -12.02 10.37
N LYS A 69 3.07 -11.32 10.41
CA LYS A 69 4.34 -11.92 10.05
C LYS A 69 4.36 -12.30 8.57
N ASP A 70 3.80 -11.45 7.73
CA ASP A 70 3.76 -11.69 6.29
C ASP A 70 4.66 -10.71 5.54
N LEU A 71 5.79 -10.38 6.15
CA LEU A 71 6.74 -9.45 5.55
C LEU A 71 7.11 -9.89 4.14
N GLU A 72 6.96 -11.19 3.87
CA GLU A 72 7.29 -11.73 2.56
C GLU A 72 6.64 -10.92 1.45
N LYS A 73 5.34 -10.67 1.59
CA LYS A 73 4.59 -9.90 0.61
C LYS A 73 4.84 -8.41 0.77
N LEU A 74 5.26 -8.01 1.97
CA LEU A 74 5.55 -6.61 2.25
C LEU A 74 6.61 -6.07 1.29
N ASP A 75 7.75 -6.72 1.25
CA ASP A 75 8.84 -6.30 0.37
C ASP A 75 8.39 -6.29 -1.09
N LEU A 76 7.40 -7.13 -1.40
CA LEU A 76 6.88 -7.23 -2.76
C LEU A 76 5.97 -6.05 -3.07
N VAL A 77 5.03 -5.78 -2.17
CA VAL A 77 4.09 -4.68 -2.35
C VAL A 77 4.80 -3.33 -2.25
N ILE A 78 5.76 -3.24 -1.33
CA ILE A 78 6.51 -2.01 -1.14
C ILE A 78 7.38 -1.70 -2.34
N LYS A 79 8.20 -2.67 -2.75
CA LYS A 79 9.09 -2.51 -3.89
C LYS A 79 8.27 -2.31 -5.18
N TYR A 80 7.06 -2.83 -5.19
CA TYR A 80 6.19 -2.73 -6.35
C TYR A 80 5.51 -1.36 -6.40
N MET A 81 5.03 -0.90 -5.24
CA MET A 81 4.36 0.40 -5.15
C MET A 81 5.37 1.53 -5.23
N LYS A 82 6.57 1.29 -4.72
CA LYS A 82 7.62 2.30 -4.73
C LYS A 82 8.15 2.52 -6.14
N ARG A 83 8.14 1.45 -6.94
CA ARG A 83 8.63 1.53 -8.31
C ARG A 83 7.65 2.32 -9.18
N LEU A 84 6.38 2.30 -8.82
CA LEU A 84 5.36 3.02 -9.57
C LEU A 84 5.31 4.48 -9.15
N MET A 85 5.18 4.73 -7.86
CA MET A 85 5.13 6.10 -7.33
C MET A 85 6.38 6.87 -7.74
N GLN A 86 7.49 6.17 -7.90
CA GLN A 86 8.75 6.79 -8.29
C GLN A 86 8.77 7.10 -9.77
N GLN A 87 8.44 6.11 -10.59
CA GLN A 87 8.43 6.29 -12.04
C GLN A 87 7.26 7.17 -12.47
N SER A 88 6.36 7.45 -11.53
CA SER A 88 5.21 8.29 -11.81
C SER A 88 5.63 9.63 -12.38
N VAL A 89 4.65 10.46 -12.74
CA VAL A 89 4.93 11.78 -13.30
C VAL A 89 4.78 12.86 -12.24
N GLU A 90 3.89 12.64 -11.27
CA GLU A 90 3.66 13.61 -10.20
C GLU A 90 4.68 13.42 -9.08
N SER A 91 5.27 14.52 -8.65
CA SER A 91 6.28 14.48 -7.58
C SER A 91 5.62 14.18 -6.24
N VAL A 92 4.34 14.51 -6.12
CA VAL A 92 3.60 14.28 -4.88
C VAL A 92 3.55 12.79 -4.56
N TRP A 93 3.68 11.95 -5.58
CA TRP A 93 3.65 10.51 -5.40
C TRP A 93 4.86 10.03 -4.60
N ASN A 94 5.99 10.70 -4.81
CA ASN A 94 7.22 10.34 -4.11
C ASN A 94 7.03 10.41 -2.60
N MET A 95 6.33 11.44 -2.14
CA MET A 95 6.07 11.62 -0.72
C MET A 95 5.04 10.61 -0.21
N ALA A 96 4.08 10.26 -1.08
CA ALA A 96 3.05 9.31 -0.72
C ALA A 96 3.66 8.00 -0.20
N PHE A 97 4.67 7.51 -0.92
CA PHE A 97 5.33 6.27 -0.53
C PHE A 97 5.98 6.40 0.85
N ASP A 98 6.55 7.58 1.11
CA ASP A 98 7.20 7.83 2.40
C ASP A 98 6.17 7.91 3.52
N PHE A 99 4.99 8.43 3.20
CA PHE A 99 3.92 8.56 4.18
C PHE A 99 3.56 7.19 4.78
N ILE A 100 3.36 6.21 3.90
CA ILE A 100 3.00 4.87 4.33
C ILE A 100 4.12 4.24 5.15
N LEU A 101 5.36 4.44 4.70
CA LEU A 101 6.52 3.90 5.39
C LEU A 101 6.71 4.56 6.75
N ASP A 102 6.35 5.84 6.84
CA ASP A 102 6.48 6.60 8.07
C ASP A 102 5.63 5.97 9.18
N ASN A 103 4.54 5.34 8.78
CA ASN A 103 3.63 4.69 9.73
C ASN A 103 3.91 3.20 9.82
N VAL A 104 4.27 2.60 8.70
CA VAL A 104 4.57 1.17 8.64
C VAL A 104 5.93 0.87 9.26
N GLN A 105 6.98 1.45 8.66
CA GLN A 105 8.34 1.23 9.15
C GLN A 105 8.42 1.46 10.65
N VAL A 106 7.55 2.33 11.16
CA VAL A 106 7.53 2.63 12.59
C VAL A 106 7.02 1.44 13.39
N VAL A 107 5.84 0.95 13.05
CA VAL A 107 5.24 -0.18 13.74
C VAL A 107 6.05 -1.46 13.49
N LEU A 108 6.76 -1.49 12.37
CA LEU A 108 7.58 -2.65 12.03
C LEU A 108 8.83 -2.71 12.88
N GLN A 109 9.43 -1.55 13.14
CA GLN A 109 10.65 -1.47 13.94
C GLN A 109 10.36 -1.87 15.39
N GLN A 110 9.22 -1.42 15.91
CA GLN A 110 8.84 -1.73 17.28
C GLN A 110 8.60 -3.23 17.45
N THR A 111 8.48 -3.94 16.33
CA THR A 111 8.26 -5.38 16.37
C THR A 111 9.56 -6.14 16.23
N TYR A 112 10.26 -5.92 15.11
CA TYR A 112 11.53 -6.59 14.87
C TYR A 112 12.71 -5.64 15.08
N GLY A 113 12.56 -4.40 14.60
CA GLY A 113 13.61 -3.42 14.76
C GLY A 113 14.27 -3.07 13.44
N SER A 114 14.02 -3.88 12.42
CA SER A 114 14.61 -3.66 11.10
C SER A 114 13.65 -2.88 10.21
N THR A 115 14.01 -2.74 8.94
CA THR A 115 13.19 -2.01 7.99
C THR A 115 13.40 -2.53 6.57
N LEU A 116 12.73 -1.91 5.60
CA LEU A 116 12.85 -2.30 4.20
C LEU A 116 13.97 -1.53 3.52
N LYS A 117 14.50 -2.11 2.45
CA LYS A 117 15.58 -1.48 1.69
C LYS A 117 15.05 -0.85 0.41
N VAL A 118 14.76 0.45 0.47
CA VAL A 118 14.25 1.17 -0.69
C VAL A 118 15.20 2.29 -1.09
N THR A 119 16.11 1.99 -2.02
CA THR A 119 17.08 2.97 -2.49
C THR A 119 16.38 4.18 -3.09
N LYS B 7 -15.29 8.84 1.06
CA LYS B 7 -14.75 9.20 -0.24
C LYS B 7 -13.34 8.66 -0.41
N SER B 8 -13.17 7.75 -1.37
CA SER B 8 -11.87 7.14 -1.63
C SER B 8 -11.95 6.16 -2.79
N PHE B 9 -10.92 6.15 -3.62
CA PHE B 9 -10.87 5.25 -4.78
C PHE B 9 -11.04 3.80 -4.34
N PHE B 10 -10.29 3.41 -3.32
CA PHE B 10 -10.36 2.05 -2.79
C PHE B 10 -11.75 1.72 -2.28
N ASP B 11 -12.46 2.75 -1.83
CA ASP B 11 -13.81 2.58 -1.30
C ASP B 11 -14.80 2.30 -2.43
N LYS B 12 -14.67 3.04 -3.53
CA LYS B 12 -15.55 2.88 -4.68
C LYS B 12 -15.15 1.64 -5.49
N LYS B 13 -13.90 1.21 -5.34
CA LYS B 13 -13.40 0.05 -6.06
C LYS B 13 -13.70 -1.24 -5.28
N ARG B 14 -13.36 -1.24 -4.00
CA ARG B 14 -13.58 -2.41 -3.15
C ARG B 14 -15.05 -2.85 -3.22
N SER B 15 -15.94 -1.88 -3.37
CA SER B 15 -17.37 -2.17 -3.45
C SER B 15 -17.66 -3.17 -4.56
N GLU B 16 -17.23 -2.84 -5.77
CA GLU B 16 -17.46 -3.71 -6.93
C GLU B 16 -16.74 -5.05 -6.74
N ARG B 17 -15.62 -5.01 -6.02
CA ARG B 17 -14.84 -6.22 -5.77
C ARG B 17 -15.59 -7.18 -4.86
N ILE B 18 -16.23 -6.63 -3.83
CA ILE B 18 -16.99 -7.44 -2.88
C ILE B 18 -18.07 -8.25 -3.60
N SER B 19 -18.61 -7.69 -4.66
CA SER B 19 -19.66 -8.36 -5.43
C SER B 19 -19.05 -9.35 -6.41
N ASN B 20 -19.75 -10.47 -6.62
CA ASN B 20 -19.27 -11.50 -7.53
C ASN B 20 -19.39 -11.04 -8.98
N ALA A 23 -10.62 -9.91 9.36
CA ALA A 23 -9.57 -9.55 10.30
C ALA A 23 -8.19 -9.90 9.74
N ALA A 24 -8.07 -9.87 8.42
CA ALA A 24 -6.81 -10.19 7.76
C ALA A 24 -6.32 -9.00 6.93
N PRO A 25 -5.01 -9.00 6.62
CA PRO A 25 -4.38 -7.94 5.84
C PRO A 25 -4.83 -7.95 4.38
N ASN A 26 -5.98 -7.33 4.11
CA ASN A 26 -6.51 -7.28 2.76
C ASN A 26 -6.68 -5.83 2.30
N LEU A 27 -6.28 -5.57 1.07
CA LEU A 27 -6.37 -4.23 0.50
C LEU A 27 -7.53 -4.13 -0.48
N ALA A 28 -8.50 -3.27 -0.15
CA ALA A 28 -9.67 -3.08 -0.99
C ALA A 28 -10.36 -4.41 -1.29
N GLY A 29 -10.35 -5.31 -0.32
CA GLY A 29 -10.98 -6.61 -0.50
C GLY A 29 -10.08 -7.58 -1.21
N ALA A 30 -8.80 -7.24 -1.33
CA ALA A 30 -7.82 -8.10 -2.00
C ALA A 30 -6.86 -8.72 -0.99
N VAL A 31 -6.94 -10.04 -0.85
CA VAL A 31 -6.08 -10.76 0.08
C VAL A 31 -4.82 -11.26 -0.62
N GLU A 32 -4.98 -11.74 -1.85
CA GLU A 32 -3.85 -12.24 -2.62
C GLU A 32 -2.93 -11.11 -3.05
N PHE A 33 -1.63 -11.31 -2.90
CA PHE A 33 -0.64 -10.31 -3.26
C PHE A 33 -0.85 -9.83 -4.70
N SER A 34 -0.91 -10.80 -5.63
CA SER A 34 -1.10 -10.47 -7.03
C SER A 34 -2.30 -9.54 -7.23
N ASP A 35 -3.29 -9.69 -6.36
CA ASP A 35 -4.49 -8.87 -6.43
C ASP A 35 -4.25 -7.49 -5.80
N VAL A 36 -3.44 -7.48 -4.74
CA VAL A 36 -3.13 -6.24 -4.04
C VAL A 36 -2.34 -5.30 -4.93
N LYS A 37 -1.20 -5.76 -5.42
CA LYS A 37 -0.35 -4.95 -6.29
C LYS A 37 -1.15 -4.40 -7.47
N THR A 38 -2.16 -5.16 -7.89
CA THR A 38 -3.00 -4.74 -9.01
C THR A 38 -3.74 -3.45 -8.70
N LEU A 39 -4.21 -3.32 -7.46
CA LEU A 39 -4.93 -2.13 -7.03
C LEU A 39 -4.00 -0.92 -6.97
N LEU A 40 -2.78 -1.14 -6.52
CA LEU A 40 -1.80 -0.07 -6.41
C LEU A 40 -1.37 0.42 -7.79
N LYS A 41 -1.08 -0.53 -8.68
CA LYS A 41 -0.66 -0.19 -10.05
C LYS A 41 -1.68 0.74 -10.71
N GLU A 42 -2.95 0.42 -10.56
CA GLU A 42 -4.02 1.23 -11.14
C GLU A 42 -4.24 2.50 -10.32
N TRP A 43 -4.19 2.35 -9.00
CA TRP A 43 -4.41 3.48 -8.10
C TRP A 43 -3.30 4.53 -8.28
N ILE A 44 -2.23 4.15 -8.96
CA ILE A 44 -1.11 5.05 -9.20
C ILE A 44 -1.13 5.56 -10.64
N THR A 45 -1.93 4.92 -11.48
CA THR A 45 -2.02 5.31 -12.88
C THR A 45 -3.30 6.10 -13.15
N THR A 46 -4.45 5.50 -12.79
CA THR A 46 -5.74 6.15 -12.99
C THR A 46 -5.91 7.32 -12.05
N ILE A 47 -5.11 7.35 -10.98
CA ILE A 47 -5.18 8.43 -10.00
C ILE A 47 -3.81 9.05 -9.77
N SER A 48 -3.73 10.36 -9.93
CA SER A 48 -2.47 11.08 -9.75
C SER A 48 -2.49 11.89 -8.45
N ASP A 49 -3.69 12.23 -7.99
CA ASP A 49 -3.85 13.00 -6.76
C ASP A 49 -4.65 12.21 -5.73
N PRO A 50 -3.95 11.31 -5.01
CA PRO A 50 -4.58 10.48 -3.98
C PRO A 50 -5.00 11.28 -2.75
N MET A 51 -5.99 10.78 -2.03
CA MET A 51 -6.49 11.45 -0.84
C MET A 51 -5.77 10.93 0.41
N GLU A 52 -5.72 11.76 1.44
CA GLU A 52 -5.07 11.38 2.70
C GLU A 52 -5.59 10.03 3.19
N GLU A 53 -6.89 9.81 3.05
CA GLU A 53 -7.50 8.57 3.49
C GLU A 53 -7.05 7.40 2.61
N ASP A 54 -7.04 7.62 1.30
CA ASP A 54 -6.63 6.59 0.35
C ASP A 54 -5.23 6.08 0.68
N ILE A 55 -4.28 6.99 0.85
CA ILE A 55 -2.91 6.63 1.17
C ILE A 55 -2.84 5.94 2.53
N LEU A 56 -3.73 6.30 3.43
CA LEU A 56 -3.77 5.71 4.76
C LEU A 56 -4.16 4.24 4.69
N GLN A 57 -5.08 3.92 3.79
CA GLN A 57 -5.54 2.55 3.62
C GLN A 57 -4.37 1.60 3.39
N VAL A 58 -3.34 2.10 2.73
CA VAL A 58 -2.15 1.29 2.45
C VAL A 58 -1.35 1.03 3.71
N VAL A 59 -1.34 2.02 4.61
CA VAL A 59 -0.61 1.90 5.86
C VAL A 59 -1.19 0.78 6.73
N ARG A 60 -2.50 0.77 6.87
CA ARG A 60 -3.18 -0.24 7.67
C ARG A 60 -2.95 -1.64 7.09
N TYR A 61 -2.78 -1.71 5.78
CA TYR A 61 -2.55 -2.98 5.10
C TYR A 61 -1.15 -3.50 5.39
N CYS A 62 -0.15 -2.65 5.20
CA CYS A 62 1.24 -3.02 5.44
C CYS A 62 1.48 -3.27 6.93
N THR A 63 1.01 -2.34 7.75
CA THR A 63 1.19 -2.45 9.20
C THR A 63 0.67 -3.78 9.72
N ASP A 64 -0.32 -4.34 9.01
CA ASP A 64 -0.91 -5.61 9.41
C ASP A 64 0.04 -6.77 9.09
N LEU A 65 0.73 -6.66 7.96
CA LEU A 65 1.67 -7.70 7.54
C LEU A 65 2.68 -7.99 8.65
N ILE A 66 3.00 -6.97 9.43
CA ILE A 66 3.96 -7.12 10.53
C ILE A 66 3.41 -8.03 11.61
N GLU A 67 2.18 -7.76 12.04
CA GLU A 67 1.54 -8.56 13.08
C GLU A 67 1.12 -9.93 12.54
N GLU A 68 0.88 -9.99 11.23
CA GLU A 68 0.47 -11.23 10.59
C GLU A 68 1.68 -12.04 10.14
N LYS A 69 2.85 -11.41 10.19
CA LYS A 69 4.09 -12.06 9.78
C LYS A 69 4.05 -12.41 8.30
N ASP A 70 3.58 -11.48 7.48
CA ASP A 70 3.50 -11.69 6.04
C ASP A 70 4.42 -10.72 5.30
N LEU A 71 5.57 -10.43 5.90
CA LEU A 71 6.54 -9.53 5.29
C LEU A 71 6.96 -10.01 3.91
N GLU A 72 6.71 -11.29 3.64
CA GLU A 72 7.06 -11.87 2.36
C GLU A 72 6.55 -11.02 1.21
N LYS A 73 5.25 -10.74 1.22
CA LYS A 73 4.63 -9.93 0.17
C LYS A 73 4.91 -8.45 0.41
N LEU A 74 5.19 -8.09 1.66
CA LEU A 74 5.48 -6.70 2.02
C LEU A 74 6.58 -6.13 1.13
N ASP A 75 7.75 -6.77 1.17
CA ASP A 75 8.89 -6.32 0.38
C ASP A 75 8.53 -6.30 -1.11
N LEU A 76 7.58 -7.13 -1.50
CA LEU A 76 7.15 -7.20 -2.90
C LEU A 76 6.26 -6.02 -3.25
N VAL A 77 5.34 -5.69 -2.34
CA VAL A 77 4.42 -4.57 -2.56
C VAL A 77 5.16 -3.23 -2.48
N ILE A 78 6.03 -3.10 -1.49
CA ILE A 78 6.80 -1.88 -1.29
C ILE A 78 7.58 -1.52 -2.55
N LYS A 79 8.43 -2.43 -2.99
CA LYS A 79 9.24 -2.22 -4.19
C LYS A 79 8.36 -2.07 -5.42
N TYR A 80 7.26 -2.81 -5.46
CA TYR A 80 6.34 -2.75 -6.58
C TYR A 80 5.72 -1.36 -6.71
N MET A 81 5.20 -0.86 -5.61
CA MET A 81 4.57 0.46 -5.59
C MET A 81 5.61 1.56 -5.79
N LYS A 82 6.86 1.27 -5.41
CA LYS A 82 7.94 2.22 -5.56
C LYS A 82 8.20 2.53 -7.03
N ARG A 83 8.51 1.50 -7.81
CA ARG A 83 8.78 1.67 -9.23
C ARG A 83 7.64 2.43 -9.91
N LEU A 84 6.44 2.32 -9.36
CA LEU A 84 5.27 2.99 -9.91
C LEU A 84 5.22 4.45 -9.45
N MET A 85 5.27 4.64 -8.14
CA MET A 85 5.22 5.98 -7.56
C MET A 85 6.38 6.83 -8.08
N GLN A 86 7.49 6.17 -8.39
CA GLN A 86 8.68 6.86 -8.89
C GLN A 86 8.53 7.20 -10.36
N GLN A 87 8.23 6.17 -11.17
CA GLN A 87 8.07 6.36 -12.60
C GLN A 87 6.84 7.23 -12.91
N SER A 88 5.98 7.39 -11.91
CA SER A 88 4.77 8.18 -12.07
C SER A 88 5.10 9.58 -12.59
N VAL A 89 4.07 10.34 -12.92
CA VAL A 89 4.25 11.70 -13.43
C VAL A 89 4.11 12.73 -12.31
N GLU A 90 3.26 12.43 -11.34
CA GLU A 90 3.04 13.34 -10.22
C GLU A 90 4.08 13.10 -9.12
N SER A 91 4.95 14.08 -8.91
CA SER A 91 5.99 13.98 -7.89
C SER A 91 5.39 13.73 -6.52
N VAL A 92 4.14 14.15 -6.34
CA VAL A 92 3.44 13.96 -5.07
C VAL A 92 3.45 12.50 -4.65
N TRP A 93 3.54 11.61 -5.61
CA TRP A 93 3.56 10.18 -5.34
C TRP A 93 4.81 9.79 -4.54
N ASN A 94 5.93 10.43 -4.87
CA ASN A 94 7.19 10.16 -4.19
C ASN A 94 7.04 10.35 -2.68
N MET A 95 6.30 11.38 -2.30
CA MET A 95 6.08 11.67 -0.88
C MET A 95 5.14 10.64 -0.25
N ALA A 96 4.13 10.24 -1.01
CA ALA A 96 3.16 9.26 -0.52
C ALA A 96 3.86 8.00 -0.02
N PHE A 97 4.85 7.54 -0.77
CA PHE A 97 5.60 6.34 -0.40
C PHE A 97 6.21 6.49 0.98
N ASP A 98 6.90 7.61 1.21
CA ASP A 98 7.53 7.88 2.50
C ASP A 98 6.49 7.97 3.61
N PHE A 99 5.34 8.55 3.27
CA PHE A 99 4.26 8.70 4.25
C PHE A 99 3.81 7.34 4.79
N ILE A 100 3.62 6.38 3.88
CA ILE A 100 3.19 5.05 4.28
C ILE A 100 4.28 4.34 5.07
N LEU A 101 5.54 4.54 4.66
CA LEU A 101 6.67 3.91 5.34
C LEU A 101 6.88 4.51 6.72
N ASP A 102 6.60 5.80 6.84
CA ASP A 102 6.76 6.50 8.12
C ASP A 102 5.87 5.88 9.20
N ASN A 103 4.77 5.26 8.76
CA ASN A 103 3.84 4.62 9.69
C ASN A 103 4.10 3.12 9.77
N VAL A 104 4.38 2.51 8.63
CA VAL A 104 4.66 1.07 8.58
C VAL A 104 6.02 0.75 9.20
N GLN A 105 7.07 1.35 8.65
CA GLN A 105 8.42 1.12 9.15
C GLN A 105 8.47 1.29 10.67
N VAL A 106 7.60 2.13 11.19
CA VAL A 106 7.54 2.39 12.63
C VAL A 106 6.98 1.18 13.37
N VAL A 107 5.78 0.76 13.00
CA VAL A 107 5.13 -0.38 13.63
C VAL A 107 5.91 -1.66 13.37
N LEU A 108 6.66 -1.69 12.27
CA LEU A 108 7.45 -2.85 11.91
C LEU A 108 8.69 -2.97 12.80
N GLN A 109 9.29 -1.83 13.11
CA GLN A 109 10.48 -1.81 13.95
C GLN A 109 10.15 -2.23 15.38
N GLN A 110 9.01 -1.77 15.88
CA GLN A 110 8.58 -2.11 17.23
C GLN A 110 8.31 -3.60 17.36
N THR A 111 8.21 -4.29 16.22
CA THR A 111 7.96 -5.72 16.22
C THR A 111 9.25 -6.50 16.09
N TYR A 112 9.97 -6.29 14.98
CA TYR A 112 11.23 -6.97 14.74
C TYR A 112 12.41 -6.06 15.03
N GLY A 113 12.31 -4.80 14.60
CA GLY A 113 13.38 -3.85 14.84
C GLY A 113 14.08 -3.45 13.56
N SER A 114 13.85 -4.21 12.49
CA SER A 114 14.48 -3.92 11.20
C SER A 114 13.56 -3.07 10.33
N THR A 115 13.98 -2.82 9.10
CA THR A 115 13.20 -2.01 8.16
C THR A 115 13.50 -2.40 6.72
N LEU A 116 12.88 -1.69 5.79
CA LEU A 116 13.07 -1.97 4.37
C LEU A 116 14.10 -1.01 3.77
N LYS A 117 14.89 -1.51 2.82
CA LYS A 117 15.91 -0.69 2.17
C LYS A 117 15.32 0.06 0.98
N VAL A 118 14.97 1.33 1.21
CA VAL A 118 14.40 2.16 0.16
C VAL A 118 15.30 3.35 -0.15
N THR A 119 15.96 3.30 -1.31
CA THR A 119 16.84 4.37 -1.72
C THR A 119 16.09 5.68 -1.93
N LYS B 7 -13.85 10.88 -1.98
CA LYS B 7 -13.82 9.64 -1.21
C LYS B 7 -12.57 8.83 -1.54
N SER B 8 -12.42 7.69 -0.86
CA SER B 8 -11.27 6.83 -1.09
C SER B 8 -11.51 5.89 -2.28
N PHE B 9 -10.63 5.97 -3.28
CA PHE B 9 -10.76 5.13 -4.45
C PHE B 9 -10.90 3.66 -4.09
N PHE B 10 -10.06 3.21 -3.14
CA PHE B 10 -10.10 1.83 -2.70
C PHE B 10 -11.46 1.47 -2.11
N ASP B 11 -12.15 2.49 -1.58
CA ASP B 11 -13.47 2.29 -0.99
C ASP B 11 -14.51 2.05 -2.07
N LYS B 12 -14.46 2.84 -3.13
CA LYS B 12 -15.41 2.73 -4.24
C LYS B 12 -15.04 1.56 -5.14
N LYS B 13 -13.79 1.10 -5.04
CA LYS B 13 -13.31 0.00 -5.84
C LYS B 13 -13.53 -1.34 -5.13
N ARG B 14 -13.26 -1.35 -3.83
CA ARG B 14 -13.44 -2.56 -3.03
C ARG B 14 -14.89 -3.01 -3.02
N SER B 15 -15.80 -2.07 -3.25
CA SER B 15 -17.23 -2.36 -3.27
C SER B 15 -17.64 -2.99 -4.60
N GLU B 16 -17.34 -2.30 -5.69
CA GLU B 16 -17.67 -2.78 -7.02
C GLU B 16 -17.11 -4.20 -7.24
N ARG B 17 -15.86 -4.40 -6.86
CA ARG B 17 -15.21 -5.70 -7.01
C ARG B 17 -16.07 -6.80 -6.40
N ILE B 18 -16.83 -6.45 -5.37
CA ILE B 18 -17.69 -7.41 -4.69
C ILE B 18 -18.96 -7.68 -5.50
N SER B 19 -19.46 -6.64 -6.16
CA SER B 19 -20.66 -6.77 -6.97
C SER B 19 -20.32 -7.07 -8.43
N ASN B 20 -19.46 -8.07 -8.63
CA ASN B 20 -19.05 -8.46 -9.98
C ASN B 20 -20.12 -9.31 -10.65
N ALA A 23 -10.25 -10.78 9.14
CA ALA A 23 -9.28 -9.97 9.88
C ALA A 23 -7.88 -10.12 9.30
N ALA A 24 -7.80 -10.34 7.99
CA ALA A 24 -6.52 -10.50 7.32
C ALA A 24 -6.14 -9.24 6.55
N PRO A 25 -4.84 -9.11 6.25
CA PRO A 25 -4.32 -7.95 5.51
C PRO A 25 -4.77 -7.95 4.05
N ASN A 26 -5.86 -7.25 3.76
CA ASN A 26 -6.39 -7.16 2.41
C ASN A 26 -6.52 -5.71 1.96
N LEU A 27 -6.23 -5.45 0.69
CA LEU A 27 -6.31 -4.11 0.14
C LEU A 27 -7.58 -3.95 -0.68
N ALA A 28 -8.50 -3.10 -0.21
CA ALA A 28 -9.74 -2.86 -0.90
C ALA A 28 -10.50 -4.16 -1.15
N GLY A 29 -10.27 -5.14 -0.29
CA GLY A 29 -10.95 -6.42 -0.43
C GLY A 29 -10.12 -7.43 -1.19
N ALA A 30 -8.84 -7.12 -1.38
CA ALA A 30 -7.94 -8.00 -2.10
C ALA A 30 -6.99 -8.73 -1.15
N VAL A 31 -7.09 -10.05 -1.13
CA VAL A 31 -6.24 -10.86 -0.26
C VAL A 31 -4.98 -11.33 -0.99
N GLU A 32 -5.16 -11.80 -2.22
CA GLU A 32 -4.05 -12.28 -3.03
C GLU A 32 -3.10 -11.14 -3.38
N PHE A 33 -1.81 -11.42 -3.33
CA PHE A 33 -0.79 -10.42 -3.65
C PHE A 33 -0.99 -9.86 -5.05
N SER A 34 -1.12 -10.75 -6.02
CA SER A 34 -1.31 -10.36 -7.41
C SER A 34 -2.47 -9.36 -7.53
N ASP A 35 -3.51 -9.56 -6.73
CA ASP A 35 -4.68 -8.70 -6.75
C ASP A 35 -4.37 -7.37 -6.06
N VAL A 36 -3.46 -7.41 -5.10
CA VAL A 36 -3.07 -6.21 -4.36
C VAL A 36 -2.24 -5.27 -5.24
N LYS A 37 -1.14 -5.79 -5.76
CA LYS A 37 -0.26 -5.00 -6.61
C LYS A 37 -1.02 -4.44 -7.81
N THR A 38 -2.02 -5.18 -8.26
CA THR A 38 -2.83 -4.76 -9.41
C THR A 38 -3.66 -3.51 -9.07
N LEU A 39 -4.20 -3.49 -7.86
CA LEU A 39 -5.01 -2.36 -7.41
C LEU A 39 -4.15 -1.12 -7.21
N LEU A 40 -2.92 -1.33 -6.75
CA LEU A 40 -1.99 -0.22 -6.52
C LEU A 40 -1.50 0.37 -7.83
N LYS A 41 -1.09 -0.50 -8.75
CA LYS A 41 -0.60 -0.07 -10.06
C LYS A 41 -1.61 0.86 -10.73
N GLU A 42 -2.89 0.50 -10.64
CA GLU A 42 -3.95 1.30 -11.25
C GLU A 42 -4.26 2.53 -10.40
N TRP A 43 -4.30 2.34 -9.09
CA TRP A 43 -4.58 3.43 -8.16
C TRP A 43 -3.49 4.50 -8.23
N ILE A 44 -2.35 4.14 -8.82
CA ILE A 44 -1.25 5.07 -8.96
C ILE A 44 -1.18 5.66 -10.37
N THR A 45 -1.93 5.06 -11.29
CA THR A 45 -1.96 5.52 -12.67
C THR A 45 -3.25 6.28 -12.97
N THR A 46 -4.38 5.64 -12.72
CA THR A 46 -5.68 6.26 -12.97
C THR A 46 -5.90 7.43 -12.03
N ILE A 47 -5.12 7.50 -10.96
CA ILE A 47 -5.23 8.58 -9.99
C ILE A 47 -3.89 9.24 -9.74
N SER A 48 -3.85 10.57 -9.88
CA SER A 48 -2.62 11.33 -9.67
C SER A 48 -2.67 12.10 -8.36
N ASP A 49 -3.88 12.39 -7.90
CA ASP A 49 -4.07 13.13 -6.65
C ASP A 49 -4.78 12.26 -5.61
N PRO A 50 -4.01 11.40 -4.94
CA PRO A 50 -4.55 10.50 -3.91
C PRO A 50 -4.98 11.25 -2.65
N MET A 51 -6.01 10.74 -1.99
CA MET A 51 -6.52 11.36 -0.77
C MET A 51 -5.85 10.75 0.46
N GLU A 52 -5.82 11.53 1.55
CA GLU A 52 -5.22 11.07 2.79
C GLU A 52 -5.79 9.72 3.21
N GLU A 53 -7.09 9.55 3.02
CA GLU A 53 -7.76 8.31 3.39
C GLU A 53 -7.29 7.16 2.51
N ASP A 54 -7.21 7.42 1.20
CA ASP A 54 -6.78 6.40 0.25
C ASP A 54 -5.38 5.88 0.62
N ILE A 55 -4.46 6.80 0.86
CA ILE A 55 -3.09 6.42 1.22
C ILE A 55 -3.05 5.73 2.57
N LEU A 56 -3.98 6.09 3.45
CA LEU A 56 -4.05 5.50 4.79
C LEU A 56 -4.36 4.01 4.70
N GLN A 57 -5.26 3.65 3.80
CA GLN A 57 -5.64 2.25 3.61
C GLN A 57 -4.41 1.38 3.36
N VAL A 58 -3.41 1.96 2.70
CA VAL A 58 -2.18 1.24 2.40
C VAL A 58 -1.36 1.00 3.66
N VAL A 59 -1.40 1.95 4.58
CA VAL A 59 -0.66 1.85 5.83
C VAL A 59 -1.19 0.71 6.69
N ARG A 60 -2.51 0.70 6.91
CA ARG A 60 -3.14 -0.34 7.71
C ARG A 60 -2.92 -1.72 7.10
N TYR A 61 -2.70 -1.74 5.78
CA TYR A 61 -2.48 -2.99 5.08
C TYR A 61 -1.08 -3.53 5.33
N CYS A 62 -0.08 -2.68 5.12
CA CYS A 62 1.31 -3.07 5.33
C CYS A 62 1.60 -3.28 6.82
N THR A 63 1.14 -2.35 7.65
CA THR A 63 1.33 -2.43 9.09
C THR A 63 0.79 -3.75 9.64
N ASP A 64 -0.18 -4.32 8.95
CA ASP A 64 -0.79 -5.57 9.38
C ASP A 64 0.16 -6.75 9.12
N LEU A 65 0.88 -6.69 8.01
CA LEU A 65 1.82 -7.75 7.65
C LEU A 65 2.82 -7.99 8.77
N ILE A 66 3.17 -6.92 9.50
CA ILE A 66 4.10 -7.03 10.61
C ILE A 66 3.55 -7.90 11.73
N GLU A 67 2.27 -7.70 12.04
CA GLU A 67 1.62 -8.47 13.10
C GLU A 67 1.32 -9.89 12.63
N GLU A 68 0.98 -10.02 11.35
CA GLU A 68 0.67 -11.33 10.77
C GLU A 68 1.95 -12.07 10.38
N LYS A 69 3.07 -11.36 10.43
CA LYS A 69 4.36 -11.94 10.07
C LYS A 69 4.40 -12.31 8.60
N ASP A 70 3.82 -11.46 7.76
CA ASP A 70 3.80 -11.69 6.32
C ASP A 70 4.69 -10.70 5.59
N LEU A 71 5.81 -10.34 6.20
CA LEU A 71 6.74 -9.40 5.60
C LEU A 71 7.14 -9.84 4.19
N GLU A 72 7.00 -11.12 3.91
CA GLU A 72 7.33 -11.66 2.60
C GLU A 72 6.67 -10.85 1.50
N LYS A 73 5.37 -10.61 1.65
CA LYS A 73 4.61 -9.85 0.66
C LYS A 73 4.86 -8.35 0.83
N LEU A 74 5.28 -7.96 2.03
CA LEU A 74 5.55 -6.55 2.31
C LEU A 74 6.61 -6.00 1.35
N ASP A 75 7.78 -6.63 1.33
CA ASP A 75 8.87 -6.19 0.46
C ASP A 75 8.43 -6.20 -1.00
N LEU A 76 7.45 -7.05 -1.31
CA LEU A 76 6.94 -7.15 -2.68
C LEU A 76 6.01 -5.97 -2.99
N VAL A 77 5.05 -5.72 -2.10
CA VAL A 77 4.10 -4.63 -2.29
C VAL A 77 4.81 -3.27 -2.19
N ILE A 78 5.79 -3.19 -1.29
CA ILE A 78 6.53 -1.95 -1.10
C ILE A 78 7.40 -1.63 -2.32
N LYS A 79 8.23 -2.59 -2.71
CA LYS A 79 9.12 -2.42 -3.85
C LYS A 79 8.31 -2.25 -5.14
N TYR A 80 7.10 -2.78 -5.14
CA TYR A 80 6.23 -2.69 -6.31
C TYR A 80 5.53 -1.33 -6.37
N MET A 81 5.05 -0.87 -5.22
CA MET A 81 4.36 0.41 -5.14
C MET A 81 5.36 1.56 -5.22
N LYS A 82 6.56 1.34 -4.70
CA LYS A 82 7.61 2.36 -4.72
C LYS A 82 8.14 2.57 -6.13
N ARG A 83 8.14 1.50 -6.92
CA ARG A 83 8.63 1.57 -8.30
C ARG A 83 7.65 2.36 -9.18
N LEU A 84 6.38 2.32 -8.82
CA LEU A 84 5.35 3.03 -9.56
C LEU A 84 5.30 4.50 -9.17
N MET A 85 5.12 4.75 -7.87
CA MET A 85 5.06 6.11 -7.35
C MET A 85 6.30 6.91 -7.74
N GLN A 86 7.42 6.20 -7.90
CA GLN A 86 8.67 6.85 -8.28
C GLN A 86 8.70 7.16 -9.77
N GLN A 87 8.48 6.15 -10.59
CA GLN A 87 8.47 6.32 -12.04
C GLN A 87 7.32 7.22 -12.48
N SER A 88 6.36 7.43 -11.57
CA SER A 88 5.21 8.27 -11.86
C SER A 88 5.65 9.63 -12.40
N VAL A 89 4.72 10.33 -13.06
CA VAL A 89 5.01 11.65 -13.61
C VAL A 89 4.87 12.73 -12.55
N GLU A 90 4.04 12.47 -11.54
CA GLU A 90 3.82 13.43 -10.47
C GLU A 90 4.75 13.15 -9.29
N SER A 91 5.50 14.17 -8.89
CA SER A 91 6.44 14.04 -7.77
C SER A 91 5.69 13.84 -6.46
N VAL A 92 4.45 14.31 -6.42
CA VAL A 92 3.62 14.19 -5.22
C VAL A 92 3.48 12.73 -4.80
N TRP A 93 3.67 11.82 -5.75
CA TRP A 93 3.55 10.40 -5.48
C TRP A 93 4.75 9.91 -4.66
N ASN A 94 5.92 10.48 -4.91
CA ASN A 94 7.12 10.11 -4.19
C ASN A 94 6.95 10.28 -2.68
N MET A 95 6.24 11.34 -2.29
CA MET A 95 5.99 11.61 -0.88
C MET A 95 4.98 10.63 -0.31
N ALA A 96 3.97 10.30 -1.10
CA ALA A 96 2.94 9.37 -0.66
C ALA A 96 3.54 8.07 -0.17
N PHE A 97 4.60 7.61 -0.84
CA PHE A 97 5.26 6.38 -0.47
C PHE A 97 5.91 6.50 0.92
N ASP A 98 6.60 7.62 1.13
CA ASP A 98 7.26 7.86 2.41
C ASP A 98 6.25 7.92 3.55
N PHE A 99 5.09 8.49 3.26
CA PHE A 99 4.02 8.61 4.26
C PHE A 99 3.67 7.24 4.84
N ILE A 100 3.44 6.27 3.96
CA ILE A 100 3.08 4.93 4.38
C ILE A 100 4.21 4.29 5.20
N LEU A 101 5.44 4.48 4.73
CA LEU A 101 6.61 3.92 5.42
C LEU A 101 6.80 4.59 6.78
N ASP A 102 6.42 5.86 6.87
CA ASP A 102 6.54 6.61 8.12
C ASP A 102 5.73 5.96 9.24
N ASN A 103 4.61 5.34 8.85
CA ASN A 103 3.74 4.67 9.82
C ASN A 103 4.02 3.17 9.88
N VAL A 104 4.41 2.61 8.74
CA VAL A 104 4.70 1.19 8.65
C VAL A 104 6.08 0.89 9.25
N GLN A 105 7.12 1.46 8.66
CA GLN A 105 8.47 1.24 9.13
C GLN A 105 8.58 1.46 10.64
N VAL A 106 7.72 2.33 11.15
CA VAL A 106 7.71 2.63 12.58
C VAL A 106 7.16 1.45 13.39
N VAL A 107 5.97 1.00 13.00
CA VAL A 107 5.32 -0.13 13.67
C VAL A 107 6.09 -1.42 13.43
N LEU A 108 6.80 -1.49 12.32
CA LEU A 108 7.58 -2.68 11.97
C LEU A 108 8.82 -2.78 12.84
N GLN A 109 9.45 -1.64 13.12
CA GLN A 109 10.65 -1.61 13.94
C GLN A 109 10.34 -2.03 15.38
N GLN A 110 9.22 -1.56 15.89
CA GLN A 110 8.80 -1.88 17.26
C GLN A 110 8.53 -3.38 17.39
N THR A 111 8.40 -4.05 16.26
CA THR A 111 8.13 -5.49 16.26
C THR A 111 9.42 -6.29 16.11
N TYR A 112 10.12 -6.06 15.02
CA TYR A 112 11.38 -6.77 14.76
C TYR A 112 12.58 -5.86 15.02
N GLY A 113 12.47 -4.61 14.56
CA GLY A 113 13.56 -3.66 14.76
C GLY A 113 14.24 -3.28 13.46
N SER A 114 13.98 -4.06 12.41
CA SER A 114 14.58 -3.81 11.10
C SER A 114 13.65 -2.98 10.23
N THR A 115 14.04 -2.79 8.98
CA THR A 115 13.25 -2.00 8.03
C THR A 115 13.49 -2.45 6.60
N LEU A 116 12.84 -1.79 5.66
CA LEU A 116 12.99 -2.11 4.25
C LEU A 116 14.04 -1.23 3.58
N LYS A 117 14.65 -1.73 2.53
CA LYS A 117 15.68 -0.98 1.80
C LYS A 117 15.14 -0.47 0.47
N VAL A 118 14.77 0.81 0.45
CA VAL A 118 14.24 1.42 -0.78
C VAL A 118 15.13 2.57 -1.24
N THR A 119 16.03 2.26 -2.18
CA THR A 119 16.94 3.26 -2.71
C THR A 119 16.19 4.51 -3.17
N LYS B 7 -13.30 11.21 -2.89
CA LYS B 7 -13.61 9.94 -2.23
C LYS B 7 -12.43 8.98 -2.33
N SER B 8 -12.44 7.95 -1.49
CA SER B 8 -11.37 6.96 -1.48
C SER B 8 -11.56 5.94 -2.61
N PHE B 9 -10.63 5.97 -3.57
CA PHE B 9 -10.70 5.05 -4.70
C PHE B 9 -10.82 3.60 -4.22
N PHE B 10 -10.13 3.28 -3.14
CA PHE B 10 -10.15 1.93 -2.58
C PHE B 10 -11.53 1.61 -2.02
N ASP B 11 -12.23 2.64 -1.56
CA ASP B 11 -13.57 2.46 -0.99
C ASP B 11 -14.60 2.23 -2.09
N LYS B 12 -14.50 3.00 -3.16
CA LYS B 12 -15.43 2.88 -4.28
C LYS B 12 -15.08 1.68 -5.15
N LYS B 13 -13.83 1.22 -5.04
CA LYS B 13 -13.37 0.07 -5.81
C LYS B 13 -13.70 -1.23 -5.09
N ARG B 14 -13.42 -1.29 -3.80
CA ARG B 14 -13.69 -2.48 -3.00
C ARG B 14 -15.15 -2.89 -3.11
N SER B 15 -16.02 -1.91 -3.36
CA SER B 15 -17.45 -2.16 -3.48
C SER B 15 -17.77 -2.78 -4.83
N GLU B 16 -16.93 -2.51 -5.83
CA GLU B 16 -17.13 -3.05 -7.16
C GLU B 16 -16.98 -4.56 -7.17
N ARG B 17 -15.82 -5.04 -6.72
CA ARG B 17 -15.55 -6.48 -6.68
C ARG B 17 -16.63 -7.21 -5.91
N ILE B 18 -17.15 -6.58 -4.86
CA ILE B 18 -18.20 -7.18 -4.05
C ILE B 18 -19.52 -7.23 -4.81
N SER B 19 -19.68 -6.34 -5.78
CA SER B 19 -20.89 -6.28 -6.58
C SER B 19 -20.62 -6.74 -8.01
N ASN B 20 -21.64 -6.66 -8.86
CA ASN B 20 -21.52 -7.07 -10.25
C ASN B 20 -20.66 -6.08 -11.03
N ALA A 23 -10.01 -9.98 9.91
CA ALA A 23 -8.92 -9.20 10.46
C ALA A 23 -7.60 -9.51 9.76
N ALA A 24 -7.68 -9.74 8.45
CA ALA A 24 -6.49 -10.05 7.66
C ALA A 24 -6.09 -8.85 6.80
N PRO A 25 -4.82 -8.85 6.35
CA PRO A 25 -4.29 -7.78 5.51
C PRO A 25 -4.88 -7.79 4.10
N ASN A 26 -5.94 -7.01 3.91
CA ASN A 26 -6.61 -6.93 2.61
C ASN A 26 -6.67 -5.49 2.12
N LEU A 27 -6.35 -5.29 0.86
CA LEU A 27 -6.36 -3.95 0.26
C LEU A 27 -7.58 -3.77 -0.65
N ALA A 28 -8.54 -2.97 -0.21
CA ALA A 28 -9.74 -2.72 -0.98
C ALA A 28 -10.50 -4.01 -1.26
N GLY A 29 -10.35 -4.98 -0.36
CA GLY A 29 -11.03 -6.26 -0.53
C GLY A 29 -10.15 -7.29 -1.20
N ALA A 30 -8.88 -6.93 -1.44
CA ALA A 30 -7.94 -7.84 -2.07
C ALA A 30 -7.03 -8.48 -1.03
N VAL A 31 -7.12 -9.80 -0.89
CA VAL A 31 -6.30 -10.54 0.06
C VAL A 31 -5.03 -11.06 -0.60
N GLU A 32 -5.15 -11.50 -1.84
CA GLU A 32 -4.02 -12.03 -2.59
C GLU A 32 -3.05 -10.92 -2.98
N PHE A 33 -1.76 -11.20 -2.91
CA PHE A 33 -0.74 -10.22 -3.25
C PHE A 33 -0.95 -9.70 -4.68
N SER A 34 -1.08 -10.62 -5.62
CA SER A 34 -1.28 -10.25 -7.02
C SER A 34 -2.43 -9.26 -7.16
N ASP A 35 -3.47 -9.46 -6.36
CA ASP A 35 -4.63 -8.57 -6.39
C ASP A 35 -4.32 -7.22 -5.75
N VAL A 36 -3.41 -7.24 -4.79
CA VAL A 36 -3.01 -6.01 -4.09
C VAL A 36 -2.17 -5.12 -4.98
N LYS A 37 -1.08 -5.66 -5.51
CA LYS A 37 -0.19 -4.90 -6.38
C LYS A 37 -0.95 -4.37 -7.60
N THR A 38 -1.92 -5.15 -8.06
CA THR A 38 -2.73 -4.76 -9.21
C THR A 38 -3.56 -3.51 -8.91
N LEU A 39 -4.07 -3.43 -7.68
CA LEU A 39 -4.88 -2.30 -7.27
C LEU A 39 -4.03 -1.05 -7.12
N LEU A 40 -2.81 -1.22 -6.66
CA LEU A 40 -1.89 -0.10 -6.48
C LEU A 40 -1.41 0.44 -7.82
N LYS A 41 -1.00 -0.47 -8.69
CA LYS A 41 -0.52 -0.09 -10.02
C LYS A 41 -1.53 0.80 -10.74
N GLU A 42 -2.81 0.44 -10.63
CA GLU A 42 -3.87 1.20 -11.27
C GLU A 42 -4.19 2.47 -10.47
N TRP A 43 -4.23 2.33 -9.15
CA TRP A 43 -4.51 3.47 -8.27
C TRP A 43 -3.42 4.53 -8.39
N ILE A 44 -2.29 4.15 -8.98
CA ILE A 44 -1.18 5.07 -9.16
C ILE A 44 -1.12 5.60 -10.59
N THR A 45 -1.84 4.94 -11.49
CA THR A 45 -1.86 5.34 -12.88
C THR A 45 -3.15 6.09 -13.23
N THR A 46 -4.28 5.45 -12.96
CA THR A 46 -5.59 6.06 -13.23
C THR A 46 -5.82 7.28 -12.35
N ILE A 47 -5.02 7.40 -11.29
CA ILE A 47 -5.14 8.52 -10.37
C ILE A 47 -3.79 9.20 -10.15
N SER A 48 -3.77 10.53 -10.29
CA SER A 48 -2.54 11.29 -10.12
C SER A 48 -2.56 12.06 -8.80
N ASP A 49 -3.76 12.35 -8.32
CA ASP A 49 -3.93 13.08 -7.07
C ASP A 49 -4.60 12.20 -6.01
N PRO A 50 -3.80 11.34 -5.37
CA PRO A 50 -4.29 10.44 -4.33
C PRO A 50 -4.68 11.18 -3.04
N MET A 51 -5.78 10.75 -2.43
CA MET A 51 -6.26 11.37 -1.21
C MET A 51 -5.57 10.76 0.01
N GLU A 52 -5.59 11.50 1.13
CA GLU A 52 -4.97 11.02 2.36
C GLU A 52 -5.56 9.68 2.79
N GLU A 53 -6.87 9.67 3.03
CA GLU A 53 -7.55 8.45 3.44
C GLU A 53 -7.23 7.30 2.49
N ASP A 54 -7.31 7.56 1.20
CA ASP A 54 -7.03 6.55 0.19
C ASP A 54 -5.65 5.94 0.40
N ILE A 55 -4.69 6.78 0.77
CA ILE A 55 -3.33 6.32 1.01
C ILE A 55 -3.23 5.52 2.30
N LEU A 56 -3.76 6.08 3.38
CA LEU A 56 -3.75 5.41 4.67
C LEU A 56 -4.24 3.98 4.56
N GLN A 57 -5.11 3.73 3.58
CA GLN A 57 -5.65 2.39 3.37
C GLN A 57 -4.55 1.37 3.17
N VAL A 58 -3.48 1.79 2.49
CA VAL A 58 -2.35 0.91 2.23
C VAL A 58 -1.52 0.69 3.50
N VAL A 59 -1.51 1.69 4.37
CA VAL A 59 -0.76 1.60 5.63
C VAL A 59 -1.25 0.44 6.48
N ARG A 60 -2.57 0.38 6.69
CA ARG A 60 -3.16 -0.68 7.49
C ARG A 60 -2.85 -2.06 6.90
N TYR A 61 -2.67 -2.08 5.58
CA TYR A 61 -2.38 -3.33 4.88
C TYR A 61 -0.95 -3.80 5.18
N CYS A 62 0.01 -2.92 4.93
CA CYS A 62 1.41 -3.24 5.18
C CYS A 62 1.67 -3.45 6.66
N THR A 63 1.17 -2.53 7.48
CA THR A 63 1.35 -2.62 8.93
C THR A 63 0.81 -3.93 9.48
N ASP A 64 -0.17 -4.50 8.77
CA ASP A 64 -0.76 -5.77 9.18
C ASP A 64 0.18 -6.93 8.92
N LEU A 65 0.91 -6.87 7.82
CA LEU A 65 1.86 -7.92 7.46
C LEU A 65 2.84 -8.17 8.60
N ILE A 66 3.20 -7.12 9.31
CA ILE A 66 4.13 -7.21 10.42
C ILE A 66 3.57 -8.11 11.53
N GLU A 67 2.30 -7.91 11.84
CA GLU A 67 1.64 -8.70 12.88
C GLU A 67 1.35 -10.11 12.40
N GLU A 68 1.02 -10.23 11.11
CA GLU A 68 0.72 -11.52 10.51
C GLU A 68 2.00 -12.26 10.12
N LYS A 69 3.12 -11.56 10.23
CA LYS A 69 4.42 -12.15 9.88
C LYS A 69 4.48 -12.49 8.40
N ASP A 70 3.90 -11.62 7.58
CA ASP A 70 3.89 -11.83 6.13
C ASP A 70 4.77 -10.80 5.42
N LEU A 71 5.89 -10.45 6.05
CA LEU A 71 6.81 -9.48 5.49
C LEU A 71 7.22 -9.87 4.07
N GLU A 72 7.12 -11.16 3.77
CA GLU A 72 7.47 -11.67 2.45
C GLU A 72 6.81 -10.85 1.35
N LYS A 73 5.52 -10.59 1.52
CA LYS A 73 4.76 -9.81 0.55
C LYS A 73 5.03 -8.32 0.71
N LEU A 74 5.46 -7.93 1.91
CA LEU A 74 5.75 -6.53 2.19
C LEU A 74 6.80 -5.99 1.22
N ASP A 75 7.99 -6.56 1.25
CA ASP A 75 9.07 -6.15 0.37
C ASP A 75 8.63 -6.16 -1.09
N LEU A 76 7.66 -7.02 -1.40
CA LEU A 76 7.14 -7.13 -2.76
C LEU A 76 6.21 -5.96 -3.09
N VAL A 77 5.31 -5.66 -2.17
CA VAL A 77 4.37 -4.56 -2.36
C VAL A 77 5.07 -3.21 -2.31
N ILE A 78 6.04 -3.09 -1.41
CA ILE A 78 6.79 -1.84 -1.26
C ILE A 78 7.60 -1.54 -2.51
N LYS A 79 8.46 -2.47 -2.90
CA LYS A 79 9.29 -2.30 -4.10
C LYS A 79 8.42 -2.14 -5.34
N TYR A 80 7.27 -2.80 -5.33
CA TYR A 80 6.34 -2.73 -6.47
C TYR A 80 5.74 -1.33 -6.60
N MET A 81 5.15 -0.85 -5.51
CA MET A 81 4.54 0.47 -5.49
C MET A 81 5.60 1.56 -5.67
N LYS A 82 6.83 1.27 -5.26
CA LYS A 82 7.92 2.22 -5.38
C LYS A 82 8.18 2.57 -6.84
N ARG A 83 8.47 1.55 -7.64
CA ARG A 83 8.75 1.75 -9.06
C ARG A 83 7.61 2.52 -9.72
N LEU A 84 6.42 2.40 -9.18
CA LEU A 84 5.25 3.08 -9.72
C LEU A 84 5.21 4.54 -9.26
N MET A 85 5.25 4.74 -7.95
CA MET A 85 5.22 6.08 -7.38
C MET A 85 6.41 6.90 -7.86
N GLN A 86 7.52 6.22 -8.15
CA GLN A 86 8.74 6.88 -8.62
C GLN A 86 8.61 7.25 -10.09
N GLN A 87 8.24 6.27 -10.91
CA GLN A 87 8.09 6.49 -12.34
C GLN A 87 6.92 7.43 -12.64
N SER A 88 6.07 7.63 -11.63
CA SER A 88 4.91 8.51 -11.78
C SER A 88 5.32 9.87 -12.33
N VAL A 89 4.40 10.52 -13.02
CA VAL A 89 4.67 11.84 -13.60
C VAL A 89 4.62 12.92 -12.52
N GLU A 90 3.87 12.67 -11.46
CA GLU A 90 3.75 13.63 -10.37
C GLU A 90 4.67 13.25 -9.21
N SER A 91 5.41 14.24 -8.72
CA SER A 91 6.35 14.02 -7.62
C SER A 91 5.59 13.81 -6.31
N VAL A 92 4.34 14.22 -6.28
CA VAL A 92 3.51 14.08 -5.08
C VAL A 92 3.44 12.62 -4.65
N TRP A 93 3.65 11.71 -5.59
CA TRP A 93 3.62 10.28 -5.29
C TRP A 93 4.83 9.85 -4.48
N ASN A 94 5.97 10.50 -4.75
CA ASN A 94 7.20 10.19 -4.03
C ASN A 94 7.04 10.41 -2.53
N MET A 95 6.29 11.45 -2.18
CA MET A 95 6.06 11.77 -0.77
C MET A 95 5.11 10.76 -0.13
N ALA A 96 4.09 10.35 -0.89
CA ALA A 96 3.12 9.39 -0.39
C ALA A 96 3.80 8.12 0.11
N PHE A 97 4.77 7.64 -0.65
CA PHE A 97 5.51 6.43 -0.29
C PHE A 97 6.12 6.57 1.10
N ASP A 98 6.91 7.63 1.30
CA ASP A 98 7.55 7.88 2.58
C ASP A 98 6.51 7.97 3.70
N PHE A 99 5.40 8.64 3.41
CA PHE A 99 4.34 8.81 4.39
C PHE A 99 3.89 7.46 4.94
N ILE A 100 3.64 6.52 4.04
CA ILE A 100 3.20 5.19 4.43
C ILE A 100 4.25 4.47 5.26
N LEU A 101 5.51 4.54 4.81
CA LEU A 101 6.61 3.91 5.52
C LEU A 101 6.78 4.52 6.90
N ASP A 102 6.39 5.78 7.06
CA ASP A 102 6.50 6.48 8.34
C ASP A 102 5.64 5.79 9.40
N ASN A 103 4.55 5.17 8.97
CA ASN A 103 3.66 4.48 9.89
C ASN A 103 3.95 2.98 9.91
N VAL A 104 4.37 2.45 8.76
CA VAL A 104 4.69 1.03 8.66
C VAL A 104 6.04 0.72 9.29
N GLN A 105 7.10 1.34 8.75
CA GLN A 105 8.45 1.14 9.26
C GLN A 105 8.49 1.29 10.77
N VAL A 106 7.60 2.13 11.30
CA VAL A 106 7.53 2.37 12.73
C VAL A 106 6.98 1.15 13.47
N VAL A 107 5.81 0.70 13.05
CA VAL A 107 5.17 -0.45 13.67
C VAL A 107 5.96 -1.73 13.40
N LEU A 108 6.71 -1.73 12.31
CA LEU A 108 7.52 -2.88 11.94
C LEU A 108 8.74 -3.01 12.84
N GLN A 109 9.34 -1.86 13.16
CA GLN A 109 10.52 -1.84 14.03
C GLN A 109 10.18 -2.31 15.44
N GLN A 110 9.04 -1.87 15.94
CA GLN A 110 8.59 -2.24 17.28
C GLN A 110 8.34 -3.74 17.37
N THR A 111 8.25 -4.39 16.21
CA THR A 111 8.02 -5.83 16.17
C THR A 111 9.32 -6.61 16.04
N TYR A 112 10.04 -6.35 14.95
CA TYR A 112 11.32 -7.02 14.71
C TYR A 112 12.48 -6.10 15.03
N GLY A 113 12.38 -4.84 14.63
CA GLY A 113 13.44 -3.89 14.88
C GLY A 113 14.15 -3.45 13.62
N SER A 114 13.94 -4.20 12.54
CA SER A 114 14.57 -3.88 11.27
C SER A 114 13.65 -3.04 10.39
N THR A 115 14.08 -2.81 9.15
CA THR A 115 13.29 -2.01 8.22
C THR A 115 13.58 -2.41 6.77
N LEU A 116 12.86 -1.80 5.84
CA LEU A 116 13.05 -2.10 4.43
C LEU A 116 14.11 -1.19 3.81
N LYS A 117 14.80 -1.70 2.80
CA LYS A 117 15.85 -0.94 2.12
C LYS A 117 15.26 -0.14 0.96
N VAL A 118 14.96 1.12 1.20
CA VAL A 118 14.40 1.99 0.17
C VAL A 118 15.31 3.18 -0.10
N THR A 119 16.19 3.03 -1.08
CA THR A 119 17.13 4.10 -1.43
C THR A 119 16.39 5.38 -1.80
N LYS B 7 -15.46 9.44 0.74
CA LYS B 7 -15.12 9.17 -0.66
C LYS B 7 -13.68 8.65 -0.77
N SER B 8 -13.48 7.67 -1.65
CA SER B 8 -12.15 7.09 -1.85
C SER B 8 -12.17 6.07 -2.99
N PHE B 9 -11.16 6.12 -3.83
CA PHE B 9 -11.06 5.20 -4.96
C PHE B 9 -11.15 3.75 -4.49
N PHE B 10 -10.42 3.44 -3.43
CA PHE B 10 -10.42 2.08 -2.87
C PHE B 10 -11.81 1.70 -2.38
N ASP B 11 -12.58 2.69 -1.96
CA ASP B 11 -13.92 2.46 -1.45
C ASP B 11 -14.87 2.07 -2.58
N LYS B 12 -14.81 2.82 -3.67
CA LYS B 12 -15.66 2.56 -4.83
C LYS B 12 -15.21 1.30 -5.55
N LYS B 13 -13.95 0.93 -5.39
CA LYS B 13 -13.40 -0.25 -6.03
C LYS B 13 -13.72 -1.51 -5.22
N ARG B 14 -13.54 -1.42 -3.92
CA ARG B 14 -13.82 -2.55 -3.03
C ARG B 14 -15.30 -2.89 -3.04
N SER B 15 -16.13 -1.88 -3.24
CA SER B 15 -17.59 -2.08 -3.27
C SER B 15 -18.00 -2.85 -4.53
N GLU B 16 -17.19 -2.75 -5.58
CA GLU B 16 -17.48 -3.43 -6.83
C GLU B 16 -17.63 -4.94 -6.61
N ARG B 17 -16.60 -5.55 -6.05
CA ARG B 17 -16.62 -6.99 -5.78
C ARG B 17 -17.64 -7.32 -4.69
N ILE B 18 -17.70 -6.47 -3.67
CA ILE B 18 -18.63 -6.68 -2.56
C ILE B 18 -20.07 -6.61 -3.04
N SER B 19 -20.30 -5.93 -4.16
CA SER B 19 -21.63 -5.78 -4.72
C SER B 19 -21.92 -6.88 -5.74
N ASN B 20 -23.14 -7.41 -5.71
CA ASN B 20 -23.54 -8.46 -6.63
C ASN B 20 -23.71 -7.92 -8.04
N ALA A 23 -10.49 -10.71 8.82
CA ALA A 23 -9.49 -10.40 9.84
C ALA A 23 -8.08 -10.58 9.29
N ALA A 24 -7.93 -10.46 7.98
CA ALA A 24 -6.64 -10.61 7.33
C ALA A 24 -6.25 -9.34 6.57
N PRO A 25 -4.95 -9.18 6.30
CA PRO A 25 -4.43 -8.02 5.59
C PRO A 25 -4.83 -8.01 4.12
N ASN A 26 -5.91 -7.29 3.81
CA ASN A 26 -6.41 -7.19 2.44
C ASN A 26 -6.51 -5.74 2.00
N LEU A 27 -6.22 -5.48 0.73
CA LEU A 27 -6.28 -4.13 0.18
C LEU A 27 -7.52 -3.97 -0.69
N ALA A 28 -8.46 -3.14 -0.23
CA ALA A 28 -9.69 -2.89 -0.97
C ALA A 28 -10.41 -4.20 -1.30
N GLY A 29 -10.21 -5.20 -0.46
CA GLY A 29 -10.85 -6.50 -0.68
C GLY A 29 -9.95 -7.47 -1.41
N ALA A 30 -8.67 -7.13 -1.50
CA ALA A 30 -7.70 -7.99 -2.18
C ALA A 30 -6.81 -8.70 -1.17
N VAL A 31 -6.90 -10.02 -1.14
CA VAL A 31 -6.10 -10.83 -0.22
C VAL A 31 -4.79 -11.27 -0.88
N GLU A 32 -4.90 -11.75 -2.11
CA GLU A 32 -3.72 -12.20 -2.85
C GLU A 32 -2.81 -11.04 -3.21
N PHE A 33 -1.51 -11.29 -3.22
CA PHE A 33 -0.53 -10.26 -3.55
C PHE A 33 -0.77 -9.70 -4.95
N SER A 34 -0.89 -10.59 -5.92
CA SER A 34 -1.12 -10.19 -7.30
C SER A 34 -2.30 -9.23 -7.41
N ASP A 35 -3.33 -9.48 -6.59
CA ASP A 35 -4.51 -8.64 -6.59
C ASP A 35 -4.23 -7.29 -5.93
N VAL A 36 -3.29 -7.29 -4.99
CA VAL A 36 -2.92 -6.06 -4.28
C VAL A 36 -2.13 -5.13 -5.19
N LYS A 37 -1.02 -5.62 -5.73
CA LYS A 37 -0.17 -4.84 -6.61
C LYS A 37 -0.97 -4.31 -7.79
N THR A 38 -1.94 -5.09 -8.25
CA THR A 38 -2.79 -4.69 -9.37
C THR A 38 -3.61 -3.46 -9.04
N LEU A 39 -4.13 -3.41 -7.82
CA LEU A 39 -4.93 -2.27 -7.38
C LEU A 39 -4.07 -1.04 -7.19
N LEU A 40 -2.83 -1.24 -6.76
CA LEU A 40 -1.90 -0.14 -6.53
C LEU A 40 -1.42 0.45 -7.86
N LYS A 41 -1.04 -0.42 -8.78
CA LYS A 41 -0.57 0.00 -10.09
C LYS A 41 -1.58 0.94 -10.75
N GLU A 42 -2.86 0.59 -10.65
CA GLU A 42 -3.92 1.40 -11.23
C GLU A 42 -4.20 2.63 -10.38
N TRP A 43 -4.22 2.43 -9.06
CA TRP A 43 -4.48 3.52 -8.13
C TRP A 43 -3.40 4.59 -8.21
N ILE A 44 -2.27 4.24 -8.84
CA ILE A 44 -1.16 5.16 -9.00
C ILE A 44 -1.12 5.75 -10.41
N THR A 45 -1.88 5.13 -11.31
CA THR A 45 -1.92 5.59 -12.70
C THR A 45 -3.21 6.36 -12.98
N THR A 46 -4.35 5.72 -12.72
CA THR A 46 -5.64 6.35 -12.93
C THR A 46 -5.84 7.54 -12.01
N ILE A 47 -5.03 7.62 -10.97
CA ILE A 47 -5.11 8.71 -10.01
C ILE A 47 -3.76 9.39 -9.82
N SER A 48 -3.75 10.72 -9.91
CA SER A 48 -2.52 11.49 -9.76
C SER A 48 -2.50 12.22 -8.41
N ASP A 49 -3.69 12.58 -7.93
CA ASP A 49 -3.82 13.28 -6.66
C ASP A 49 -4.50 12.40 -5.62
N PRO A 50 -3.71 11.51 -5.00
CA PRO A 50 -4.22 10.60 -3.96
C PRO A 50 -4.59 11.32 -2.67
N MET A 51 -5.75 10.99 -2.12
CA MET A 51 -6.21 11.60 -0.89
C MET A 51 -5.57 10.94 0.33
N GLU A 52 -5.40 11.70 1.40
CA GLU A 52 -4.80 11.19 2.62
C GLU A 52 -5.50 9.92 3.08
N GLU A 53 -6.81 9.86 2.86
CA GLU A 53 -7.60 8.70 3.26
C GLU A 53 -7.20 7.47 2.44
N ASP A 54 -7.16 7.63 1.11
CA ASP A 54 -6.80 6.54 0.22
C ASP A 54 -5.41 6.00 0.56
N ILE A 55 -4.46 6.91 0.75
CA ILE A 55 -3.09 6.52 1.08
C ILE A 55 -3.03 5.82 2.43
N LEU A 56 -3.92 6.21 3.34
CA LEU A 56 -3.96 5.61 4.67
C LEU A 56 -4.30 4.13 4.59
N GLN A 57 -5.20 3.78 3.67
CA GLN A 57 -5.62 2.40 3.49
C GLN A 57 -4.41 1.49 3.27
N VAL A 58 -3.37 2.04 2.64
CA VAL A 58 -2.16 1.29 2.36
C VAL A 58 -1.36 1.04 3.64
N VAL A 59 -1.39 2.01 4.55
CA VAL A 59 -0.67 1.90 5.81
C VAL A 59 -1.25 0.79 6.67
N ARG A 60 -2.56 0.83 6.89
CA ARG A 60 -3.24 -0.16 7.70
C ARG A 60 -3.05 -1.56 7.12
N TYR A 61 -2.80 -1.63 5.81
CA TYR A 61 -2.60 -2.89 5.13
C TYR A 61 -1.21 -3.46 5.43
N CYS A 62 -0.19 -2.64 5.22
CA CYS A 62 1.19 -3.05 5.47
C CYS A 62 1.43 -3.27 6.95
N THR A 63 0.96 -2.33 7.77
CA THR A 63 1.13 -2.41 9.22
C THR A 63 0.62 -3.74 9.75
N ASP A 64 -0.37 -4.32 9.05
CA ASP A 64 -0.95 -5.60 9.46
C ASP A 64 0.00 -6.75 9.16
N LEU A 65 0.69 -6.65 8.03
CA LEU A 65 1.64 -7.69 7.62
C LEU A 65 2.67 -7.95 8.73
N ILE A 66 2.99 -6.91 9.48
CA ILE A 66 3.96 -7.03 10.57
C ILE A 66 3.42 -7.93 11.68
N GLU A 67 2.19 -7.67 12.09
CA GLU A 67 1.55 -8.46 13.14
C GLU A 67 1.18 -9.85 12.64
N GLU A 68 0.89 -9.95 11.34
CA GLU A 68 0.52 -11.22 10.74
C GLU A 68 1.75 -12.00 10.30
N LYS A 69 2.90 -11.33 10.33
CA LYS A 69 4.15 -11.96 9.94
C LYS A 69 4.14 -12.35 8.46
N ASP A 70 3.62 -11.44 7.63
CA ASP A 70 3.55 -11.68 6.20
C ASP A 70 4.44 -10.70 5.43
N LEU A 71 5.59 -10.38 6.01
CA LEU A 71 6.53 -9.46 5.40
C LEU A 71 6.94 -9.96 4.01
N GLU A 72 6.72 -11.24 3.75
CA GLU A 72 7.06 -11.83 2.47
C GLU A 72 6.53 -10.99 1.32
N LYS A 73 5.22 -10.74 1.35
CA LYS A 73 4.57 -9.95 0.31
C LYS A 73 4.82 -8.45 0.53
N LEU A 74 5.13 -8.09 1.76
CA LEU A 74 5.39 -6.69 2.09
C LEU A 74 6.48 -6.11 1.21
N ASP A 75 7.66 -6.73 1.25
CA ASP A 75 8.79 -6.26 0.45
C ASP A 75 8.42 -6.21 -1.03
N LEU A 76 7.48 -7.07 -1.43
CA LEU A 76 7.03 -7.12 -2.81
C LEU A 76 6.10 -5.96 -3.14
N VAL A 77 5.17 -5.68 -2.23
CA VAL A 77 4.23 -4.59 -2.42
C VAL A 77 4.92 -3.24 -2.28
N ILE A 78 5.92 -3.18 -1.42
CA ILE A 78 6.65 -1.94 -1.19
C ILE A 78 7.51 -1.60 -2.41
N LYS A 79 8.36 -2.54 -2.82
CA LYS A 79 9.23 -2.34 -3.98
C LYS A 79 8.41 -2.16 -5.25
N TYR A 80 7.20 -2.70 -5.26
CA TYR A 80 6.32 -2.58 -6.41
C TYR A 80 5.63 -1.23 -6.45
N MET A 81 5.14 -0.78 -5.29
CA MET A 81 4.46 0.50 -5.19
C MET A 81 5.45 1.65 -5.26
N LYS A 82 6.65 1.42 -4.76
CA LYS A 82 7.70 2.44 -4.75
C LYS A 82 8.22 2.67 -6.17
N ARG A 83 8.23 1.62 -6.98
CA ARG A 83 8.70 1.71 -8.35
C ARG A 83 7.73 2.50 -9.22
N LEU A 84 6.45 2.44 -8.86
CA LEU A 84 5.42 3.15 -9.60
C LEU A 84 5.34 4.62 -9.17
N MET A 85 5.24 4.84 -7.87
CA MET A 85 5.16 6.19 -7.31
C MET A 85 6.40 7.00 -7.70
N GLN A 86 7.51 6.30 -7.92
CA GLN A 86 8.76 6.95 -8.28
C GLN A 86 8.76 7.33 -9.76
N GLN A 87 8.39 6.38 -10.62
CA GLN A 87 8.35 6.61 -12.04
C GLN A 87 7.16 7.49 -12.43
N SER A 88 6.24 7.66 -11.49
CA SER A 88 5.05 8.47 -11.72
C SER A 88 5.43 9.86 -12.25
N VAL A 89 4.53 10.47 -13.01
CA VAL A 89 4.77 11.78 -13.57
C VAL A 89 4.74 12.86 -12.50
N GLU A 90 3.90 12.66 -11.48
CA GLU A 90 3.79 13.60 -10.38
C GLU A 90 4.83 13.34 -9.31
N SER A 91 5.53 14.39 -8.89
CA SER A 91 6.57 14.26 -7.88
C SER A 91 5.96 14.01 -6.50
N VAL A 92 4.73 14.48 -6.31
CA VAL A 92 4.03 14.31 -5.04
C VAL A 92 3.93 12.84 -4.68
N TRP A 93 3.88 11.98 -5.69
CA TRP A 93 3.79 10.54 -5.47
C TRP A 93 4.98 10.03 -4.66
N ASN A 94 6.14 10.64 -4.88
CA ASN A 94 7.35 10.25 -4.17
C ASN A 94 7.17 10.37 -2.67
N MET A 95 6.47 11.42 -2.24
CA MET A 95 6.23 11.65 -0.83
C MET A 95 5.20 10.66 -0.28
N ALA A 96 4.20 10.33 -1.10
CA ALA A 96 3.17 9.40 -0.71
C ALA A 96 3.77 8.09 -0.20
N PHE A 97 4.77 7.59 -0.92
CA PHE A 97 5.43 6.34 -0.55
C PHE A 97 6.06 6.45 0.84
N ASP A 98 6.69 7.59 1.11
CA ASP A 98 7.33 7.82 2.39
C ASP A 98 6.29 7.93 3.51
N PHE A 99 5.14 8.51 3.18
CA PHE A 99 4.07 8.68 4.15
C PHE A 99 3.65 7.33 4.73
N ILE A 100 3.53 6.32 3.87
CA ILE A 100 3.14 4.99 4.29
C ILE A 100 4.25 4.32 5.10
N LEU A 101 5.49 4.52 4.66
CA LEU A 101 6.64 3.93 5.35
C LEU A 101 6.83 4.56 6.73
N ASP A 102 6.54 5.84 6.83
CA ASP A 102 6.68 6.56 8.09
C ASP A 102 5.78 5.94 9.16
N ASN A 103 4.69 5.33 8.73
CA ASN A 103 3.75 4.71 9.65
C ASN A 103 4.01 3.20 9.75
N VAL A 104 4.32 2.59 8.61
CA VAL A 104 4.59 1.16 8.57
C VAL A 104 5.94 0.82 9.17
N GLN A 105 7.00 1.40 8.62
CA GLN A 105 8.35 1.17 9.10
C GLN A 105 8.42 1.36 10.62
N VAL A 106 7.55 2.21 11.15
CA VAL A 106 7.50 2.48 12.58
C VAL A 106 6.97 1.28 13.35
N VAL A 107 5.76 0.85 12.98
CA VAL A 107 5.13 -0.29 13.64
C VAL A 107 5.91 -1.58 13.39
N LEU A 108 6.65 -1.61 12.28
CA LEU A 108 7.45 -2.77 11.92
C LEU A 108 8.68 -2.87 12.80
N GLN A 109 9.29 -1.73 13.10
CA GLN A 109 10.48 -1.69 13.94
C GLN A 109 10.17 -2.13 15.37
N GLN A 110 9.03 -1.66 15.88
CA GLN A 110 8.61 -2.01 17.22
C GLN A 110 8.37 -3.51 17.35
N THR A 111 8.25 -4.19 16.22
CA THR A 111 8.01 -5.62 16.21
C THR A 111 9.32 -6.40 16.05
N TYR A 112 10.02 -6.16 14.96
CA TYR A 112 11.29 -6.83 14.70
C TYR A 112 12.47 -5.90 14.97
N GLY A 113 12.35 -4.65 14.53
CA GLY A 113 13.40 -3.69 14.74
C GLY A 113 14.10 -3.30 13.46
N SER A 114 13.87 -4.08 12.41
CA SER A 114 14.50 -3.82 11.11
C SER A 114 13.55 -3.02 10.22
N THR A 115 13.95 -2.85 8.96
CA THR A 115 13.15 -2.10 7.99
C THR A 115 13.39 -2.57 6.58
N LEU A 116 12.74 -1.94 5.61
CA LEU A 116 12.90 -2.30 4.21
C LEU A 116 13.99 -1.46 3.55
N LYS A 117 14.57 -1.99 2.48
CA LYS A 117 15.63 -1.29 1.75
C LYS A 117 15.07 -0.66 0.47
N VAL A 118 14.71 0.62 0.56
CA VAL A 118 14.17 1.33 -0.60
C VAL A 118 15.06 2.51 -0.96
N THR A 119 16.00 2.28 -1.87
CA THR A 119 16.92 3.33 -2.32
C THR A 119 16.15 4.54 -2.84
N LYS B 7 -15.64 8.16 0.22
CA LYS B 7 -14.77 9.22 -0.29
C LYS B 7 -13.36 8.69 -0.53
N SER B 8 -13.22 7.83 -1.53
CA SER B 8 -11.91 7.26 -1.86
C SER B 8 -12.02 6.32 -3.05
N PHE B 9 -10.90 6.07 -3.71
CA PHE B 9 -10.86 5.19 -4.88
C PHE B 9 -10.94 3.73 -4.45
N PHE B 10 -10.27 3.40 -3.35
CA PHE B 10 -10.25 2.04 -2.83
C PHE B 10 -11.64 1.63 -2.35
N ASP B 11 -12.44 2.62 -1.97
CA ASP B 11 -13.79 2.36 -1.48
C ASP B 11 -14.71 1.96 -2.63
N LYS B 12 -14.62 2.69 -3.73
CA LYS B 12 -15.45 2.42 -4.90
C LYS B 12 -14.99 1.13 -5.60
N LYS B 13 -13.73 0.77 -5.41
CA LYS B 13 -13.18 -0.43 -6.01
C LYS B 13 -13.57 -1.67 -5.21
N ARG B 14 -13.35 -1.62 -3.90
CA ARG B 14 -13.68 -2.73 -3.03
C ARG B 14 -15.15 -3.13 -3.18
N SER B 15 -15.98 -2.17 -3.58
CA SER B 15 -17.40 -2.42 -3.76
C SER B 15 -17.64 -3.53 -4.77
N GLU B 16 -16.69 -3.71 -5.68
CA GLU B 16 -16.80 -4.75 -6.69
C GLU B 16 -16.82 -6.13 -6.07
N ARG B 17 -16.03 -6.31 -5.02
CA ARG B 17 -15.96 -7.59 -4.32
C ARG B 17 -17.18 -7.78 -3.42
N ILE B 18 -17.74 -6.68 -2.95
CA ILE B 18 -18.91 -6.72 -2.08
C ILE B 18 -20.18 -7.05 -2.86
N SER B 19 -20.47 -6.24 -3.87
CA SER B 19 -21.65 -6.43 -4.70
C SER B 19 -21.25 -6.69 -6.16
N ASN B 20 -21.44 -7.93 -6.60
CA ASN B 20 -21.10 -8.30 -7.98
C ASN B 20 -22.36 -8.44 -8.82
N ALA A 23 -10.04 -11.23 9.45
CA ALA A 23 -9.16 -10.28 10.11
C ALA A 23 -7.75 -10.35 9.53
N ALA A 24 -7.66 -10.65 8.24
CA ALA A 24 -6.38 -10.73 7.56
C ALA A 24 -6.07 -9.45 6.81
N PRO A 25 -4.77 -9.24 6.50
CA PRO A 25 -4.31 -8.05 5.77
C PRO A 25 -4.77 -8.05 4.32
N ASN A 26 -5.85 -7.32 4.03
CA ASN A 26 -6.38 -7.24 2.68
C ASN A 26 -6.53 -5.78 2.24
N LEU A 27 -6.28 -5.53 0.96
CA LEU A 27 -6.37 -4.19 0.41
C LEU A 27 -7.62 -4.04 -0.45
N ALA A 28 -8.55 -3.19 -0.01
CA ALA A 28 -9.79 -2.96 -0.73
C ALA A 28 -10.54 -4.27 -0.96
N GLY A 29 -10.34 -5.23 -0.07
CA GLY A 29 -11.01 -6.51 -0.19
C GLY A 29 -10.18 -7.52 -0.95
N ALA A 30 -8.90 -7.21 -1.14
CA ALA A 30 -8.00 -8.11 -1.85
C ALA A 30 -7.05 -8.83 -0.89
N VAL A 31 -7.12 -10.15 -0.87
CA VAL A 31 -6.28 -10.94 0.01
C VAL A 31 -5.00 -11.39 -0.71
N GLU A 32 -5.15 -11.79 -1.96
CA GLU A 32 -4.01 -12.24 -2.76
C GLU A 32 -3.09 -11.08 -3.10
N PHE A 33 -1.79 -11.35 -3.15
CA PHE A 33 -0.80 -10.33 -3.46
C PHE A 33 -1.06 -9.74 -4.85
N SER A 34 -1.19 -10.62 -5.84
CA SER A 34 -1.42 -10.19 -7.21
C SER A 34 -2.59 -9.22 -7.29
N ASP A 35 -3.62 -9.47 -6.48
CA ASP A 35 -4.79 -8.62 -6.46
C ASP A 35 -4.48 -7.29 -5.78
N VAL A 36 -3.55 -7.30 -4.85
CA VAL A 36 -3.16 -6.09 -4.13
C VAL A 36 -2.37 -5.16 -5.03
N LYS A 37 -1.26 -5.65 -5.58
CA LYS A 37 -0.41 -4.86 -6.46
C LYS A 37 -1.21 -4.31 -7.64
N THR A 38 -2.17 -5.10 -8.11
CA THR A 38 -3.01 -4.69 -9.23
C THR A 38 -3.83 -3.45 -8.89
N LEU A 39 -4.32 -3.40 -7.66
CA LEU A 39 -5.11 -2.27 -7.20
C LEU A 39 -4.26 -1.02 -7.03
N LEU A 40 -3.02 -1.22 -6.59
CA LEU A 40 -2.09 -0.11 -6.39
C LEU A 40 -1.62 0.45 -7.73
N LYS A 41 -1.25 -0.44 -8.64
CA LYS A 41 -0.78 -0.04 -9.97
C LYS A 41 -1.79 0.90 -10.63
N GLU A 42 -3.07 0.55 -10.52
CA GLU A 42 -4.12 1.37 -11.12
C GLU A 42 -4.40 2.61 -10.28
N TRP A 43 -4.41 2.44 -8.96
CA TRP A 43 -4.66 3.55 -8.05
C TRP A 43 -3.56 4.60 -8.16
N ILE A 44 -2.44 4.22 -8.77
CA ILE A 44 -1.32 5.14 -8.94
C ILE A 44 -1.28 5.70 -10.36
N THR A 45 -2.04 5.07 -11.26
CA THR A 45 -2.08 5.51 -12.65
C THR A 45 -3.37 6.29 -12.94
N THR A 46 -4.51 5.67 -12.65
CA THR A 46 -5.80 6.30 -12.88
C THR A 46 -5.98 7.52 -11.99
N ILE A 47 -5.17 7.60 -10.94
CA ILE A 47 -5.23 8.72 -10.00
C ILE A 47 -3.87 9.39 -9.85
N SER A 48 -3.85 10.71 -9.93
CA SER A 48 -2.61 11.47 -9.80
C SER A 48 -2.56 12.21 -8.46
N ASP A 49 -3.73 12.63 -7.97
CA ASP A 49 -3.82 13.35 -6.71
C ASP A 49 -4.52 12.48 -5.66
N PRO A 50 -3.76 11.57 -5.04
CA PRO A 50 -4.27 10.68 -4.00
C PRO A 50 -4.62 11.42 -2.71
N MET A 51 -5.69 10.98 -2.05
CA MET A 51 -6.12 11.61 -0.80
C MET A 51 -5.50 10.90 0.40
N GLU A 52 -5.40 11.61 1.51
CA GLU A 52 -4.82 11.07 2.73
C GLU A 52 -5.49 9.74 3.09
N GLU A 53 -6.80 9.66 2.88
CA GLU A 53 -7.55 8.45 3.19
C GLU A 53 -7.14 7.31 2.27
N ASP A 54 -7.05 7.61 0.97
CA ASP A 54 -6.66 6.61 -0.02
C ASP A 54 -5.31 6.00 0.33
N ILE A 55 -4.35 6.85 0.66
CA ILE A 55 -3.00 6.40 1.01
C ILE A 55 -2.99 5.72 2.38
N LEU A 56 -3.73 6.29 3.32
CA LEU A 56 -3.81 5.75 4.67
C LEU A 56 -4.23 4.29 4.65
N GLN A 57 -5.17 3.96 3.76
CA GLN A 57 -5.65 2.60 3.63
C GLN A 57 -4.50 1.62 3.42
N VAL A 58 -3.45 2.09 2.77
CA VAL A 58 -2.28 1.27 2.50
C VAL A 58 -1.47 1.03 3.78
N VAL A 59 -1.43 2.03 4.64
CA VAL A 59 -0.70 1.92 5.90
C VAL A 59 -1.26 0.81 6.79
N ARG A 60 -2.58 0.85 6.98
CA ARG A 60 -3.24 -0.16 7.80
C ARG A 60 -3.02 -1.55 7.25
N TYR A 61 -2.80 -1.63 5.94
CA TYR A 61 -2.58 -2.91 5.28
C TYR A 61 -1.17 -3.44 5.57
N CYS A 62 -0.17 -2.61 5.30
CA CYS A 62 1.22 -2.99 5.54
C CYS A 62 1.49 -3.19 7.02
N THR A 63 0.97 -2.27 7.83
CA THR A 63 1.16 -2.35 9.28
C THR A 63 0.64 -3.67 9.83
N ASP A 64 -0.34 -4.23 9.16
CA ASP A 64 -0.94 -5.50 9.59
C ASP A 64 0.01 -6.67 9.28
N LEU A 65 0.71 -6.57 8.15
CA LEU A 65 1.64 -7.62 7.74
C LEU A 65 2.64 -7.91 8.86
N ILE A 66 3.01 -6.87 9.60
CA ILE A 66 3.97 -7.01 10.70
C ILE A 66 3.41 -7.92 11.79
N GLU A 67 2.16 -7.69 12.16
CA GLU A 67 1.51 -8.48 13.21
C GLU A 67 1.16 -9.87 12.69
N GLU A 68 0.80 -9.94 11.42
CA GLU A 68 0.44 -11.21 10.79
C GLU A 68 1.67 -11.99 10.36
N LYS A 69 2.83 -11.32 10.41
CA LYS A 69 4.09 -11.94 10.03
C LYS A 69 4.09 -12.29 8.55
N ASP A 70 3.56 -11.38 7.73
CA ASP A 70 3.50 -11.59 6.29
C ASP A 70 4.41 -10.61 5.57
N LEU A 71 5.54 -10.29 6.18
CA LEU A 71 6.50 -9.36 5.58
C LEU A 71 6.89 -9.80 4.17
N GLU A 72 6.73 -11.08 3.90
CA GLU A 72 7.06 -11.64 2.58
C GLU A 72 6.41 -10.80 1.47
N LYS A 73 5.12 -10.54 1.62
CA LYS A 73 4.38 -9.76 0.63
C LYS A 73 4.66 -8.27 0.79
N LEU A 74 5.08 -7.89 1.99
CA LEU A 74 5.38 -6.48 2.28
C LEU A 74 6.46 -5.96 1.35
N ASP A 75 7.61 -6.63 1.34
CA ASP A 75 8.73 -6.22 0.49
C ASP A 75 8.30 -6.21 -0.98
N LEU A 76 7.34 -7.06 -1.33
CA LEU A 76 6.85 -7.14 -2.70
C LEU A 76 5.93 -5.97 -3.02
N VAL A 77 5.04 -5.66 -2.09
CA VAL A 77 4.10 -4.55 -2.27
C VAL A 77 4.81 -3.20 -2.21
N ILE A 78 5.77 -3.09 -1.29
CA ILE A 78 6.53 -1.86 -1.12
C ILE A 78 7.39 -1.57 -2.35
N LYS A 79 8.18 -2.56 -2.75
CA LYS A 79 9.05 -2.41 -3.92
C LYS A 79 8.23 -2.23 -5.19
N TYR A 80 7.01 -2.74 -5.17
CA TYR A 80 6.12 -2.64 -6.33
C TYR A 80 5.45 -1.27 -6.39
N MET A 81 4.99 -0.80 -5.23
CA MET A 81 4.33 0.49 -5.14
C MET A 81 5.34 1.63 -5.26
N LYS A 82 6.54 1.39 -4.75
CA LYS A 82 7.60 2.40 -4.80
C LYS A 82 8.11 2.60 -6.22
N ARG A 83 8.08 1.52 -7.01
CA ARG A 83 8.53 1.57 -8.39
C ARG A 83 7.56 2.35 -9.26
N LEU A 84 6.29 2.34 -8.87
CA LEU A 84 5.25 3.06 -9.61
C LEU A 84 5.22 4.53 -9.21
N MET A 85 5.10 4.77 -7.92
CA MET A 85 5.06 6.14 -7.40
C MET A 85 6.30 6.92 -7.81
N GLN A 86 7.40 6.20 -8.02
CA GLN A 86 8.66 6.83 -8.42
C GLN A 86 8.66 7.15 -9.90
N GLN A 87 8.30 6.16 -10.72
CA GLN A 87 8.26 6.35 -12.16
C GLN A 87 7.10 7.24 -12.57
N SER A 88 6.21 7.52 -11.62
CA SER A 88 5.05 8.36 -11.87
C SER A 88 5.48 9.71 -12.45
N VAL A 89 4.50 10.53 -12.80
CA VAL A 89 4.77 11.85 -13.36
C VAL A 89 4.65 12.93 -12.29
N GLU A 90 3.76 12.71 -11.32
CA GLU A 90 3.57 13.67 -10.24
C GLU A 90 4.58 13.44 -9.12
N SER A 91 5.22 14.53 -8.69
CA SER A 91 6.21 14.45 -7.62
C SER A 91 5.55 14.15 -6.28
N VAL A 92 4.29 14.54 -6.16
CA VAL A 92 3.53 14.31 -4.93
C VAL A 92 3.49 12.83 -4.57
N TRP A 93 3.65 11.98 -5.58
CA TRP A 93 3.63 10.53 -5.37
C TRP A 93 4.86 10.08 -4.58
N ASN A 94 6.00 10.74 -4.82
CA ASN A 94 7.23 10.40 -4.14
C ASN A 94 7.06 10.51 -2.62
N MET A 95 6.36 11.55 -2.18
CA MET A 95 6.13 11.77 -0.76
C MET A 95 5.12 10.77 -0.22
N ALA A 96 4.12 10.44 -1.03
CA ALA A 96 3.10 9.48 -0.64
C ALA A 96 3.71 8.17 -0.14
N PHE A 97 4.70 7.68 -0.88
CA PHE A 97 5.37 6.44 -0.52
C PHE A 97 6.03 6.56 0.86
N ASP A 98 6.64 7.71 1.12
CA ASP A 98 7.30 7.94 2.40
C ASP A 98 6.28 8.04 3.52
N PHE A 99 5.12 8.61 3.22
CA PHE A 99 4.06 8.76 4.21
C PHE A 99 3.65 7.41 4.79
N ILE A 100 3.46 6.43 3.92
CA ILE A 100 3.07 5.09 4.35
C ILE A 100 4.20 4.41 5.13
N LEU A 101 5.43 4.60 4.67
CA LEU A 101 6.59 4.01 5.33
C LEU A 101 6.80 4.63 6.71
N ASP A 102 6.53 5.93 6.81
CA ASP A 102 6.69 6.64 8.08
C ASP A 102 5.80 6.03 9.16
N ASN A 103 4.72 5.39 8.74
CA ASN A 103 3.79 4.76 9.68
C ASN A 103 4.06 3.26 9.78
N VAL A 104 4.33 2.63 8.64
CA VAL A 104 4.60 1.20 8.61
C VAL A 104 5.97 0.89 9.19
N GLN A 105 7.01 1.47 8.59
CA GLN A 105 8.37 1.25 9.05
C GLN A 105 8.48 1.45 10.56
N VAL A 106 7.62 2.30 11.10
CA VAL A 106 7.61 2.57 12.53
C VAL A 106 7.07 1.38 13.32
N VAL A 107 5.88 0.94 12.97
CA VAL A 107 5.26 -0.19 13.65
C VAL A 107 6.02 -1.49 13.38
N LEU A 108 6.71 -1.53 12.23
CA LEU A 108 7.48 -2.70 11.86
C LEU A 108 8.76 -2.80 12.68
N GLN A 109 9.39 -1.65 12.94
CA GLN A 109 10.62 -1.60 13.71
C GLN A 109 10.37 -1.99 15.16
N GLN A 110 9.25 -1.51 15.71
CA GLN A 110 8.89 -1.81 17.09
C GLN A 110 8.62 -3.29 17.27
N THR A 111 8.46 -4.00 16.17
CA THR A 111 8.19 -5.43 16.20
C THR A 111 9.47 -6.24 16.04
N TYR A 112 10.14 -6.05 14.91
CA TYR A 112 11.38 -6.76 14.63
C TYR A 112 12.59 -5.85 14.82
N GLY A 113 12.47 -4.61 14.36
CA GLY A 113 13.55 -3.66 14.48
C GLY A 113 14.19 -3.32 13.15
N SER A 114 13.89 -4.12 12.14
CA SER A 114 14.45 -3.90 10.80
C SER A 114 13.50 -3.06 9.96
N THR A 115 13.83 -2.92 8.67
CA THR A 115 13.01 -2.14 7.75
C THR A 115 13.16 -2.64 6.32
N LEU A 116 12.49 -1.97 5.40
CA LEU A 116 12.56 -2.35 3.99
C LEU A 116 13.77 -1.70 3.30
N LYS A 117 14.23 -2.32 2.23
CA LYS A 117 15.38 -1.81 1.48
C LYS A 117 14.93 -1.14 0.19
N VAL A 118 14.88 0.19 0.21
CA VAL A 118 14.46 0.95 -0.96
C VAL A 118 15.58 1.87 -1.44
N THR A 119 16.37 1.39 -2.40
CA THR A 119 17.48 2.17 -2.93
C THR A 119 17.02 3.55 -3.37
N LYS B 7 -14.42 9.09 2.33
CA LYS B 7 -14.41 8.70 0.92
C LYS B 7 -12.99 8.34 0.47
N SER B 8 -12.90 7.54 -0.59
CA SER B 8 -11.62 7.11 -1.12
C SER B 8 -11.80 6.26 -2.38
N PHE B 9 -10.69 5.96 -3.04
CA PHE B 9 -10.73 5.16 -4.26
C PHE B 9 -10.86 3.67 -3.93
N PHE B 10 -10.00 3.19 -3.05
CA PHE B 10 -10.01 1.78 -2.65
C PHE B 10 -11.38 1.39 -2.10
N ASP B 11 -12.10 2.39 -1.58
CA ASP B 11 -13.43 2.15 -1.02
C ASP B 11 -14.46 1.92 -2.12
N LYS B 12 -14.42 2.77 -3.15
CA LYS B 12 -15.35 2.65 -4.27
C LYS B 12 -14.93 1.54 -5.22
N LYS B 13 -13.67 1.14 -5.12
CA LYS B 13 -13.12 0.08 -5.96
C LYS B 13 -13.45 -1.29 -5.39
N ARG B 14 -13.36 -1.41 -4.06
CA ARG B 14 -13.64 -2.67 -3.39
C ARG B 14 -15.01 -3.22 -3.80
N SER B 15 -15.93 -2.32 -4.12
CA SER B 15 -17.27 -2.70 -4.53
C SER B 15 -17.22 -3.60 -5.76
N GLU B 16 -16.69 -3.07 -6.86
CA GLU B 16 -16.59 -3.81 -8.10
C GLU B 16 -15.86 -5.13 -7.88
N ARG B 17 -14.93 -5.13 -6.94
CA ARG B 17 -14.15 -6.33 -6.63
C ARG B 17 -15.03 -7.41 -6.01
N ILE B 18 -15.81 -7.02 -5.01
CA ILE B 18 -16.70 -7.95 -4.33
C ILE B 18 -17.61 -8.67 -5.32
N SER B 19 -17.88 -8.01 -6.45
CA SER B 19 -18.74 -8.58 -7.48
C SER B 19 -17.91 -9.09 -8.66
N ASN B 20 -18.52 -9.93 -9.48
CA ASN B 20 -17.85 -10.50 -10.65
C ASN B 20 -17.74 -9.47 -11.76
N ALA A 23 -10.48 -11.14 9.00
CA ALA A 23 -9.68 -10.07 9.56
C ALA A 23 -8.23 -10.15 9.10
N ALA A 24 -8.04 -10.62 7.87
CA ALA A 24 -6.70 -10.75 7.31
C ALA A 24 -6.29 -9.47 6.58
N PRO A 25 -4.97 -9.30 6.39
CA PRO A 25 -4.42 -8.13 5.70
C PRO A 25 -4.74 -8.11 4.22
N ASN A 26 -5.82 -7.43 3.86
CA ASN A 26 -6.23 -7.33 2.46
C ASN A 26 -6.38 -5.88 2.03
N LEU A 27 -6.15 -5.62 0.75
CA LEU A 27 -6.25 -4.27 0.21
C LEU A 27 -7.54 -4.11 -0.60
N ALA A 28 -8.46 -3.30 -0.09
CA ALA A 28 -9.73 -3.06 -0.76
C ALA A 28 -10.45 -4.36 -1.07
N GLY A 29 -10.22 -5.37 -0.22
CA GLY A 29 -10.85 -6.66 -0.41
C GLY A 29 -9.98 -7.62 -1.19
N ALA A 30 -8.70 -7.28 -1.35
CA ALA A 30 -7.78 -8.13 -2.08
C ALA A 30 -6.84 -8.87 -1.12
N VAL A 31 -6.99 -10.20 -1.07
CA VAL A 31 -6.16 -11.02 -0.20
C VAL A 31 -4.87 -11.42 -0.89
N GLU A 32 -4.99 -11.88 -2.13
CA GLU A 32 -3.82 -12.31 -2.90
C GLU A 32 -2.93 -11.11 -3.24
N PHE A 33 -1.62 -11.37 -3.32
CA PHE A 33 -0.66 -10.31 -3.63
C PHE A 33 -0.92 -9.74 -5.02
N SER A 34 -1.05 -10.61 -6.00
CA SER A 34 -1.30 -10.19 -7.38
C SER A 34 -2.47 -9.22 -7.44
N ASP A 35 -3.50 -9.48 -6.64
CA ASP A 35 -4.68 -8.63 -6.60
C ASP A 35 -4.37 -7.29 -5.92
N VAL A 36 -3.43 -7.32 -4.98
CA VAL A 36 -3.04 -6.11 -4.26
C VAL A 36 -2.22 -5.18 -5.14
N LYS A 37 -1.11 -5.71 -5.67
CA LYS A 37 -0.25 -4.92 -6.54
C LYS A 37 -1.01 -4.36 -7.73
N THR A 38 -2.00 -5.12 -8.21
CA THR A 38 -2.80 -4.71 -9.35
C THR A 38 -3.65 -3.48 -8.99
N LEU A 39 -4.16 -3.45 -7.76
CA LEU A 39 -4.97 -2.33 -7.31
C LEU A 39 -4.13 -1.07 -7.13
N LEU A 40 -2.90 -1.26 -6.67
CA LEU A 40 -1.99 -0.14 -6.45
C LEU A 40 -1.50 0.44 -7.78
N LYS A 41 -1.11 -0.44 -8.69
CA LYS A 41 -0.63 -0.03 -10.00
C LYS A 41 -1.63 0.91 -10.68
N GLU A 42 -2.90 0.56 -10.58
CA GLU A 42 -3.97 1.36 -11.18
C GLU A 42 -4.25 2.60 -10.34
N TRP A 43 -4.28 2.42 -9.03
CA TRP A 43 -4.54 3.53 -8.10
C TRP A 43 -3.44 4.58 -8.19
N ILE A 44 -2.32 4.22 -8.80
CA ILE A 44 -1.20 5.13 -8.95
C ILE A 44 -1.14 5.70 -10.36
N THR A 45 -1.90 5.10 -11.27
CA THR A 45 -1.93 5.54 -12.65
C THR A 45 -3.22 6.32 -12.95
N THR A 46 -4.36 5.69 -12.69
CA THR A 46 -5.65 6.33 -12.93
C THR A 46 -5.85 7.51 -11.99
N ILE A 47 -5.05 7.58 -10.94
CA ILE A 47 -5.16 8.67 -9.97
C ILE A 47 -3.80 9.32 -9.75
N SER A 48 -3.74 10.64 -9.91
CA SER A 48 -2.50 11.38 -9.72
C SER A 48 -2.54 12.19 -8.44
N ASP A 49 -3.75 12.54 -8.00
CA ASP A 49 -3.93 13.31 -6.78
C ASP A 49 -4.61 12.47 -5.69
N PRO A 50 -3.83 11.59 -5.05
CA PRO A 50 -4.33 10.71 -3.99
C PRO A 50 -4.68 11.48 -2.72
N MET A 51 -5.65 10.96 -1.98
CA MET A 51 -6.08 11.59 -0.73
C MET A 51 -5.43 10.93 0.48
N GLU A 52 -5.38 11.65 1.59
CA GLU A 52 -4.78 11.13 2.82
C GLU A 52 -5.42 9.80 3.21
N GLU A 53 -6.74 9.72 3.06
CA GLU A 53 -7.47 8.51 3.41
C GLU A 53 -7.06 7.35 2.51
N ASP A 54 -7.03 7.60 1.20
CA ASP A 54 -6.65 6.58 0.23
C ASP A 54 -5.28 6.00 0.56
N ILE A 55 -4.31 6.89 0.78
CA ILE A 55 -2.95 6.47 1.10
C ILE A 55 -2.89 5.80 2.47
N LEU A 56 -3.76 6.23 3.38
CA LEU A 56 -3.81 5.67 4.72
C LEU A 56 -4.20 4.20 4.69
N GLN A 57 -5.12 3.86 3.78
CA GLN A 57 -5.58 2.49 3.65
C GLN A 57 -4.41 1.53 3.43
N VAL A 58 -3.37 2.03 2.76
CA VAL A 58 -2.19 1.22 2.48
C VAL A 58 -1.38 0.99 3.76
N VAL A 59 -1.37 1.99 4.63
CA VAL A 59 -0.63 1.88 5.89
C VAL A 59 -1.20 0.78 6.77
N ARG A 60 -2.51 0.81 6.97
CA ARG A 60 -3.18 -0.20 7.79
C ARG A 60 -2.96 -1.60 7.24
N TYR A 61 -2.74 -1.68 5.93
CA TYR A 61 -2.52 -2.97 5.27
C TYR A 61 -1.11 -3.48 5.56
N CYS A 62 -0.11 -2.66 5.27
CA CYS A 62 1.28 -3.03 5.51
C CYS A 62 1.55 -3.24 6.99
N THR A 63 1.03 -2.32 7.81
CA THR A 63 1.23 -2.40 9.25
C THR A 63 0.70 -3.72 9.81
N ASP A 64 -0.30 -4.28 9.14
CA ASP A 64 -0.89 -5.55 9.56
C ASP A 64 0.05 -6.71 9.26
N LEU A 65 0.74 -6.63 8.13
CA LEU A 65 1.66 -7.67 7.72
C LEU A 65 2.69 -7.96 8.82
N ILE A 66 3.06 -6.93 9.56
CA ILE A 66 4.02 -7.07 10.64
C ILE A 66 3.49 -7.98 11.74
N GLU A 67 2.25 -7.73 12.17
CA GLU A 67 1.62 -8.53 13.21
C GLU A 67 1.22 -9.90 12.67
N GLU A 68 0.86 -9.95 11.39
CA GLU A 68 0.45 -11.19 10.75
C GLU A 68 1.66 -12.00 10.31
N LYS A 69 2.83 -11.38 10.39
CA LYS A 69 4.08 -12.04 9.99
C LYS A 69 4.06 -12.38 8.51
N ASP A 70 3.55 -11.45 7.70
CA ASP A 70 3.48 -11.65 6.25
C ASP A 70 4.40 -10.67 5.52
N LEU A 71 5.54 -10.38 6.13
CA LEU A 71 6.50 -9.45 5.54
C LEU A 71 6.88 -9.89 4.13
N GLU A 72 6.70 -11.17 3.84
CA GLU A 72 7.01 -11.71 2.52
C GLU A 72 6.37 -10.87 1.42
N LYS A 73 5.08 -10.60 1.58
CA LYS A 73 4.34 -9.82 0.60
C LYS A 73 4.63 -8.33 0.78
N LEU A 74 5.05 -7.95 1.97
CA LEU A 74 5.36 -6.55 2.28
C LEU A 74 6.45 -6.03 1.34
N ASP A 75 7.61 -6.66 1.38
CA ASP A 75 8.74 -6.25 0.54
C ASP A 75 8.34 -6.27 -0.93
N LEU A 76 7.36 -7.11 -1.28
CA LEU A 76 6.89 -7.22 -2.65
C LEU A 76 5.99 -6.05 -3.02
N VAL A 77 5.08 -5.71 -2.11
CA VAL A 77 4.15 -4.61 -2.33
C VAL A 77 4.87 -3.26 -2.24
N ILE A 78 5.83 -3.17 -1.32
CA ILE A 78 6.59 -1.95 -1.14
C ILE A 78 7.45 -1.65 -2.36
N LYS A 79 8.26 -2.62 -2.76
CA LYS A 79 9.14 -2.46 -3.91
C LYS A 79 8.33 -2.29 -5.19
N TYR A 80 7.11 -2.79 -5.18
CA TYR A 80 6.22 -2.69 -6.34
C TYR A 80 5.55 -1.32 -6.40
N MET A 81 5.06 -0.86 -5.26
CA MET A 81 4.40 0.43 -5.16
C MET A 81 5.41 1.58 -5.26
N LYS A 82 6.61 1.33 -4.73
CA LYS A 82 7.67 2.34 -4.76
C LYS A 82 8.19 2.54 -6.18
N ARG A 83 8.17 1.48 -6.97
CA ARG A 83 8.64 1.54 -8.35
C ARG A 83 7.67 2.34 -9.23
N LEU A 84 6.39 2.31 -8.86
CA LEU A 84 5.37 3.04 -9.60
C LEU A 84 5.32 4.50 -9.19
N MET A 85 5.13 4.74 -7.90
CA MET A 85 5.07 6.10 -7.38
C MET A 85 6.32 6.89 -7.78
N GLN A 86 7.42 6.19 -7.98
CA GLN A 86 8.67 6.82 -8.36
C GLN A 86 8.68 7.14 -9.86
N GLN A 87 8.17 6.21 -10.66
CA GLN A 87 8.12 6.41 -12.11
C GLN A 87 6.83 7.11 -12.52
N SER A 88 6.10 7.61 -11.54
CA SER A 88 4.84 8.31 -11.79
C SER A 88 5.10 9.63 -12.50
N VAL A 89 4.02 10.38 -12.75
CA VAL A 89 4.12 11.67 -13.42
C VAL A 89 4.08 12.81 -12.40
N GLU A 90 3.36 12.60 -11.31
CA GLU A 90 3.25 13.62 -10.26
C GLU A 90 4.25 13.36 -9.14
N SER A 91 5.14 14.31 -8.92
CA SER A 91 6.15 14.18 -7.89
C SER A 91 5.51 13.94 -6.52
N VAL A 92 4.27 14.39 -6.38
CA VAL A 92 3.54 14.22 -5.13
C VAL A 92 3.49 12.75 -4.71
N TRP A 93 3.48 11.86 -5.70
CA TRP A 93 3.43 10.43 -5.45
C TRP A 93 4.67 9.98 -4.68
N ASN A 94 5.81 10.57 -5.00
CA ASN A 94 7.07 10.22 -4.35
C ASN A 94 6.95 10.38 -2.83
N MET A 95 6.28 11.44 -2.41
CA MET A 95 6.10 11.71 -0.98
C MET A 95 5.08 10.74 -0.38
N ALA A 96 4.07 10.38 -1.16
CA ALA A 96 3.04 9.45 -0.71
C ALA A 96 3.65 8.15 -0.19
N PHE A 97 4.67 7.67 -0.90
CA PHE A 97 5.35 6.43 -0.52
C PHE A 97 5.98 6.56 0.86
N ASP A 98 6.72 7.64 1.06
CA ASP A 98 7.38 7.89 2.33
C ASP A 98 6.37 7.99 3.47
N PHE A 99 5.22 8.60 3.19
CA PHE A 99 4.17 8.76 4.17
C PHE A 99 3.76 7.41 4.76
N ILE A 100 3.60 6.43 3.90
CA ILE A 100 3.21 5.08 4.33
C ILE A 100 4.32 4.43 5.15
N LEU A 101 5.54 4.50 4.64
CA LEU A 101 6.69 3.92 5.33
C LEU A 101 6.87 4.55 6.70
N ASP A 102 6.63 5.84 6.79
CA ASP A 102 6.76 6.57 8.05
C ASP A 102 5.86 5.96 9.13
N ASN A 103 4.79 5.32 8.69
CA ASN A 103 3.85 4.69 9.61
C ASN A 103 4.12 3.20 9.74
N VAL A 104 4.38 2.55 8.61
CA VAL A 104 4.66 1.12 8.59
C VAL A 104 6.03 0.82 9.20
N GLN A 105 7.08 1.40 8.62
CA GLN A 105 8.44 1.20 9.10
C GLN A 105 8.51 1.40 10.61
N VAL A 106 7.63 2.25 11.13
CA VAL A 106 7.61 2.54 12.55
C VAL A 106 7.05 1.35 13.35
N VAL A 107 5.86 0.90 12.97
CA VAL A 107 5.22 -0.23 13.64
C VAL A 107 6.00 -1.52 13.39
N LEU A 108 6.72 -1.56 12.28
CA LEU A 108 7.51 -2.75 11.93
C LEU A 108 8.76 -2.85 12.80
N GLN A 109 9.36 -1.70 13.08
CA GLN A 109 10.57 -1.65 13.91
C GLN A 109 10.26 -2.06 15.35
N GLN A 110 9.12 -1.59 15.86
CA GLN A 110 8.71 -1.90 17.22
C GLN A 110 8.45 -3.39 17.38
N THR A 111 8.33 -4.09 16.26
CA THR A 111 8.08 -5.53 16.28
C THR A 111 9.37 -6.32 16.14
N TYR A 112 10.06 -6.11 15.03
CA TYR A 112 11.33 -6.80 14.78
C TYR A 112 12.52 -5.89 15.05
N GLY A 113 12.41 -4.64 14.60
CA GLY A 113 13.48 -3.69 14.79
C GLY A 113 14.17 -3.31 13.50
N SER A 114 13.92 -4.10 12.45
CA SER A 114 14.54 -3.83 11.15
C SER A 114 13.60 -3.02 10.26
N THR A 115 14.00 -2.83 9.01
CA THR A 115 13.20 -2.06 8.06
C THR A 115 13.45 -2.52 6.63
N LEU A 116 12.81 -1.85 5.68
CA LEU A 116 12.97 -2.19 4.27
C LEU A 116 14.01 -1.30 3.61
N LYS A 117 14.74 -1.85 2.64
CA LYS A 117 15.77 -1.11 1.93
C LYS A 117 15.25 -0.65 0.56
N VAL A 118 14.91 0.64 0.47
CA VAL A 118 14.40 1.20 -0.77
C VAL A 118 15.36 2.26 -1.32
N THR A 119 16.06 1.91 -2.40
CA THR A 119 17.01 2.81 -3.03
C THR A 119 16.33 4.12 -3.45
N LYS B 7 -14.85 9.24 1.50
CA LYS B 7 -14.62 9.23 0.06
C LYS B 7 -13.20 8.74 -0.27
N SER B 8 -13.10 7.89 -1.28
CA SER B 8 -11.81 7.34 -1.67
C SER B 8 -11.95 6.42 -2.88
N PHE B 9 -10.83 6.06 -3.49
CA PHE B 9 -10.83 5.19 -4.65
C PHE B 9 -10.93 3.72 -4.23
N PHE B 10 -10.22 3.38 -3.16
CA PHE B 10 -10.22 2.01 -2.65
C PHE B 10 -11.61 1.62 -2.14
N ASP B 11 -12.38 2.61 -1.72
CA ASP B 11 -13.72 2.38 -1.20
C ASP B 11 -14.70 2.11 -2.34
N LYS B 12 -14.59 2.89 -3.41
CA LYS B 12 -15.46 2.74 -4.56
C LYS B 12 -15.04 1.54 -5.41
N LYS B 13 -13.77 1.18 -5.30
CA LYS B 13 -13.24 0.05 -6.06
C LYS B 13 -13.54 -1.27 -5.36
N ARG B 14 -13.22 -1.32 -4.06
CA ARG B 14 -13.45 -2.52 -3.27
C ARG B 14 -14.90 -2.98 -3.39
N SER B 15 -15.82 -2.02 -3.55
CA SER B 15 -17.23 -2.32 -3.67
C SER B 15 -17.49 -3.23 -4.86
N GLU B 16 -17.02 -2.81 -6.04
CA GLU B 16 -17.21 -3.59 -7.25
C GLU B 16 -16.52 -4.94 -7.14
N ARG B 17 -15.42 -4.98 -6.39
CA ARG B 17 -14.67 -6.22 -6.21
C ARG B 17 -15.45 -7.22 -5.37
N ILE B 18 -16.33 -6.70 -4.51
CA ILE B 18 -17.14 -7.55 -3.65
C ILE B 18 -18.34 -8.12 -4.40
N SER B 19 -19.12 -7.23 -5.02
CA SER B 19 -20.30 -7.64 -5.76
C SER B 19 -19.94 -7.92 -7.23
N ASN B 20 -20.93 -8.31 -8.01
CA ASN B 20 -20.73 -8.61 -9.41
C ASN B 20 -21.90 -8.13 -10.26
N ALA A 23 -10.57 -9.96 8.96
CA ALA A 23 -9.53 -9.50 9.88
C ALA A 23 -8.14 -9.87 9.37
N ALA A 24 -7.97 -9.83 8.05
CA ALA A 24 -6.69 -10.15 7.45
C ALA A 24 -6.13 -8.97 6.64
N PRO A 25 -4.83 -8.99 6.39
CA PRO A 25 -4.16 -7.93 5.64
C PRO A 25 -4.54 -7.94 4.15
N ASN A 26 -5.65 -7.27 3.84
CA ASN A 26 -6.12 -7.20 2.46
C ASN A 26 -6.30 -5.75 2.03
N LEU A 27 -6.15 -5.50 0.73
CA LEU A 27 -6.30 -4.16 0.17
C LEU A 27 -7.60 -4.03 -0.61
N ALA A 28 -8.51 -3.21 -0.10
CA ALA A 28 -9.79 -2.99 -0.76
C ALA A 28 -10.52 -4.32 -0.99
N GLY A 29 -10.24 -5.29 -0.14
CA GLY A 29 -10.88 -6.59 -0.27
C GLY A 29 -10.02 -7.57 -1.06
N ALA A 30 -8.76 -7.22 -1.27
CA ALA A 30 -7.84 -8.09 -2.00
C ALA A 30 -6.88 -8.80 -1.06
N VAL A 31 -7.01 -10.12 -0.97
CA VAL A 31 -6.15 -10.91 -0.10
C VAL A 31 -4.91 -11.40 -0.85
N GLU A 32 -5.09 -11.74 -2.12
CA GLU A 32 -3.98 -12.21 -2.94
C GLU A 32 -3.03 -11.07 -3.28
N PHE A 33 -1.74 -11.39 -3.33
CA PHE A 33 -0.71 -10.38 -3.64
C PHE A 33 -0.93 -9.81 -5.04
N SER A 34 -1.07 -10.70 -6.02
CA SER A 34 -1.26 -10.28 -7.40
C SER A 34 -2.43 -9.30 -7.51
N ASP A 35 -3.46 -9.52 -6.71
CA ASP A 35 -4.64 -8.66 -6.71
C ASP A 35 -4.32 -7.32 -6.03
N VAL A 36 -3.40 -7.34 -5.07
CA VAL A 36 -3.02 -6.14 -4.36
C VAL A 36 -2.20 -5.21 -5.24
N LYS A 37 -1.10 -5.72 -5.78
CA LYS A 37 -0.23 -4.94 -6.64
C LYS A 37 -1.00 -4.38 -7.84
N THR A 38 -2.00 -5.14 -8.29
CA THR A 38 -2.83 -4.73 -9.42
C THR A 38 -3.66 -3.49 -9.08
N LEU A 39 -4.19 -3.47 -7.86
CA LEU A 39 -5.01 -2.34 -7.41
C LEU A 39 -4.15 -1.10 -7.21
N LEU A 40 -2.92 -1.29 -6.76
CA LEU A 40 -2.00 -0.18 -6.53
C LEU A 40 -1.52 0.40 -7.86
N LYS A 41 -1.11 -0.46 -8.78
CA LYS A 41 -0.64 -0.03 -10.08
C LYS A 41 -1.64 0.90 -10.75
N GLU A 42 -2.91 0.55 -10.66
CA GLU A 42 -3.98 1.36 -11.25
C GLU A 42 -4.27 2.59 -10.40
N TRP A 43 -4.31 2.39 -9.09
CA TRP A 43 -4.58 3.48 -8.16
C TRP A 43 -3.48 4.54 -8.23
N ILE A 44 -2.36 4.18 -8.83
CA ILE A 44 -1.23 5.10 -8.97
C ILE A 44 -1.17 5.69 -10.37
N THR A 45 -1.92 5.10 -11.29
CA THR A 45 -1.95 5.56 -12.67
C THR A 45 -3.23 6.34 -12.95
N THR A 46 -4.37 5.70 -12.71
CA THR A 46 -5.66 6.34 -12.94
C THR A 46 -5.89 7.52 -12.00
N ILE A 47 -5.07 7.58 -10.94
CA ILE A 47 -5.18 8.66 -9.97
C ILE A 47 -3.82 9.30 -9.72
N SER A 48 -3.77 10.63 -9.84
CA SER A 48 -2.53 11.37 -9.63
C SER A 48 -2.58 12.13 -8.30
N ASP A 49 -3.78 12.44 -7.84
CA ASP A 49 -3.95 13.16 -6.58
C ASP A 49 -4.70 12.30 -5.57
N PRO A 50 -3.97 11.41 -4.89
CA PRO A 50 -4.54 10.51 -3.88
C PRO A 50 -4.97 11.26 -2.62
N MET A 51 -6.01 10.76 -1.97
CA MET A 51 -6.52 11.38 -0.74
C MET A 51 -5.84 10.80 0.49
N GLU A 52 -5.76 11.59 1.55
CA GLU A 52 -5.13 11.15 2.79
C GLU A 52 -5.72 9.83 3.26
N GLU A 53 -7.02 9.64 3.01
CA GLU A 53 -7.70 8.42 3.41
C GLU A 53 -7.27 7.25 2.55
N ASP A 54 -7.25 7.45 1.23
CA ASP A 54 -6.85 6.41 0.30
C ASP A 54 -5.47 5.88 0.63
N ILE A 55 -4.53 6.80 0.85
CA ILE A 55 -3.16 6.42 1.19
C ILE A 55 -3.09 5.71 2.54
N LEU A 56 -3.99 6.09 3.44
CA LEU A 56 -4.02 5.49 4.77
C LEU A 56 -4.34 4.00 4.69
N GLN A 57 -5.24 3.64 3.77
CA GLN A 57 -5.62 2.24 3.59
C GLN A 57 -4.39 1.37 3.35
N VAL A 58 -3.38 1.94 2.70
CA VAL A 58 -2.15 1.21 2.40
C VAL A 58 -1.34 0.98 3.67
N VAL A 59 -1.38 1.94 4.59
CA VAL A 59 -0.65 1.84 5.84
C VAL A 59 -1.19 0.70 6.70
N ARG A 60 -2.50 0.69 6.90
CA ARG A 60 -3.14 -0.34 7.70
C ARG A 60 -2.90 -1.73 7.10
N TYR A 61 -2.69 -1.76 5.79
CA TYR A 61 -2.45 -3.02 5.09
C TYR A 61 -1.04 -3.54 5.36
N CYS A 62 -0.05 -2.69 5.15
CA CYS A 62 1.35 -3.06 5.37
C CYS A 62 1.61 -3.27 6.86
N THR A 63 1.13 -2.34 7.69
CA THR A 63 1.33 -2.44 9.13
C THR A 63 0.79 -3.75 9.68
N ASP A 64 -0.18 -4.32 8.99
CA ASP A 64 -0.78 -5.59 9.40
C ASP A 64 0.17 -6.75 9.14
N LEU A 65 0.88 -6.68 8.02
CA LEU A 65 1.82 -7.73 7.64
C LEU A 65 2.83 -7.98 8.76
N ILE A 66 3.17 -6.92 9.49
CA ILE A 66 4.12 -7.02 10.59
C ILE A 66 3.58 -7.92 11.70
N GLU A 67 2.31 -7.72 12.05
CA GLU A 67 1.67 -8.50 13.10
C GLU A 67 1.36 -9.91 12.61
N GLU A 68 1.01 -10.02 11.33
CA GLU A 68 0.69 -11.32 10.74
C GLU A 68 1.96 -12.06 10.33
N LYS A 69 3.09 -11.36 10.39
CA LYS A 69 4.37 -11.95 10.01
C LYS A 69 4.40 -12.32 8.54
N ASP A 70 3.84 -11.44 7.71
CA ASP A 70 3.80 -11.67 6.26
C ASP A 70 4.67 -10.67 5.53
N LEU A 71 5.81 -10.31 6.15
CA LEU A 71 6.73 -9.35 5.54
C LEU A 71 7.13 -9.78 4.14
N GLU A 72 7.00 -11.08 3.86
CA GLU A 72 7.34 -11.62 2.55
C GLU A 72 6.67 -10.81 1.44
N LYS A 73 5.37 -10.57 1.60
CA LYS A 73 4.61 -9.81 0.60
C LYS A 73 4.86 -8.31 0.77
N LEU A 74 5.28 -7.91 1.96
CA LEU A 74 5.55 -6.50 2.24
C LEU A 74 6.64 -5.96 1.31
N ASP A 75 7.76 -6.69 1.22
CA ASP A 75 8.86 -6.27 0.36
C ASP A 75 8.44 -6.26 -1.10
N LEU A 76 7.48 -7.11 -1.45
CA LEU A 76 6.99 -7.20 -2.81
C LEU A 76 6.05 -6.04 -3.13
N VAL A 77 5.14 -5.75 -2.20
CA VAL A 77 4.18 -4.67 -2.37
C VAL A 77 4.87 -3.31 -2.27
N ILE A 78 5.78 -3.18 -1.32
CA ILE A 78 6.51 -1.93 -1.12
C ILE A 78 7.38 -1.62 -2.33
N LYS A 79 8.21 -2.58 -2.73
CA LYS A 79 9.10 -2.41 -3.87
C LYS A 79 8.30 -2.23 -5.16
N TYR A 80 7.08 -2.75 -5.17
CA TYR A 80 6.21 -2.64 -6.34
C TYR A 80 5.54 -1.28 -6.40
N MET A 81 5.05 -0.82 -5.24
CA MET A 81 4.38 0.47 -5.17
C MET A 81 5.39 1.62 -5.24
N LYS A 82 6.59 1.37 -4.71
CA LYS A 82 7.64 2.39 -4.72
C LYS A 82 8.18 2.59 -6.13
N ARG A 83 8.17 1.53 -6.93
CA ARG A 83 8.65 1.60 -8.30
C ARG A 83 7.69 2.40 -9.18
N LEU A 84 6.42 2.37 -8.83
CA LEU A 84 5.40 3.09 -9.58
C LEU A 84 5.34 4.55 -9.17
N MET A 85 5.16 4.78 -7.87
CA MET A 85 5.08 6.14 -7.34
C MET A 85 6.33 6.94 -7.72
N GLN A 86 7.44 6.23 -7.95
CA GLN A 86 8.69 6.87 -8.32
C GLN A 86 8.72 7.19 -9.81
N GLN A 87 8.49 6.17 -10.63
CA GLN A 87 8.50 6.36 -12.08
C GLN A 87 7.35 7.24 -12.52
N SER A 88 6.39 7.45 -11.62
CA SER A 88 5.23 8.28 -11.92
C SER A 88 5.66 9.65 -12.46
N VAL A 89 4.71 10.36 -13.06
CA VAL A 89 4.99 11.67 -13.63
C VAL A 89 4.88 12.76 -12.56
N GLU A 90 4.07 12.50 -11.54
CA GLU A 90 3.88 13.46 -10.45
C GLU A 90 4.83 13.17 -9.29
N SER A 91 5.55 14.18 -8.85
CA SER A 91 6.50 14.04 -7.76
C SER A 91 5.77 13.84 -6.43
N VAL A 92 4.53 14.34 -6.37
CA VAL A 92 3.73 14.22 -5.16
C VAL A 92 3.60 12.76 -4.73
N TRP A 93 3.72 11.85 -5.69
CA TRP A 93 3.61 10.43 -5.41
C TRP A 93 4.80 9.95 -4.59
N ASN A 94 5.96 10.52 -4.85
CA ASN A 94 7.17 10.15 -4.12
C ASN A 94 6.99 10.31 -2.62
N MET A 95 6.29 11.37 -2.22
CA MET A 95 6.03 11.64 -0.82
C MET A 95 5.01 10.65 -0.26
N ALA A 96 4.00 10.33 -1.05
CA ALA A 96 2.97 9.40 -0.64
C ALA A 96 3.56 8.08 -0.14
N PHE A 97 4.62 7.63 -0.82
CA PHE A 97 5.29 6.39 -0.45
C PHE A 97 5.93 6.51 0.93
N ASP A 98 6.67 7.59 1.15
CA ASP A 98 7.33 7.82 2.43
C ASP A 98 6.31 7.90 3.56
N PHE A 99 5.14 8.45 3.26
CA PHE A 99 4.08 8.59 4.25
C PHE A 99 3.69 7.23 4.82
N ILE A 100 3.46 6.27 3.95
CA ILE A 100 3.08 4.92 4.37
C ILE A 100 4.19 4.27 5.18
N LEU A 101 5.43 4.50 4.75
CA LEU A 101 6.59 3.92 5.44
C LEU A 101 6.79 4.58 6.81
N ASP A 102 6.46 5.86 6.90
CA ASP A 102 6.60 6.60 8.14
C ASP A 102 5.76 5.97 9.24
N ASN A 103 4.66 5.33 8.85
CA ASN A 103 3.77 4.69 9.80
C ASN A 103 4.05 3.19 9.89
N VAL A 104 4.36 2.59 8.75
CA VAL A 104 4.64 1.16 8.68
C VAL A 104 6.02 0.86 9.28
N GLN A 105 7.05 1.43 8.69
CA GLN A 105 8.42 1.23 9.17
C GLN A 105 8.51 1.43 10.68
N VAL A 106 7.64 2.30 11.19
CA VAL A 106 7.63 2.58 12.63
C VAL A 106 7.10 1.40 13.42
N VAL A 107 5.92 0.92 13.03
CA VAL A 107 5.30 -0.22 13.71
C VAL A 107 6.08 -1.50 13.46
N LEU A 108 6.80 -1.53 12.34
CA LEU A 108 7.59 -2.70 11.98
C LEU A 108 8.84 -2.81 12.85
N GLN A 109 9.45 -1.66 13.14
CA GLN A 109 10.66 -1.62 13.96
C GLN A 109 10.35 -2.06 15.38
N GLN A 110 9.21 -1.61 15.91
CA GLN A 110 8.81 -1.95 17.27
C GLN A 110 8.56 -3.45 17.40
N THR A 111 8.43 -4.12 16.26
CA THR A 111 8.18 -5.56 16.25
C THR A 111 9.48 -6.34 16.09
N TYR A 112 10.19 -6.09 14.99
CA TYR A 112 11.45 -6.77 14.73
C TYR A 112 12.63 -5.85 15.00
N GLY A 113 12.52 -4.60 14.55
CA GLY A 113 13.59 -3.64 14.76
C GLY A 113 14.27 -3.26 13.46
N SER A 114 14.02 -4.03 12.41
CA SER A 114 14.62 -3.78 11.11
C SER A 114 13.68 -2.96 10.23
N THR A 115 14.06 -2.78 8.97
CA THR A 115 13.25 -2.02 8.02
C THR A 115 13.50 -2.49 6.59
N LEU A 116 12.84 -1.84 5.64
CA LEU A 116 12.99 -2.19 4.23
C LEU A 116 14.08 -1.36 3.58
N LYS A 117 14.66 -1.89 2.50
CA LYS A 117 15.71 -1.20 1.77
C LYS A 117 15.19 -0.62 0.46
N VAL A 118 14.85 0.65 0.47
CA VAL A 118 14.34 1.32 -0.72
C VAL A 118 15.26 2.46 -1.15
N THR A 119 16.19 2.15 -2.06
CA THR A 119 17.13 3.15 -2.55
C THR A 119 16.40 4.40 -3.03
N LYS B 7 -15.15 8.42 1.43
CA LYS B 7 -14.79 8.86 0.10
C LYS B 7 -13.36 8.46 -0.24
N SER B 8 -13.21 7.61 -1.25
CA SER B 8 -11.90 7.14 -1.67
C SER B 8 -12.02 6.19 -2.86
N PHE B 9 -10.92 6.01 -3.58
CA PHE B 9 -10.90 5.14 -4.74
C PHE B 9 -11.02 3.67 -4.32
N PHE B 10 -10.28 3.30 -3.28
CA PHE B 10 -10.30 1.94 -2.77
C PHE B 10 -11.70 1.56 -2.28
N ASP B 11 -12.48 2.56 -1.90
CA ASP B 11 -13.84 2.34 -1.41
C ASP B 11 -14.78 1.98 -2.56
N LYS B 12 -14.68 2.74 -3.65
CA LYS B 12 -15.52 2.51 -4.81
C LYS B 12 -15.10 1.23 -5.54
N LYS B 13 -13.84 0.85 -5.36
CA LYS B 13 -13.31 -0.35 -6.00
C LYS B 13 -13.67 -1.60 -5.20
N ARG B 14 -13.43 -1.56 -3.89
CA ARG B 14 -13.74 -2.68 -3.02
C ARG B 14 -15.22 -3.05 -3.10
N SER B 15 -16.05 -2.04 -3.36
CA SER B 15 -17.49 -2.25 -3.45
C SER B 15 -17.86 -2.87 -4.80
N GLU B 16 -17.09 -2.55 -5.82
CA GLU B 16 -17.34 -3.08 -7.16
C GLU B 16 -17.23 -4.60 -7.17
N ARG B 17 -16.17 -5.11 -6.58
CA ARG B 17 -15.95 -6.56 -6.53
C ARG B 17 -17.02 -7.24 -5.68
N ILE B 18 -17.39 -6.60 -4.57
CA ILE B 18 -18.40 -7.15 -3.68
C ILE B 18 -19.77 -7.11 -4.34
N SER B 19 -19.96 -6.20 -5.28
CA SER B 19 -21.23 -6.07 -5.99
C SER B 19 -21.20 -6.83 -7.31
N ASN B 20 -22.33 -6.80 -8.02
CA ASN B 20 -22.44 -7.49 -9.30
C ASN B 20 -21.57 -6.80 -10.36
N ALA A 23 -10.16 -11.13 9.16
CA ALA A 23 -9.31 -10.15 9.82
C ALA A 23 -7.88 -10.22 9.29
N ALA A 24 -7.74 -10.57 8.02
CA ALA A 24 -6.43 -10.68 7.39
C ALA A 24 -6.08 -9.39 6.64
N PRO A 25 -4.77 -9.20 6.38
CA PRO A 25 -4.28 -8.02 5.68
C PRO A 25 -4.68 -8.02 4.20
N ASN A 26 -5.74 -7.28 3.89
CA ASN A 26 -6.23 -7.20 2.51
C ASN A 26 -6.35 -5.75 2.06
N LEU A 27 -6.11 -5.51 0.78
CA LEU A 27 -6.20 -4.16 0.22
C LEU A 27 -7.43 -4.01 -0.66
N ALA A 28 -8.35 -3.14 -0.23
CA ALA A 28 -9.57 -2.89 -0.99
C ALA A 28 -10.36 -4.19 -1.20
N GLY A 29 -10.22 -5.13 -0.27
CA GLY A 29 -10.91 -6.39 -0.38
C GLY A 29 -10.09 -7.43 -1.12
N ALA A 30 -8.81 -7.15 -1.33
CA ALA A 30 -7.93 -8.07 -2.03
C ALA A 30 -7.00 -8.79 -1.06
N VAL A 31 -7.09 -10.11 -1.03
CA VAL A 31 -6.26 -10.92 -0.15
C VAL A 31 -5.01 -11.40 -0.87
N GLU A 32 -5.16 -11.72 -2.15
CA GLU A 32 -4.03 -12.20 -2.95
C GLU A 32 -3.08 -11.05 -3.27
N PHE A 33 -1.78 -11.38 -3.35
CA PHE A 33 -0.76 -10.38 -3.65
C PHE A 33 -0.97 -9.79 -5.04
N SER A 34 -1.12 -10.66 -6.03
CA SER A 34 -1.32 -10.23 -7.40
C SER A 34 -2.47 -9.23 -7.50
N ASP A 35 -3.51 -9.46 -6.70
CA ASP A 35 -4.67 -8.58 -6.69
C ASP A 35 -4.35 -7.25 -6.00
N VAL A 36 -3.42 -7.31 -5.05
CA VAL A 36 -3.02 -6.12 -4.31
C VAL A 36 -2.19 -5.18 -5.18
N LYS A 37 -1.09 -5.70 -5.71
CA LYS A 37 -0.20 -4.91 -6.57
C LYS A 37 -0.97 -4.35 -7.76
N THR A 38 -1.93 -5.10 -8.26
CA THR A 38 -2.75 -4.68 -9.39
C THR A 38 -3.58 -3.45 -9.04
N LEU A 39 -4.08 -3.42 -7.81
CA LEU A 39 -4.89 -2.29 -7.35
C LEU A 39 -4.04 -1.03 -7.18
N LEU A 40 -2.82 -1.21 -6.73
CA LEU A 40 -1.90 -0.09 -6.52
C LEU A 40 -1.42 0.47 -7.85
N LYS A 41 -1.01 -0.43 -8.75
CA LYS A 41 -0.53 -0.02 -10.07
C LYS A 41 -1.53 0.90 -10.75
N GLU A 42 -2.82 0.56 -10.65
CA GLU A 42 -3.87 1.37 -11.26
C GLU A 42 -4.16 2.61 -10.43
N TRP A 43 -4.18 2.44 -9.11
CA TRP A 43 -4.45 3.54 -8.20
C TRP A 43 -3.35 4.60 -8.29
N ILE A 44 -2.23 4.22 -8.90
CA ILE A 44 -1.10 5.13 -9.04
C ILE A 44 -1.03 5.69 -10.45
N THR A 45 -1.80 5.10 -11.36
CA THR A 45 -1.82 5.54 -12.75
C THR A 45 -3.09 6.31 -13.06
N THR A 46 -4.24 5.68 -12.80
CA THR A 46 -5.54 6.30 -13.07
C THR A 46 -5.76 7.49 -12.13
N ILE A 47 -4.98 7.55 -11.06
CA ILE A 47 -5.10 8.63 -10.09
C ILE A 47 -3.75 9.28 -9.83
N SER A 48 -3.70 10.61 -9.96
CA SER A 48 -2.47 11.36 -9.75
C SER A 48 -2.52 12.13 -8.44
N ASP A 49 -3.73 12.47 -8.01
CA ASP A 49 -3.93 13.20 -6.76
C ASP A 49 -4.65 12.35 -5.73
N PRO A 50 -3.89 11.47 -5.05
CA PRO A 50 -4.44 10.59 -4.02
C PRO A 50 -4.86 11.33 -2.77
N MET A 51 -5.89 10.83 -2.10
CA MET A 51 -6.40 11.45 -0.88
C MET A 51 -5.79 10.80 0.35
N GLU A 52 -5.98 11.43 1.50
CA GLU A 52 -5.44 10.92 2.76
C GLU A 52 -6.04 9.54 3.07
N GLU A 53 -7.36 9.48 3.16
CA GLU A 53 -8.05 8.23 3.45
C GLU A 53 -7.59 7.13 2.50
N ASP A 54 -7.24 7.51 1.28
CA ASP A 54 -6.78 6.55 0.28
C ASP A 54 -5.40 5.99 0.64
N ILE A 55 -4.48 6.89 0.96
CA ILE A 55 -3.12 6.48 1.32
C ILE A 55 -3.11 5.72 2.64
N LEU A 56 -3.88 6.22 3.61
CA LEU A 56 -3.97 5.57 4.91
C LEU A 56 -4.29 4.09 4.78
N GLN A 57 -5.18 3.77 3.85
CA GLN A 57 -5.58 2.38 3.61
C GLN A 57 -4.35 1.51 3.36
N VAL A 58 -3.33 2.09 2.75
CA VAL A 58 -2.10 1.36 2.45
C VAL A 58 -1.29 1.10 3.72
N VAL A 59 -1.34 2.06 4.65
CA VAL A 59 -0.60 1.94 5.90
C VAL A 59 -1.19 0.84 6.77
N ARG A 60 -2.50 0.89 7.00
CA ARG A 60 -3.18 -0.11 7.80
C ARG A 60 -2.99 -1.51 7.23
N TYR A 61 -2.75 -1.58 5.92
CA TYR A 61 -2.55 -2.85 5.24
C TYR A 61 -1.17 -3.41 5.53
N CYS A 62 -0.15 -2.59 5.32
CA CYS A 62 1.24 -3.01 5.57
C CYS A 62 1.48 -3.22 7.05
N THR A 63 1.04 -2.27 7.86
CA THR A 63 1.21 -2.35 9.31
C THR A 63 0.68 -3.67 9.86
N ASP A 64 -0.31 -4.24 9.18
CA ASP A 64 -0.90 -5.51 9.58
C ASP A 64 0.04 -6.67 9.28
N LEU A 65 0.72 -6.58 8.15
CA LEU A 65 1.66 -7.64 7.75
C LEU A 65 2.69 -7.90 8.85
N ILE A 66 3.05 -6.86 9.58
CA ILE A 66 4.01 -6.98 10.66
C ILE A 66 3.47 -7.86 11.78
N GLU A 67 2.25 -7.58 12.21
CA GLU A 67 1.63 -8.35 13.28
C GLU A 67 1.21 -9.74 12.78
N GLU A 68 0.92 -9.84 11.48
CA GLU A 68 0.50 -11.09 10.89
C GLU A 68 1.72 -11.90 10.44
N LYS A 69 2.89 -11.28 10.47
CA LYS A 69 4.12 -11.94 10.08
C LYS A 69 4.09 -12.32 8.60
N ASP A 70 3.60 -11.41 7.77
CA ASP A 70 3.51 -11.65 6.33
C ASP A 70 4.41 -10.68 5.57
N LEU A 71 5.56 -10.37 6.15
CA LEU A 71 6.51 -9.45 5.52
C LEU A 71 6.94 -9.98 4.16
N GLU A 72 6.70 -11.26 3.91
CA GLU A 72 7.06 -11.88 2.64
C GLU A 72 6.54 -11.05 1.46
N LYS A 73 5.24 -10.78 1.47
CA LYS A 73 4.62 -10.00 0.41
C LYS A 73 4.87 -8.51 0.62
N LEU A 74 5.15 -8.13 1.85
CA LEU A 74 5.42 -6.73 2.18
C LEU A 74 6.51 -6.16 1.28
N ASP A 75 7.65 -6.84 1.23
CA ASP A 75 8.77 -6.40 0.40
C ASP A 75 8.37 -6.36 -1.07
N LEU A 76 7.42 -7.20 -1.45
CA LEU A 76 6.95 -7.26 -2.82
C LEU A 76 6.03 -6.09 -3.15
N VAL A 77 5.12 -5.79 -2.23
CA VAL A 77 4.18 -4.69 -2.41
C VAL A 77 4.88 -3.34 -2.30
N ILE A 78 5.81 -3.24 -1.35
CA ILE A 78 6.57 -2.01 -1.15
C ILE A 78 7.44 -1.69 -2.36
N LYS A 79 8.25 -2.66 -2.76
CA LYS A 79 9.14 -2.49 -3.90
C LYS A 79 8.35 -2.30 -5.20
N TYR A 80 7.12 -2.82 -5.20
CA TYR A 80 6.26 -2.71 -6.37
C TYR A 80 5.58 -1.34 -6.42
N MET A 81 5.09 -0.88 -5.27
CA MET A 81 4.44 0.42 -5.19
C MET A 81 5.45 1.55 -5.26
N LYS A 82 6.64 1.30 -4.75
CA LYS A 82 7.70 2.31 -4.75
C LYS A 82 8.24 2.52 -6.17
N ARG A 83 8.23 1.46 -6.97
CA ARG A 83 8.71 1.53 -8.33
C ARG A 83 7.75 2.32 -9.22
N LEU A 84 6.47 2.30 -8.86
CA LEU A 84 5.45 3.02 -9.61
C LEU A 84 5.41 4.48 -9.20
N MET A 85 5.22 4.73 -7.91
CA MET A 85 5.17 6.09 -7.39
C MET A 85 6.42 6.88 -7.77
N GLN A 86 7.52 6.16 -7.99
CA GLN A 86 8.78 6.78 -8.36
C GLN A 86 8.81 7.11 -9.86
N GLN A 87 8.33 6.17 -10.66
CA GLN A 87 8.30 6.36 -12.12
C GLN A 87 7.04 7.10 -12.54
N SER A 88 6.25 7.54 -11.56
CA SER A 88 5.02 8.27 -11.83
C SER A 88 5.31 9.61 -12.51
N VAL A 89 4.27 10.39 -12.76
CA VAL A 89 4.41 11.68 -13.39
C VAL A 89 4.36 12.81 -12.36
N GLU A 90 3.60 12.59 -11.29
CA GLU A 90 3.47 13.58 -10.23
C GLU A 90 4.51 13.36 -9.14
N SER A 91 5.13 14.44 -8.70
CA SER A 91 6.16 14.37 -7.66
C SER A 91 5.53 14.05 -6.30
N VAL A 92 4.25 14.38 -6.16
CA VAL A 92 3.53 14.13 -4.92
C VAL A 92 3.51 12.65 -4.58
N TRP A 93 3.55 11.81 -5.61
CA TRP A 93 3.54 10.37 -5.43
C TRP A 93 4.78 9.89 -4.68
N ASN A 94 5.91 10.53 -4.97
CA ASN A 94 7.16 10.18 -4.33
C ASN A 94 7.06 10.31 -2.81
N MET A 95 6.42 11.38 -2.36
CA MET A 95 6.24 11.61 -0.93
C MET A 95 5.22 10.65 -0.34
N ALA A 96 4.19 10.31 -1.12
CA ALA A 96 3.16 9.40 -0.68
C ALA A 96 3.76 8.10 -0.16
N PHE A 97 4.72 7.56 -0.91
CA PHE A 97 5.38 6.31 -0.53
C PHE A 97 6.05 6.45 0.84
N ASP A 98 6.75 7.55 1.04
CA ASP A 98 7.44 7.81 2.29
C ASP A 98 6.45 7.89 3.45
N PHE A 99 5.31 8.51 3.20
CA PHE A 99 4.28 8.67 4.21
C PHE A 99 3.87 7.32 4.79
N ILE A 100 3.60 6.36 3.90
CA ILE A 100 3.20 5.03 4.33
C ILE A 100 4.31 4.35 5.12
N LEU A 101 5.55 4.53 4.68
CA LEU A 101 6.70 3.94 5.35
C LEU A 101 6.91 4.57 6.72
N ASP A 102 6.63 5.87 6.82
CA ASP A 102 6.79 6.59 8.08
C ASP A 102 5.91 5.98 9.16
N ASN A 103 4.81 5.37 8.75
CA ASN A 103 3.87 4.75 9.69
C ASN A 103 4.11 3.25 9.79
N VAL A 104 4.43 2.63 8.65
CA VAL A 104 4.69 1.19 8.61
C VAL A 104 6.04 0.86 9.21
N GLN A 105 7.10 1.43 8.63
CA GLN A 105 8.46 1.19 9.11
C GLN A 105 8.54 1.38 10.62
N VAL A 106 7.68 2.24 11.15
CA VAL A 106 7.65 2.52 12.58
C VAL A 106 7.11 1.32 13.36
N VAL A 107 5.90 0.89 13.02
CA VAL A 107 5.27 -0.24 13.69
C VAL A 107 6.04 -1.52 13.42
N LEU A 108 6.77 -1.56 12.30
CA LEU A 108 7.55 -2.73 11.94
C LEU A 108 8.81 -2.84 12.81
N GLN A 109 9.42 -1.70 13.10
CA GLN A 109 10.62 -1.66 13.91
C GLN A 109 10.32 -2.10 15.35
N GLN A 110 9.19 -1.63 15.87
CA GLN A 110 8.78 -1.96 17.23
C GLN A 110 8.53 -3.46 17.37
N THR A 111 8.39 -4.14 16.24
CA THR A 111 8.15 -5.58 16.24
C THR A 111 9.45 -6.36 16.08
N TYR A 112 10.14 -6.14 14.96
CA TYR A 112 11.40 -6.81 14.69
C TYR A 112 12.58 -5.90 14.95
N GLY A 113 12.46 -4.65 14.52
CA GLY A 113 13.54 -3.68 14.71
C GLY A 113 14.22 -3.30 13.41
N SER A 114 13.97 -4.08 12.36
CA SER A 114 14.57 -3.82 11.06
C SER A 114 13.63 -3.00 10.19
N THR A 115 14.02 -2.80 8.93
CA THR A 115 13.22 -2.04 7.99
C THR A 115 13.48 -2.48 6.56
N LEU A 116 12.82 -1.82 5.60
CA LEU A 116 12.97 -2.15 4.20
C LEU A 116 13.98 -1.23 3.52
N LYS A 117 14.72 -1.77 2.56
CA LYS A 117 15.72 -0.98 1.84
C LYS A 117 15.16 -0.49 0.52
N VAL A 118 14.73 0.77 0.49
CA VAL A 118 14.17 1.37 -0.71
C VAL A 118 15.02 2.56 -1.17
N THR A 119 15.78 2.36 -2.24
CA THR A 119 16.63 3.41 -2.78
C THR A 119 15.80 4.63 -3.20
N LYS B 7 -14.88 8.78 1.66
CA LYS B 7 -14.62 8.97 0.24
C LYS B 7 -13.20 8.55 -0.11
N SER B 8 -13.07 7.68 -1.11
CA SER B 8 -11.75 7.21 -1.53
C SER B 8 -11.88 6.33 -2.78
N PHE B 9 -10.73 5.95 -3.35
CA PHE B 9 -10.71 5.11 -4.53
C PHE B 9 -10.87 3.64 -4.17
N PHE B 10 -10.12 3.19 -3.16
CA PHE B 10 -10.17 1.82 -2.71
C PHE B 10 -11.56 1.47 -2.18
N ASP B 11 -12.28 2.49 -1.74
CA ASP B 11 -13.63 2.29 -1.21
C ASP B 11 -14.63 2.06 -2.33
N LYS B 12 -14.51 2.85 -3.40
CA LYS B 12 -15.40 2.74 -4.54
C LYS B 12 -15.02 1.54 -5.41
N LYS B 13 -13.77 1.13 -5.32
CA LYS B 13 -13.29 -0.01 -6.09
C LYS B 13 -13.60 -1.33 -5.40
N ARG B 14 -13.38 -1.37 -4.09
CA ARG B 14 -13.65 -2.56 -3.30
C ARG B 14 -15.13 -2.93 -3.36
N SER B 15 -15.98 -1.92 -3.48
CA SER B 15 -17.42 -2.14 -3.54
C SER B 15 -17.79 -2.97 -4.77
N GLU B 16 -17.13 -2.68 -5.89
CA GLU B 16 -17.40 -3.40 -7.12
C GLU B 16 -16.96 -4.85 -7.01
N ARG B 17 -15.80 -5.07 -6.40
CA ARG B 17 -15.26 -6.41 -6.23
C ARG B 17 -16.22 -7.29 -5.44
N ILE B 18 -17.04 -6.67 -4.61
CA ILE B 18 -18.02 -7.38 -3.80
C ILE B 18 -19.26 -7.73 -4.62
N SER B 19 -19.52 -6.93 -5.66
CA SER B 19 -20.68 -7.16 -6.51
C SER B 19 -20.29 -7.98 -7.74
N ASN B 20 -19.60 -7.35 -8.68
CA ASN B 20 -19.18 -8.02 -9.90
C ASN B 20 -18.18 -7.17 -10.67
N ALA A 23 -10.16 -10.33 9.76
CA ALA A 23 -9.14 -9.56 10.45
C ALA A 23 -7.77 -9.77 9.81
N ALA A 24 -7.78 -10.01 8.50
CA ALA A 24 -6.54 -10.22 7.76
C ALA A 24 -6.18 -9.00 6.94
N PRO A 25 -4.90 -8.89 6.55
CA PRO A 25 -4.40 -7.78 5.74
C PRO A 25 -4.93 -7.80 4.31
N ASN A 26 -6.00 -7.05 4.06
CA ASN A 26 -6.60 -6.99 2.74
C ASN A 26 -6.72 -5.55 2.26
N LEU A 27 -6.36 -5.32 1.00
CA LEU A 27 -6.42 -3.99 0.42
C LEU A 27 -7.64 -3.85 -0.50
N ALA A 28 -8.58 -3.00 -0.09
CA ALA A 28 -9.79 -2.77 -0.87
C ALA A 28 -10.54 -4.08 -1.12
N GLY A 29 -10.38 -5.03 -0.20
CA GLY A 29 -11.04 -6.31 -0.34
C GLY A 29 -10.18 -7.33 -1.05
N ALA A 30 -8.90 -7.03 -1.21
CA ALA A 30 -7.97 -7.93 -1.88
C ALA A 30 -7.04 -8.60 -0.88
N VAL A 31 -7.09 -9.93 -0.81
CA VAL A 31 -6.25 -10.68 0.10
C VAL A 31 -4.99 -11.18 -0.60
N GLU A 32 -5.15 -11.60 -1.85
CA GLU A 32 -4.02 -12.10 -2.63
C GLU A 32 -3.09 -10.96 -3.03
N PHE A 33 -1.79 -11.25 -3.04
CA PHE A 33 -0.79 -10.25 -3.40
C PHE A 33 -1.03 -9.72 -4.81
N SER A 34 -1.18 -10.63 -5.76
CA SER A 34 -1.42 -10.25 -7.15
C SER A 34 -2.59 -9.26 -7.25
N ASP A 35 -3.61 -9.47 -6.43
CA ASP A 35 -4.78 -8.60 -6.42
C ASP A 35 -4.46 -7.28 -5.73
N VAL A 36 -3.54 -7.32 -4.77
CA VAL A 36 -3.15 -6.12 -4.04
C VAL A 36 -2.30 -5.19 -4.90
N LYS A 37 -1.28 -5.77 -5.53
CA LYS A 37 -0.38 -4.99 -6.39
C LYS A 37 -1.14 -4.42 -7.59
N THR A 38 -2.18 -5.14 -8.02
CA THR A 38 -2.98 -4.70 -9.16
C THR A 38 -3.77 -3.44 -8.83
N LEU A 39 -4.30 -3.39 -7.61
CA LEU A 39 -5.08 -2.23 -7.16
C LEU A 39 -4.19 -0.99 -7.04
N LEU A 40 -2.97 -1.19 -6.58
CA LEU A 40 -2.01 -0.10 -6.41
C LEU A 40 -1.52 0.40 -7.76
N LYS A 41 -1.18 -0.53 -8.65
CA LYS A 41 -0.70 -0.18 -9.98
C LYS A 41 -1.67 0.77 -10.68
N GLU A 42 -2.97 0.45 -10.60
CA GLU A 42 -3.99 1.27 -11.22
C GLU A 42 -4.26 2.53 -10.40
N TRP A 43 -4.26 2.38 -9.08
CA TRP A 43 -4.51 3.51 -8.19
C TRP A 43 -3.40 4.55 -8.32
N ILE A 44 -2.29 4.16 -8.94
CA ILE A 44 -1.16 5.06 -9.12
C ILE A 44 -1.10 5.58 -10.55
N THR A 45 -1.89 4.97 -11.43
CA THR A 45 -1.93 5.36 -12.83
C THR A 45 -3.20 6.15 -13.15
N THR A 46 -4.35 5.53 -12.86
CA THR A 46 -5.63 6.18 -13.11
C THR A 46 -5.85 7.37 -12.19
N ILE A 47 -5.00 7.49 -11.18
CA ILE A 47 -5.10 8.58 -10.22
C ILE A 47 -3.72 9.22 -9.97
N SER A 48 -3.67 10.54 -10.09
CA SER A 48 -2.42 11.27 -9.88
C SER A 48 -2.45 12.04 -8.58
N ASP A 49 -3.66 12.37 -8.12
CA ASP A 49 -3.83 13.10 -6.88
C ASP A 49 -4.55 12.25 -5.83
N PRO A 50 -3.78 11.39 -5.15
CA PRO A 50 -4.32 10.49 -4.12
C PRO A 50 -4.74 11.25 -2.87
N MET A 51 -5.77 10.74 -2.19
CA MET A 51 -6.26 11.37 -0.98
C MET A 51 -5.61 10.75 0.26
N GLU A 52 -5.45 11.56 1.30
CA GLU A 52 -4.83 11.09 2.53
C GLU A 52 -5.54 9.83 3.05
N GLU A 53 -6.86 9.92 3.17
CA GLU A 53 -7.65 8.79 3.66
C GLU A 53 -7.33 7.53 2.86
N ASP A 54 -7.39 7.63 1.55
CA ASP A 54 -7.11 6.49 0.67
C ASP A 54 -5.73 5.93 0.95
N ILE A 55 -4.79 6.82 1.30
CA ILE A 55 -3.42 6.40 1.59
C ILE A 55 -3.34 5.65 2.91
N LEU A 56 -4.06 6.14 3.91
CA LEU A 56 -4.08 5.52 5.23
C LEU A 56 -4.39 4.04 5.12
N GLN A 57 -5.29 3.69 4.22
CA GLN A 57 -5.69 2.30 4.01
C GLN A 57 -4.48 1.44 3.70
N VAL A 58 -3.49 2.03 3.03
CA VAL A 58 -2.28 1.30 2.65
C VAL A 58 -1.41 1.04 3.89
N VAL A 59 -1.42 1.98 4.82
CA VAL A 59 -0.62 1.85 6.04
C VAL A 59 -1.16 0.72 6.91
N ARG A 60 -2.46 0.74 7.17
CA ARG A 60 -3.08 -0.27 8.01
C ARG A 60 -2.91 -1.67 7.39
N TYR A 61 -2.75 -1.70 6.07
CA TYR A 61 -2.57 -2.96 5.36
C TYR A 61 -1.17 -3.52 5.57
N CYS A 62 -0.17 -2.69 5.31
CA CYS A 62 1.23 -3.10 5.47
C CYS A 62 1.55 -3.33 6.94
N THR A 63 1.13 -2.40 7.79
CA THR A 63 1.39 -2.50 9.22
C THR A 63 0.85 -3.80 9.79
N ASP A 64 -0.16 -4.36 9.13
CA ASP A 64 -0.77 -5.61 9.55
C ASP A 64 0.16 -6.80 9.26
N LEU A 65 0.82 -6.73 8.11
CA LEU A 65 1.74 -7.79 7.71
C LEU A 65 2.79 -8.06 8.79
N ILE A 66 3.21 -6.99 9.46
CA ILE A 66 4.21 -7.11 10.51
C ILE A 66 3.70 -7.98 11.66
N GLU A 67 2.46 -7.74 12.07
CA GLU A 67 1.85 -8.51 13.16
C GLU A 67 1.47 -9.91 12.68
N GLU A 68 1.07 -10.01 11.42
CA GLU A 68 0.67 -11.30 10.85
C GLU A 68 1.89 -12.08 10.39
N LYS A 69 3.05 -11.44 10.44
CA LYS A 69 4.30 -12.08 10.03
C LYS A 69 4.26 -12.43 8.54
N ASP A 70 3.70 -11.54 7.74
CA ASP A 70 3.61 -11.76 6.30
C ASP A 70 4.49 -10.77 5.54
N LEU A 71 5.65 -10.46 6.11
CA LEU A 71 6.58 -9.52 5.49
C LEU A 71 6.90 -9.94 4.06
N GLU A 72 6.73 -11.23 3.78
CA GLU A 72 7.01 -11.76 2.45
C GLU A 72 6.32 -10.92 1.38
N LYS A 73 5.03 -10.66 1.57
CA LYS A 73 4.26 -9.87 0.62
C LYS A 73 4.54 -8.37 0.80
N LEU A 74 5.00 -8.00 1.98
CA LEU A 74 5.31 -6.61 2.28
C LEU A 74 6.40 -6.09 1.35
N ASP A 75 7.58 -6.69 1.43
CA ASP A 75 8.70 -6.28 0.59
C ASP A 75 8.31 -6.27 -0.88
N LEU A 76 7.36 -7.13 -1.23
CA LEU A 76 6.89 -7.21 -2.61
C LEU A 76 5.97 -6.05 -2.95
N VAL A 77 5.04 -5.74 -2.04
CA VAL A 77 4.10 -4.65 -2.25
C VAL A 77 4.81 -3.30 -2.16
N ILE A 78 5.83 -3.23 -1.32
CA ILE A 78 6.59 -2.00 -1.15
C ILE A 78 7.43 -1.69 -2.38
N LYS A 79 8.27 -2.64 -2.78
CA LYS A 79 9.11 -2.48 -3.94
C LYS A 79 8.29 -2.31 -5.21
N TYR A 80 7.07 -2.83 -5.18
CA TYR A 80 6.17 -2.74 -6.33
C TYR A 80 5.51 -1.36 -6.41
N MET A 81 5.05 -0.87 -5.26
CA MET A 81 4.40 0.42 -5.18
C MET A 81 5.43 1.55 -5.29
N LYS A 82 6.63 1.30 -4.80
CA LYS A 82 7.71 2.29 -4.83
C LYS A 82 8.21 2.48 -6.26
N ARG A 83 8.15 1.42 -7.06
CA ARG A 83 8.60 1.47 -8.44
C ARG A 83 7.60 2.24 -9.30
N LEU A 84 6.34 2.20 -8.92
CA LEU A 84 5.29 2.90 -9.66
C LEU A 84 5.23 4.37 -9.26
N MET A 85 5.06 4.62 -7.97
CA MET A 85 4.99 5.98 -7.44
C MET A 85 6.21 6.78 -7.87
N GLN A 86 7.32 6.09 -8.10
CA GLN A 86 8.56 6.76 -8.51
C GLN A 86 8.55 7.05 -10.00
N GLN A 87 8.33 6.02 -10.81
CA GLN A 87 8.29 6.17 -12.26
C GLN A 87 7.12 7.06 -12.68
N SER A 88 6.18 7.26 -11.76
CA SER A 88 5.01 8.08 -12.05
C SER A 88 5.42 9.46 -12.55
N VAL A 89 4.44 10.26 -12.93
CA VAL A 89 4.69 11.61 -13.44
C VAL A 89 4.57 12.64 -12.33
N GLU A 90 3.68 12.38 -11.38
CA GLU A 90 3.46 13.29 -10.26
C GLU A 90 4.49 13.06 -9.16
N SER A 91 5.21 14.11 -8.79
CA SER A 91 6.23 14.01 -7.75
C SER A 91 5.60 13.76 -6.39
N VAL A 92 4.35 14.19 -6.24
CA VAL A 92 3.63 14.00 -4.98
C VAL A 92 3.58 12.53 -4.58
N TRP A 93 3.67 11.65 -5.57
CA TRP A 93 3.65 10.21 -5.33
C TRP A 93 4.87 9.78 -4.51
N ASN A 94 5.95 10.53 -4.64
CA ASN A 94 7.19 10.22 -3.93
C ASN A 94 7.00 10.38 -2.43
N MET A 95 6.28 11.43 -2.04
CA MET A 95 6.02 11.71 -0.64
C MET A 95 5.04 10.70 -0.05
N ALA A 96 4.02 10.35 -0.84
CA ALA A 96 3.01 9.40 -0.40
C ALA A 96 3.65 8.09 0.05
N PHE A 97 4.62 7.62 -0.71
CA PHE A 97 5.32 6.37 -0.40
C PHE A 97 6.01 6.47 0.97
N ASP A 98 6.66 7.59 1.21
CA ASP A 98 7.37 7.81 2.47
C ASP A 98 6.38 7.90 3.63
N PHE A 99 5.20 8.45 3.36
CA PHE A 99 4.18 8.60 4.38
C PHE A 99 3.77 7.24 4.94
N ILE A 100 3.51 6.29 4.04
CA ILE A 100 3.11 4.94 4.45
C ILE A 100 4.24 4.24 5.19
N LEU A 101 5.47 4.47 4.75
CA LEU A 101 6.63 3.86 5.38
C LEU A 101 6.90 4.48 6.75
N ASP A 102 6.60 5.77 6.88
CA ASP A 102 6.81 6.47 8.14
C ASP A 102 5.99 5.84 9.26
N ASN A 103 4.87 5.23 8.89
CA ASN A 103 4.00 4.59 9.87
C ASN A 103 4.25 3.09 9.92
N VAL A 104 4.51 2.50 8.76
CA VAL A 104 4.77 1.07 8.67
C VAL A 104 6.16 0.72 9.21
N GLN A 105 7.19 1.31 8.59
CA GLN A 105 8.56 1.07 9.02
C GLN A 105 8.71 1.24 10.53
N VAL A 106 7.87 2.10 11.10
CA VAL A 106 7.91 2.37 12.54
C VAL A 106 7.39 1.16 13.32
N VAL A 107 6.17 0.74 12.99
CA VAL A 107 5.56 -0.41 13.66
C VAL A 107 6.31 -1.69 13.37
N LEU A 108 7.01 -1.72 12.24
CA LEU A 108 7.78 -2.89 11.84
C LEU A 108 9.04 -3.03 12.69
N GLN A 109 9.68 -1.89 12.96
CA GLN A 109 10.90 -1.88 13.77
C GLN A 109 10.62 -2.32 15.20
N GLN A 110 9.50 -1.86 15.75
CA GLN A 110 9.13 -2.21 17.11
C GLN A 110 8.84 -3.69 17.23
N THR A 111 8.68 -4.36 16.08
CA THR A 111 8.40 -5.79 16.07
C THR A 111 9.68 -6.60 15.89
N TYR A 112 10.35 -6.38 14.77
CA TYR A 112 11.60 -7.09 14.47
C TYR A 112 12.81 -6.21 14.75
N GLY A 113 12.72 -4.95 14.34
CA GLY A 113 13.83 -4.02 14.55
C GLY A 113 14.60 -3.74 13.29
N SER A 114 13.87 -3.54 12.18
CA SER A 114 14.50 -3.28 10.90
C SER A 114 13.57 -2.48 9.99
N THR A 115 14.04 -2.16 8.79
CA THR A 115 13.25 -1.41 7.83
C THR A 115 13.66 -1.74 6.40
N LEU A 116 12.71 -1.63 5.48
CA LEU A 116 12.96 -1.91 4.08
C LEU A 116 13.93 -0.90 3.48
N LYS A 117 14.63 -1.30 2.42
CA LYS A 117 15.58 -0.42 1.75
C LYS A 117 15.03 0.07 0.42
N VAL A 118 14.46 1.27 0.42
CA VAL A 118 13.90 1.86 -0.79
C VAL A 118 14.62 3.15 -1.16
N THR A 119 15.70 3.03 -1.91
CA THR A 119 16.47 4.19 -2.34
C THR A 119 15.70 5.03 -3.35
N LYS B 7 -15.37 8.38 1.39
CA LYS B 7 -14.85 8.87 0.11
C LYS B 7 -13.42 8.41 -0.11
N SER B 8 -13.22 7.59 -1.13
CA SER B 8 -11.89 7.06 -1.44
C SER B 8 -11.95 6.13 -2.66
N PHE B 9 -10.83 6.05 -3.38
CA PHE B 9 -10.75 5.20 -4.56
C PHE B 9 -10.90 3.73 -4.18
N PHE B 10 -10.20 3.31 -3.13
CA PHE B 10 -10.25 1.94 -2.66
C PHE B 10 -11.67 1.56 -2.23
N ASP B 11 -12.44 2.57 -1.84
CA ASP B 11 -13.81 2.35 -1.40
C ASP B 11 -14.74 2.10 -2.59
N LYS B 12 -14.58 2.92 -3.62
CA LYS B 12 -15.40 2.79 -4.83
C LYS B 12 -14.92 1.63 -5.69
N LYS B 13 -13.69 1.19 -5.45
CA LYS B 13 -13.11 0.08 -6.21
C LYS B 13 -13.47 -1.25 -5.58
N ARG B 14 -13.34 -1.33 -4.26
CA ARG B 14 -13.65 -2.55 -3.53
C ARG B 14 -15.08 -3.00 -3.81
N SER B 15 -15.93 -2.04 -4.15
CA SER B 15 -17.34 -2.34 -4.43
C SER B 15 -17.49 -2.97 -5.81
N GLU B 16 -16.54 -2.68 -6.70
CA GLU B 16 -16.57 -3.22 -8.05
C GLU B 16 -16.39 -4.74 -8.03
N ARG B 17 -15.31 -5.19 -7.42
CA ARG B 17 -15.01 -6.61 -7.35
C ARG B 17 -16.18 -7.38 -6.72
N ILE B 18 -16.88 -6.72 -5.80
CA ILE B 18 -18.02 -7.33 -5.12
C ILE B 18 -19.21 -7.46 -6.06
N SER B 19 -19.25 -6.61 -7.08
CA SER B 19 -20.33 -6.63 -8.05
C SER B 19 -19.96 -7.50 -9.26
N ASN B 20 -20.82 -7.47 -10.28
CA ASN B 20 -20.58 -8.25 -11.48
C ASN B 20 -20.32 -7.34 -12.68
N ALA A 23 -10.67 -10.18 8.97
CA ALA A 23 -9.65 -9.95 9.99
C ALA A 23 -8.25 -10.21 9.44
N ALA A 24 -8.12 -10.11 8.12
CA ALA A 24 -6.83 -10.33 7.46
C ALA A 24 -6.40 -9.08 6.69
N PRO A 25 -5.10 -8.99 6.40
CA PRO A 25 -4.53 -7.86 5.66
C PRO A 25 -4.94 -7.85 4.20
N ASN A 26 -6.02 -7.14 3.90
CA ASN A 26 -6.53 -7.06 2.53
C ASN A 26 -6.62 -5.61 2.08
N LEU A 27 -6.22 -5.35 0.84
CA LEU A 27 -6.25 -4.00 0.28
C LEU A 27 -7.45 -3.84 -0.65
N ALA A 28 -8.39 -2.99 -0.26
CA ALA A 28 -9.58 -2.73 -1.07
C ALA A 28 -10.33 -4.02 -1.36
N GLY A 29 -10.25 -4.97 -0.43
CA GLY A 29 -10.93 -6.24 -0.61
C GLY A 29 -10.06 -7.26 -1.32
N ALA A 30 -8.77 -6.97 -1.43
CA ALA A 30 -7.84 -7.87 -2.10
C ALA A 30 -6.95 -8.58 -1.08
N VAL A 31 -7.06 -9.90 -1.04
CA VAL A 31 -6.27 -10.70 -0.11
C VAL A 31 -4.98 -11.21 -0.77
N GLU A 32 -5.09 -11.63 -2.03
CA GLU A 32 -3.94 -12.13 -2.77
C GLU A 32 -2.99 -10.99 -3.12
N PHE A 33 -1.69 -11.28 -3.12
CA PHE A 33 -0.69 -10.28 -3.45
C PHE A 33 -0.88 -9.74 -4.86
N SER A 34 -1.02 -10.65 -5.82
CA SER A 34 -1.21 -10.26 -7.21
C SER A 34 -2.36 -9.27 -7.35
N ASP A 35 -3.40 -9.47 -6.55
CA ASP A 35 -4.57 -8.59 -6.57
C ASP A 35 -4.27 -7.26 -5.90
N VAL A 36 -3.36 -7.29 -4.92
CA VAL A 36 -2.98 -6.09 -4.20
C VAL A 36 -2.16 -5.15 -5.08
N LYS A 37 -1.07 -5.68 -5.64
CA LYS A 37 -0.21 -4.89 -6.51
C LYS A 37 -0.98 -4.34 -7.70
N THR A 38 -1.98 -5.09 -8.16
CA THR A 38 -2.80 -4.68 -9.29
C THR A 38 -3.62 -3.43 -8.95
N LEU A 39 -4.12 -3.37 -7.72
CA LEU A 39 -4.92 -2.23 -7.27
C LEU A 39 -4.05 -0.99 -7.12
N LEU A 40 -2.82 -1.19 -6.66
CA LEU A 40 -1.89 -0.09 -6.46
C LEU A 40 -1.40 0.46 -7.80
N LYS A 41 -1.03 -0.45 -8.71
CA LYS A 41 -0.55 -0.05 -10.03
C LYS A 41 -1.54 0.88 -10.71
N GLU A 42 -2.83 0.53 -10.62
CA GLU A 42 -3.87 1.34 -11.24
C GLU A 42 -4.17 2.58 -10.40
N TRP A 43 -4.19 2.41 -9.09
CA TRP A 43 -4.46 3.53 -8.17
C TRP A 43 -3.36 4.58 -8.28
N ILE A 44 -2.24 4.22 -8.88
CA ILE A 44 -1.13 5.14 -9.04
C ILE A 44 -1.07 5.69 -10.47
N THR A 45 -1.83 5.07 -11.37
CA THR A 45 -1.87 5.50 -12.76
C THR A 45 -3.17 6.27 -13.06
N THR A 46 -4.29 5.63 -12.79
CA THR A 46 -5.60 6.24 -13.03
C THR A 46 -5.82 7.44 -12.11
N ILE A 47 -5.04 7.50 -11.03
CA ILE A 47 -5.15 8.58 -10.08
C ILE A 47 -3.80 9.24 -9.81
N SER A 48 -3.75 10.56 -9.96
CA SER A 48 -2.51 11.30 -9.75
C SER A 48 -2.57 12.10 -8.44
N ASP A 49 -3.79 12.42 -8.01
CA ASP A 49 -3.98 13.18 -6.78
C ASP A 49 -4.66 12.31 -5.72
N PRO A 50 -3.87 11.44 -5.06
CA PRO A 50 -4.38 10.55 -4.02
C PRO A 50 -4.78 11.30 -2.75
N MET A 51 -5.85 10.84 -2.11
CA MET A 51 -6.33 11.46 -0.89
C MET A 51 -5.71 10.82 0.34
N GLU A 52 -5.86 11.47 1.49
CA GLU A 52 -5.30 10.96 2.73
C GLU A 52 -5.95 9.63 3.12
N GLU A 53 -7.28 9.64 3.25
CA GLU A 53 -8.02 8.44 3.62
C GLU A 53 -7.67 7.28 2.69
N ASP A 54 -7.34 7.62 1.45
CA ASP A 54 -6.98 6.60 0.46
C ASP A 54 -5.59 6.04 0.75
N ILE A 55 -4.67 6.91 1.14
CA ILE A 55 -3.31 6.49 1.45
C ILE A 55 -3.25 5.71 2.74
N LEU A 56 -3.99 6.17 3.75
CA LEU A 56 -4.02 5.51 5.05
C LEU A 56 -4.34 4.03 4.89
N GLN A 57 -5.24 3.70 3.96
CA GLN A 57 -5.62 2.32 3.71
C GLN A 57 -4.41 1.46 3.43
N VAL A 58 -3.38 2.06 2.83
CA VAL A 58 -2.15 1.35 2.52
C VAL A 58 -1.33 1.07 3.77
N VAL A 59 -1.37 2.00 4.72
CA VAL A 59 -0.64 1.87 5.96
C VAL A 59 -1.21 0.75 6.82
N ARG A 60 -2.52 0.78 7.04
CA ARG A 60 -3.19 -0.24 7.85
C ARG A 60 -2.98 -1.62 7.24
N TYR A 61 -2.74 -1.67 5.94
CA TYR A 61 -2.54 -2.93 5.24
C TYR A 61 -1.14 -3.48 5.53
N CYS A 62 -0.13 -2.65 5.32
CA CYS A 62 1.25 -3.06 5.56
C CYS A 62 1.50 -3.30 7.05
N THR A 63 1.04 -2.36 7.88
CA THR A 63 1.22 -2.47 9.32
C THR A 63 0.69 -3.80 9.85
N ASP A 64 -0.28 -4.36 9.14
CA ASP A 64 -0.88 -5.64 9.54
C ASP A 64 0.08 -6.78 9.23
N LEU A 65 0.78 -6.68 8.11
CA LEU A 65 1.71 -7.72 7.69
C LEU A 65 2.73 -8.01 8.80
N ILE A 66 3.15 -6.96 9.50
CA ILE A 66 4.11 -7.09 10.59
C ILE A 66 3.58 -8.01 11.68
N GLU A 67 2.34 -7.75 12.09
CA GLU A 67 1.71 -8.56 13.13
C GLU A 67 1.33 -9.93 12.62
N GLU A 68 0.97 -10.00 11.33
CA GLU A 68 0.58 -11.26 10.71
C GLU A 68 1.81 -12.03 10.23
N LYS A 69 2.98 -11.44 10.41
CA LYS A 69 4.23 -12.06 10.01
C LYS A 69 4.20 -12.41 8.52
N ASP A 70 3.70 -11.48 7.72
CA ASP A 70 3.63 -11.68 6.27
C ASP A 70 4.55 -10.70 5.53
N LEU A 71 5.67 -10.38 6.15
CA LEU A 71 6.63 -9.46 5.56
C LEU A 71 7.07 -9.94 4.17
N GLU A 72 6.85 -11.23 3.91
CA GLU A 72 7.23 -11.81 2.63
C GLU A 72 6.70 -10.97 1.47
N LYS A 73 5.38 -10.73 1.47
CA LYS A 73 4.74 -9.94 0.43
C LYS A 73 4.97 -8.45 0.66
N LEU A 74 5.25 -8.09 1.91
CA LEU A 74 5.50 -6.69 2.26
C LEU A 74 6.58 -6.08 1.37
N ASP A 75 7.73 -6.74 1.33
CA ASP A 75 8.85 -6.27 0.52
C ASP A 75 8.47 -6.23 -0.96
N LEU A 76 7.54 -7.09 -1.35
CA LEU A 76 7.08 -7.17 -2.73
C LEU A 76 6.14 -6.00 -3.06
N VAL A 77 5.24 -5.71 -2.14
CA VAL A 77 4.29 -4.62 -2.33
C VAL A 77 4.98 -3.26 -2.25
N ILE A 78 5.88 -3.12 -1.28
CA ILE A 78 6.61 -1.87 -1.09
C ILE A 78 7.47 -1.56 -2.31
N LYS A 79 8.31 -2.51 -2.70
CA LYS A 79 9.19 -2.35 -3.84
C LYS A 79 8.39 -2.18 -5.13
N TYR A 80 7.17 -2.71 -5.13
CA TYR A 80 6.30 -2.63 -6.29
C TYR A 80 5.62 -1.26 -6.37
N MET A 81 5.14 -0.78 -5.22
CA MET A 81 4.47 0.51 -5.16
C MET A 81 5.48 1.65 -5.25
N LYS A 82 6.68 1.41 -4.74
CA LYS A 82 7.74 2.42 -4.76
C LYS A 82 8.26 2.62 -6.18
N ARG A 83 8.25 1.55 -6.97
CA ARG A 83 8.72 1.60 -8.34
C ARG A 83 7.75 2.39 -9.22
N LEU A 84 6.48 2.35 -8.86
CA LEU A 84 5.46 3.07 -9.62
C LEU A 84 5.40 4.54 -9.21
N MET A 85 5.25 4.78 -7.91
CA MET A 85 5.18 6.14 -7.39
C MET A 85 6.43 6.93 -7.79
N GLN A 86 7.54 6.24 -7.95
CA GLN A 86 8.80 6.87 -8.33
C GLN A 86 8.83 7.18 -9.82
N GLN A 87 8.65 6.14 -10.63
CA GLN A 87 8.65 6.29 -12.08
C GLN A 87 7.51 7.20 -12.53
N SER A 88 6.52 7.39 -11.66
CA SER A 88 5.38 8.23 -11.98
C SER A 88 5.83 9.60 -12.48
N VAL A 89 4.89 10.36 -13.05
CA VAL A 89 5.19 11.68 -13.57
C VAL A 89 4.99 12.75 -12.51
N GLU A 90 4.13 12.45 -11.54
CA GLU A 90 3.85 13.39 -10.46
C GLU A 90 4.75 13.13 -9.25
N SER A 91 5.43 14.16 -8.77
CA SER A 91 6.32 14.04 -7.63
C SER A 91 5.53 13.83 -6.34
N VAL A 92 4.27 14.26 -6.35
CA VAL A 92 3.41 14.12 -5.18
C VAL A 92 3.32 12.67 -4.73
N TRP A 93 3.56 11.76 -5.66
CA TRP A 93 3.50 10.33 -5.37
C TRP A 93 4.72 9.89 -4.57
N ASN A 94 5.85 10.54 -4.83
CA ASN A 94 7.10 10.22 -4.13
C ASN A 94 6.94 10.43 -2.62
N MET A 95 6.22 11.47 -2.24
CA MET A 95 6.01 11.79 -0.84
C MET A 95 5.03 10.80 -0.21
N ALA A 96 4.03 10.37 -0.99
CA ALA A 96 3.03 9.43 -0.52
C ALA A 96 3.69 8.14 -0.02
N PHE A 97 4.68 7.66 -0.76
CA PHE A 97 5.39 6.43 -0.41
C PHE A 97 6.03 6.57 0.97
N ASP A 98 6.74 7.67 1.17
CA ASP A 98 7.42 7.92 2.44
C ASP A 98 6.40 8.01 3.58
N PHE A 99 5.26 8.62 3.30
CA PHE A 99 4.20 8.77 4.30
C PHE A 99 3.79 7.42 4.87
N ILE A 100 3.54 6.47 3.98
CA ILE A 100 3.13 5.13 4.39
C ILE A 100 4.23 4.43 5.17
N LEU A 101 5.47 4.61 4.71
CA LEU A 101 6.63 4.00 5.37
C LEU A 101 6.84 4.60 6.76
N ASP A 102 6.58 5.89 6.89
CA ASP A 102 6.74 6.58 8.16
C ASP A 102 5.86 5.95 9.24
N ASN A 103 4.77 5.30 8.80
CA ASN A 103 3.85 4.67 9.72
C ASN A 103 4.12 3.17 9.82
N VAL A 104 4.39 2.54 8.68
CA VAL A 104 4.68 1.12 8.64
C VAL A 104 6.06 0.81 9.21
N GLN A 105 7.09 1.41 8.62
CA GLN A 105 8.46 1.21 9.08
C GLN A 105 8.55 1.38 10.59
N VAL A 106 7.68 2.22 11.15
CA VAL A 106 7.67 2.48 12.58
C VAL A 106 7.15 1.27 13.35
N VAL A 107 5.95 0.82 12.99
CA VAL A 107 5.33 -0.32 13.65
C VAL A 107 6.11 -1.61 13.37
N LEU A 108 6.82 -1.62 12.24
CA LEU A 108 7.61 -2.79 11.85
C LEU A 108 8.87 -2.89 12.70
N GLN A 109 9.48 -1.75 12.99
CA GLN A 109 10.70 -1.71 13.79
C GLN A 109 10.42 -2.16 15.22
N GLN A 110 9.29 -1.70 15.77
CA GLN A 110 8.90 -2.05 17.13
C GLN A 110 8.68 -3.56 17.26
N THR A 111 8.53 -4.24 16.12
CA THR A 111 8.31 -5.67 16.12
C THR A 111 9.61 -6.43 15.92
N TYR A 112 10.28 -6.17 14.81
CA TYR A 112 11.54 -6.83 14.50
C TYR A 112 12.72 -5.89 14.74
N GLY A 113 12.57 -4.64 14.30
CA GLY A 113 13.63 -3.66 14.47
C GLY A 113 14.29 -3.28 13.15
N SER A 114 14.04 -4.07 12.12
CA SER A 114 14.60 -3.81 10.80
C SER A 114 13.65 -2.99 9.95
N THR A 115 14.02 -2.79 8.68
CA THR A 115 13.19 -2.03 7.75
C THR A 115 13.42 -2.47 6.32
N LEU A 116 12.70 -1.85 5.39
CA LEU A 116 12.83 -2.19 3.98
C LEU A 116 13.87 -1.30 3.30
N LYS A 117 14.64 -1.90 2.40
CA LYS A 117 15.68 -1.16 1.68
C LYS A 117 15.13 -0.57 0.38
N VAL A 118 14.72 0.70 0.44
CA VAL A 118 14.16 1.38 -0.73
C VAL A 118 15.02 2.58 -1.12
N THR A 119 16.00 2.35 -1.99
CA THR A 119 16.88 3.41 -2.45
C THR A 119 16.10 4.54 -3.11
N LYS B 7 -15.75 8.25 0.03
CA LYS B 7 -14.80 9.27 -0.40
C LYS B 7 -13.42 8.68 -0.58
N SER B 8 -13.27 7.81 -1.58
CA SER B 8 -11.99 7.17 -1.86
C SER B 8 -12.10 6.24 -3.06
N PHE B 9 -10.96 5.96 -3.70
CA PHE B 9 -10.93 5.08 -4.85
C PHE B 9 -10.95 3.62 -4.43
N PHE B 10 -10.32 3.32 -3.30
CA PHE B 10 -10.26 1.96 -2.78
C PHE B 10 -11.63 1.51 -2.28
N ASP B 11 -12.45 2.48 -1.88
CA ASP B 11 -13.79 2.19 -1.38
C ASP B 11 -14.73 1.83 -2.52
N LYS B 12 -14.72 2.64 -3.58
CA LYS B 12 -15.57 2.41 -4.74
C LYS B 12 -15.14 1.15 -5.48
N LYS B 13 -13.87 0.79 -5.36
CA LYS B 13 -13.35 -0.40 -6.02
C LYS B 13 -13.70 -1.66 -5.24
N ARG B 14 -13.37 -1.67 -3.95
CA ARG B 14 -13.65 -2.82 -3.09
C ARG B 14 -15.14 -3.17 -3.15
N SER B 15 -15.97 -2.18 -3.42
CA SER B 15 -17.41 -2.39 -3.49
C SER B 15 -17.78 -3.11 -4.79
N GLU B 16 -17.06 -2.79 -5.86
CA GLU B 16 -17.32 -3.39 -7.16
C GLU B 16 -17.28 -4.92 -7.06
N ARG B 17 -16.16 -5.46 -6.60
CA ARG B 17 -15.98 -6.89 -6.47
C ARG B 17 -17.07 -7.49 -5.56
N ILE B 18 -17.34 -6.82 -4.45
CA ILE B 18 -18.35 -7.28 -3.51
C ILE B 18 -19.74 -7.24 -4.15
N SER B 19 -19.91 -6.39 -5.14
CA SER B 19 -21.19 -6.26 -5.84
C SER B 19 -21.23 -7.13 -7.08
N ASN B 20 -22.39 -7.74 -7.33
CA ASN B 20 -22.55 -8.61 -8.50
C ASN B 20 -23.09 -7.82 -9.69
N ALA A 23 -10.27 -10.60 9.32
CA ALA A 23 -9.24 -9.91 10.09
C ALA A 23 -7.86 -10.11 9.46
N ALA A 24 -7.83 -10.17 8.13
CA ALA A 24 -6.58 -10.36 7.41
C ALA A 24 -6.21 -9.12 6.59
N PRO A 25 -4.93 -9.01 6.22
CA PRO A 25 -4.43 -7.87 5.44
C PRO A 25 -4.94 -7.90 4.00
N ASN A 26 -6.01 -7.15 3.74
CA ASN A 26 -6.59 -7.08 2.40
C ASN A 26 -6.68 -5.64 1.92
N LEU A 27 -6.30 -5.42 0.67
CA LEU A 27 -6.33 -4.08 0.07
C LEU A 27 -7.52 -3.94 -0.87
N ALA A 28 -8.47 -3.10 -0.48
CA ALA A 28 -9.66 -2.87 -1.29
C ALA A 28 -10.40 -4.17 -1.59
N GLY A 29 -10.23 -5.15 -0.70
CA GLY A 29 -10.88 -6.43 -0.87
C GLY A 29 -9.99 -7.44 -1.56
N ALA A 30 -8.70 -7.13 -1.65
CA ALA A 30 -7.74 -8.02 -2.28
C ALA A 30 -6.84 -8.69 -1.25
N VAL A 31 -6.92 -10.01 -1.16
CA VAL A 31 -6.11 -10.76 -0.20
C VAL A 31 -4.84 -11.28 -0.85
N GLU A 32 -4.93 -11.63 -2.13
CA GLU A 32 -3.79 -12.13 -2.87
C GLU A 32 -2.82 -11.00 -3.24
N PHE A 33 -1.53 -11.31 -3.22
CA PHE A 33 -0.51 -10.32 -3.54
C PHE A 33 -0.72 -9.77 -4.95
N SER A 34 -0.81 -10.66 -5.93
CA SER A 34 -1.02 -10.25 -7.32
C SER A 34 -2.19 -9.29 -7.43
N ASP A 35 -3.23 -9.53 -6.64
CA ASP A 35 -4.42 -8.69 -6.65
C ASP A 35 -4.14 -7.35 -5.98
N VAL A 36 -3.25 -7.36 -4.99
CA VAL A 36 -2.90 -6.14 -4.26
C VAL A 36 -2.08 -5.20 -5.14
N LYS A 37 -0.98 -5.70 -5.68
CA LYS A 37 -0.11 -4.91 -6.53
C LYS A 37 -0.88 -4.36 -7.73
N THR A 38 -1.88 -5.10 -8.18
CA THR A 38 -2.69 -4.68 -9.31
C THR A 38 -3.49 -3.43 -8.99
N LEU A 39 -4.07 -3.40 -7.79
CA LEU A 39 -4.86 -2.25 -7.35
C LEU A 39 -3.98 -1.03 -7.16
N LEU A 40 -2.74 -1.25 -6.73
CA LEU A 40 -1.79 -0.16 -6.50
C LEU A 40 -1.32 0.43 -7.82
N LYS A 41 -0.91 -0.43 -8.74
CA LYS A 41 -0.43 0.00 -10.04
C LYS A 41 -1.45 0.92 -10.72
N GLU A 42 -2.72 0.55 -10.61
CA GLU A 42 -3.79 1.35 -11.20
C GLU A 42 -4.09 2.58 -10.37
N TRP A 43 -4.11 2.42 -9.05
CA TRP A 43 -4.37 3.51 -8.13
C TRP A 43 -3.29 4.57 -8.22
N ILE A 44 -2.17 4.21 -8.84
CA ILE A 44 -1.05 5.14 -9.00
C ILE A 44 -0.99 5.69 -10.41
N THR A 45 -1.79 5.12 -11.31
CA THR A 45 -1.82 5.55 -12.70
C THR A 45 -3.11 6.29 -13.01
N THR A 46 -4.24 5.63 -12.76
CA THR A 46 -5.55 6.23 -13.01
C THR A 46 -5.80 7.42 -12.09
N ILE A 47 -5.03 7.50 -11.02
CA ILE A 47 -5.16 8.59 -10.06
C ILE A 47 -3.83 9.28 -9.81
N SER A 48 -3.81 10.61 -9.95
CA SER A 48 -2.60 11.39 -9.75
C SER A 48 -2.66 12.16 -8.43
N ASP A 49 -3.87 12.49 -8.02
CA ASP A 49 -4.07 13.24 -6.78
C ASP A 49 -4.75 12.36 -5.72
N PRO A 50 -3.96 11.50 -5.07
CA PRO A 50 -4.46 10.60 -4.03
C PRO A 50 -4.87 11.35 -2.76
N MET A 51 -5.84 10.79 -2.05
CA MET A 51 -6.33 11.40 -0.81
C MET A 51 -5.76 10.69 0.41
N GLU A 52 -5.72 11.40 1.54
CA GLU A 52 -5.20 10.84 2.77
C GLU A 52 -5.85 9.49 3.08
N GLU A 53 -7.11 9.35 2.66
CA GLU A 53 -7.85 8.11 2.90
C GLU A 53 -7.33 6.99 2.01
N ASP A 54 -7.17 7.28 0.73
CA ASP A 54 -6.68 6.28 -0.21
C ASP A 54 -5.30 5.77 0.21
N ILE A 55 -4.42 6.68 0.61
CA ILE A 55 -3.08 6.31 1.04
C ILE A 55 -3.10 5.61 2.39
N LEU A 56 -3.98 6.07 3.28
CA LEU A 56 -4.11 5.49 4.61
C LEU A 56 -4.45 4.00 4.51
N GLN A 57 -5.34 3.65 3.59
CA GLN A 57 -5.75 2.27 3.40
C GLN A 57 -4.53 1.37 3.17
N VAL A 58 -3.49 1.93 2.57
CA VAL A 58 -2.27 1.18 2.30
C VAL A 58 -1.48 0.94 3.57
N VAL A 59 -1.51 1.91 4.48
CA VAL A 59 -0.80 1.81 5.75
C VAL A 59 -1.34 0.66 6.59
N ARG A 60 -2.66 0.64 6.77
CA ARG A 60 -3.31 -0.40 7.56
C ARG A 60 -3.06 -1.77 6.96
N TYR A 61 -2.81 -1.80 5.65
CA TYR A 61 -2.55 -3.05 4.95
C TYR A 61 -1.15 -3.57 5.25
N CYS A 62 -0.16 -2.71 5.06
CA CYS A 62 1.23 -3.08 5.30
C CYS A 62 1.48 -3.30 6.79
N THR A 63 0.97 -2.38 7.61
CA THR A 63 1.14 -2.47 9.06
C THR A 63 0.61 -3.80 9.59
N ASP A 64 -0.35 -4.37 8.88
CA ASP A 64 -0.94 -5.65 9.28
C ASP A 64 0.03 -6.79 9.01
N LEU A 65 0.79 -6.68 7.93
CA LEU A 65 1.75 -7.72 7.57
C LEU A 65 2.76 -7.94 8.68
N ILE A 66 3.09 -6.88 9.40
CA ILE A 66 4.04 -6.96 10.51
C ILE A 66 3.50 -7.84 11.64
N GLU A 67 2.26 -7.56 12.05
CA GLU A 67 1.62 -8.31 13.12
C GLU A 67 1.21 -9.70 12.64
N GLU A 68 1.00 -9.82 11.32
CA GLU A 68 0.60 -11.09 10.73
C GLU A 68 1.82 -11.91 10.31
N LYS A 69 3.00 -11.29 10.38
CA LYS A 69 4.23 -11.96 10.01
C LYS A 69 4.23 -12.35 8.54
N ASP A 70 3.76 -11.44 7.69
CA ASP A 70 3.70 -11.69 6.25
C ASP A 70 4.61 -10.72 5.50
N LEU A 71 5.75 -10.40 6.10
CA LEU A 71 6.70 -9.47 5.49
C LEU A 71 7.14 -9.97 4.11
N GLU A 72 6.92 -11.26 3.86
CA GLU A 72 7.29 -11.86 2.58
C GLU A 72 6.74 -11.03 1.42
N LYS A 73 5.43 -10.79 1.43
CA LYS A 73 4.79 -10.02 0.38
C LYS A 73 5.02 -8.52 0.59
N LEU A 74 5.29 -8.14 1.84
CA LEU A 74 5.53 -6.74 2.18
C LEU A 74 6.61 -6.14 1.30
N ASP A 75 7.78 -6.77 1.29
CA ASP A 75 8.90 -6.30 0.49
C ASP A 75 8.54 -6.25 -0.98
N LEU A 76 7.60 -7.12 -1.38
CA LEU A 76 7.15 -7.17 -2.77
C LEU A 76 6.22 -6.02 -3.09
N VAL A 77 5.28 -5.74 -2.19
CA VAL A 77 4.33 -4.67 -2.37
C VAL A 77 5.00 -3.30 -2.26
N ILE A 78 5.92 -3.19 -1.30
CA ILE A 78 6.65 -1.94 -1.08
C ILE A 78 7.53 -1.60 -2.28
N LYS A 79 8.38 -2.54 -2.68
CA LYS A 79 9.27 -2.34 -3.81
C LYS A 79 8.47 -2.18 -5.10
N TYR A 80 7.27 -2.72 -5.13
CA TYR A 80 6.41 -2.62 -6.31
C TYR A 80 5.71 -1.26 -6.36
N MET A 81 5.20 -0.81 -5.21
CA MET A 81 4.52 0.46 -5.14
C MET A 81 5.50 1.62 -5.20
N LYS A 82 6.70 1.40 -4.66
CA LYS A 82 7.73 2.42 -4.65
C LYS A 82 8.29 2.64 -6.06
N ARG A 83 8.30 1.59 -6.87
CA ARG A 83 8.79 1.67 -8.24
C ARG A 83 7.83 2.46 -9.11
N LEU A 84 6.55 2.41 -8.76
CA LEU A 84 5.52 3.12 -9.53
C LEU A 84 5.46 4.58 -9.12
N MET A 85 5.30 4.82 -7.82
CA MET A 85 5.21 6.19 -7.30
C MET A 85 6.46 6.98 -7.66
N GLN A 86 7.57 6.27 -7.86
CA GLN A 86 8.83 6.91 -8.22
C GLN A 86 8.88 7.22 -9.71
N GLN A 87 8.42 6.27 -10.53
CA GLN A 87 8.42 6.43 -11.97
C GLN A 87 7.20 7.20 -12.43
N SER A 88 6.37 7.62 -11.47
CA SER A 88 5.16 8.37 -11.78
C SER A 88 5.49 9.69 -12.46
N VAL A 89 4.45 10.47 -12.75
CA VAL A 89 4.63 11.77 -13.39
C VAL A 89 4.57 12.91 -12.37
N GLU A 90 3.78 12.71 -11.32
CA GLU A 90 3.63 13.72 -10.29
C GLU A 90 4.61 13.47 -9.14
N SER A 91 5.27 14.54 -8.68
CA SER A 91 6.24 14.43 -7.60
C SER A 91 5.54 14.16 -6.28
N VAL A 92 4.27 14.55 -6.18
CA VAL A 92 3.49 14.34 -4.97
C VAL A 92 3.41 12.86 -4.61
N TRP A 93 3.58 12.00 -5.61
CA TRP A 93 3.53 10.56 -5.41
C TRP A 93 4.74 10.09 -4.60
N ASN A 94 5.88 10.72 -4.83
CA ASN A 94 7.11 10.36 -4.12
C ASN A 94 6.91 10.46 -2.62
N MET A 95 6.21 11.49 -2.18
CA MET A 95 5.94 11.70 -0.76
C MET A 95 4.93 10.68 -0.24
N ALA A 96 3.98 10.31 -1.08
CA ALA A 96 2.96 9.34 -0.71
C ALA A 96 3.58 8.05 -0.18
N PHE A 97 4.59 7.55 -0.89
CA PHE A 97 5.26 6.32 -0.50
C PHE A 97 5.90 6.48 0.88
N ASP A 98 6.48 7.65 1.14
CA ASP A 98 7.11 7.92 2.42
C ASP A 98 6.08 7.98 3.54
N PHE A 99 4.90 8.50 3.23
CA PHE A 99 3.83 8.62 4.21
C PHE A 99 3.47 7.25 4.78
N ILE A 100 3.29 6.27 3.90
CA ILE A 100 2.94 4.92 4.30
C ILE A 100 4.06 4.30 5.13
N LEU A 101 5.30 4.54 4.71
CA LEU A 101 6.46 4.00 5.41
C LEU A 101 6.63 4.65 6.78
N ASP A 102 6.28 5.92 6.87
CA ASP A 102 6.37 6.66 8.12
C ASP A 102 5.51 6.01 9.21
N ASN A 103 4.43 5.37 8.79
CA ASN A 103 3.52 4.70 9.71
C ASN A 103 3.81 3.21 9.79
N VAL A 104 4.18 2.62 8.67
CA VAL A 104 4.48 1.20 8.60
C VAL A 104 5.84 0.91 9.23
N GLN A 105 6.89 1.51 8.67
CA GLN A 105 8.24 1.31 9.16
C GLN A 105 8.30 1.51 10.67
N VAL A 106 7.42 2.36 11.19
CA VAL A 106 7.37 2.63 12.62
C VAL A 106 6.86 1.43 13.40
N VAL A 107 5.69 0.92 13.00
CA VAL A 107 5.10 -0.24 13.65
C VAL A 107 5.91 -1.50 13.39
N LEU A 108 6.64 -1.50 12.28
CA LEU A 108 7.47 -2.64 11.91
C LEU A 108 8.71 -2.73 12.78
N GLN A 109 9.30 -1.57 13.08
CA GLN A 109 10.49 -1.51 13.91
C GLN A 109 10.19 -1.95 15.34
N GLN A 110 9.04 -1.53 15.85
CA GLN A 110 8.64 -1.88 17.21
C GLN A 110 8.40 -3.39 17.32
N THR A 111 8.31 -4.06 16.19
CA THR A 111 8.07 -5.50 16.17
C THR A 111 9.39 -6.26 16.03
N TYR A 112 10.11 -6.00 14.94
CA TYR A 112 11.38 -6.67 14.69
C TYR A 112 12.55 -5.72 14.96
N GLY A 113 12.41 -4.47 14.51
CA GLY A 113 13.45 -3.49 14.71
C GLY A 113 14.14 -3.09 13.41
N SER A 114 13.92 -3.88 12.37
CA SER A 114 14.52 -3.61 11.07
C SER A 114 13.56 -2.80 10.19
N THR A 115 13.94 -2.62 8.93
CA THR A 115 13.13 -1.87 7.98
C THR A 115 13.36 -2.35 6.55
N LEU A 116 12.65 -1.74 5.60
CA LEU A 116 12.78 -2.10 4.20
C LEU A 116 14.05 -1.50 3.60
N LYS A 117 14.55 -2.12 2.55
CA LYS A 117 15.76 -1.64 1.88
C LYS A 117 15.44 -1.13 0.47
N VAL A 118 15.31 0.19 0.34
CA VAL A 118 15.00 0.80 -0.94
C VAL A 118 16.18 1.64 -1.44
N THR A 119 16.82 1.18 -2.51
CA THR A 119 17.96 1.89 -3.09
C THR A 119 17.51 3.17 -3.78
N LYS B 7 -15.19 7.81 1.69
CA LYS B 7 -14.70 8.50 0.51
C LYS B 7 -13.26 8.10 0.19
N SER B 8 -13.10 7.32 -0.87
CA SER B 8 -11.77 6.85 -1.27
C SER B 8 -11.87 5.98 -2.53
N PHE B 9 -10.74 5.83 -3.22
CA PHE B 9 -10.69 5.02 -4.43
C PHE B 9 -10.90 3.54 -4.11
N PHE B 10 -10.04 3.00 -3.26
CA PHE B 10 -10.12 1.61 -2.87
C PHE B 10 -11.46 1.30 -2.23
N ASP B 11 -12.09 2.33 -1.67
CA ASP B 11 -13.39 2.16 -1.02
C ASP B 11 -14.51 2.04 -2.06
N LYS B 12 -14.45 2.90 -3.08
CA LYS B 12 -15.45 2.88 -4.14
C LYS B 12 -15.22 1.72 -5.10
N LYS B 13 -13.99 1.23 -5.13
CA LYS B 13 -13.63 0.12 -6.01
C LYS B 13 -13.95 -1.22 -5.34
N ARG B 14 -13.60 -1.33 -4.06
CA ARG B 14 -13.85 -2.56 -3.31
C ARG B 14 -15.34 -2.84 -3.22
N SER B 15 -16.14 -1.78 -3.16
CA SER B 15 -17.59 -1.92 -3.06
C SER B 15 -18.13 -2.82 -4.16
N GLU B 16 -17.72 -2.55 -5.40
CA GLU B 16 -18.16 -3.34 -6.54
C GLU B 16 -17.64 -4.77 -6.45
N ARG B 17 -16.44 -4.92 -5.88
CA ARG B 17 -15.83 -6.23 -5.73
C ARG B 17 -16.58 -7.07 -4.70
N ILE B 18 -16.98 -6.44 -3.60
CA ILE B 18 -17.71 -7.13 -2.55
C ILE B 18 -18.98 -7.79 -3.10
N SER B 19 -19.65 -7.09 -4.00
CA SER B 19 -20.88 -7.61 -4.59
C SER B 19 -20.58 -8.73 -5.58
N ASN B 20 -21.35 -9.81 -5.49
CA ASN B 20 -21.17 -10.95 -6.38
C ASN B 20 -21.17 -10.52 -7.84
N ALA A 23 -10.17 -11.16 9.05
CA ALA A 23 -9.49 -9.91 9.36
C ALA A 23 -8.05 -9.93 8.85
N ALA A 24 -7.80 -10.72 7.81
CA ALA A 24 -6.47 -10.84 7.23
C ALA A 24 -6.08 -9.55 6.49
N PRO A 25 -4.77 -9.37 6.28
CA PRO A 25 -4.24 -8.19 5.59
C PRO A 25 -4.59 -8.18 4.10
N ASN A 26 -5.71 -7.55 3.77
CA ASN A 26 -6.15 -7.46 2.38
C ASN A 26 -6.39 -6.02 1.96
N LEU A 27 -6.06 -5.71 0.72
CA LEU A 27 -6.23 -4.35 0.19
C LEU A 27 -7.55 -4.24 -0.57
N ALA A 28 -8.52 -3.56 0.06
CA ALA A 28 -9.84 -3.37 -0.57
C ALA A 28 -10.46 -4.70 -0.94
N GLY A 29 -10.33 -5.69 -0.06
CA GLY A 29 -10.89 -7.00 -0.32
C GLY A 29 -9.94 -7.89 -1.10
N ALA A 30 -8.77 -7.36 -1.42
CA ALA A 30 -7.78 -8.12 -2.18
C ALA A 30 -6.83 -8.87 -1.24
N VAL A 31 -6.95 -10.19 -1.22
CA VAL A 31 -6.11 -11.03 -0.36
C VAL A 31 -4.87 -11.49 -1.11
N GLU A 32 -5.04 -11.87 -2.37
CA GLU A 32 -3.93 -12.33 -3.19
C GLU A 32 -3.00 -11.18 -3.55
N PHE A 33 -1.69 -11.41 -3.40
CA PHE A 33 -0.70 -10.40 -3.70
C PHE A 33 -0.90 -9.83 -5.10
N SER A 34 -1.05 -10.72 -6.08
CA SER A 34 -1.24 -10.31 -7.46
C SER A 34 -2.39 -9.30 -7.57
N ASP A 35 -3.44 -9.52 -6.77
CA ASP A 35 -4.59 -8.64 -6.78
C ASP A 35 -4.29 -7.32 -6.07
N VAL A 36 -3.37 -7.38 -5.10
CA VAL A 36 -2.98 -6.19 -4.35
C VAL A 36 -2.13 -5.25 -5.20
N LYS A 37 -1.04 -5.79 -5.75
CA LYS A 37 -0.15 -5.00 -6.58
C LYS A 37 -0.89 -4.40 -7.78
N THR A 38 -1.90 -5.12 -8.25
CA THR A 38 -2.71 -4.67 -9.39
C THR A 38 -3.52 -3.43 -9.03
N LEU A 39 -4.05 -3.43 -7.81
CA LEU A 39 -4.86 -2.30 -7.34
C LEU A 39 -4.01 -1.05 -7.17
N LEU A 40 -2.78 -1.24 -6.71
CA LEU A 40 -1.85 -0.13 -6.50
C LEU A 40 -1.35 0.42 -7.83
N LYS A 41 -0.98 -0.48 -8.73
CA LYS A 41 -0.49 -0.10 -10.05
C LYS A 41 -1.47 0.84 -10.74
N GLU A 42 -2.75 0.52 -10.66
CA GLU A 42 -3.79 1.33 -11.28
C GLU A 42 -4.07 2.58 -10.44
N TRP A 43 -4.10 2.41 -9.13
CA TRP A 43 -4.36 3.51 -8.21
C TRP A 43 -3.26 4.57 -8.31
N ILE A 44 -2.15 4.20 -8.92
CA ILE A 44 -1.02 5.11 -9.08
C ILE A 44 -0.96 5.67 -10.50
N THR A 45 -1.72 5.05 -11.40
CA THR A 45 -1.75 5.48 -12.79
C THR A 45 -3.02 6.27 -13.10
N THR A 46 -4.17 5.64 -12.83
CA THR A 46 -5.46 6.29 -13.07
C THR A 46 -5.68 7.46 -12.13
N ILE A 47 -4.90 7.51 -11.05
CA ILE A 47 -5.01 8.58 -10.08
C ILE A 47 -3.65 9.21 -9.80
N SER A 48 -3.57 10.52 -9.95
CA SER A 48 -2.32 11.25 -9.72
C SER A 48 -2.40 12.05 -8.42
N ASP A 49 -3.62 12.42 -8.04
CA ASP A 49 -3.83 13.19 -6.82
C ASP A 49 -4.60 12.37 -5.78
N PRO A 50 -3.88 11.48 -5.08
CA PRO A 50 -4.47 10.63 -4.05
C PRO A 50 -4.89 11.41 -2.81
N MET A 51 -5.81 10.84 -2.04
CA MET A 51 -6.31 11.48 -0.83
C MET A 51 -5.73 10.83 0.42
N GLU A 52 -5.97 11.42 1.57
CA GLU A 52 -5.47 10.90 2.83
C GLU A 52 -6.04 9.50 3.11
N GLU A 53 -7.36 9.43 3.24
CA GLU A 53 -8.02 8.16 3.49
C GLU A 53 -7.59 7.10 2.49
N ASP A 54 -7.26 7.54 1.28
CA ASP A 54 -6.83 6.63 0.22
C ASP A 54 -5.46 6.03 0.55
N ILE A 55 -4.53 6.89 0.95
CA ILE A 55 -3.18 6.44 1.30
C ILE A 55 -3.18 5.67 2.62
N LEU A 56 -3.95 6.16 3.58
CA LEU A 56 -4.03 5.51 4.89
C LEU A 56 -4.37 4.02 4.74
N GLN A 57 -5.28 3.73 3.82
CA GLN A 57 -5.69 2.35 3.58
C GLN A 57 -4.48 1.46 3.30
N VAL A 58 -3.47 2.04 2.66
CA VAL A 58 -2.25 1.30 2.33
C VAL A 58 -1.41 1.04 3.58
N VAL A 59 -1.42 2.00 4.49
CA VAL A 59 -0.65 1.88 5.74
C VAL A 59 -1.20 0.74 6.60
N ARG A 60 -2.50 0.75 6.83
CA ARG A 60 -3.14 -0.27 7.65
C ARG A 60 -2.92 -1.66 7.06
N TYR A 61 -2.69 -1.71 5.75
CA TYR A 61 -2.46 -2.97 5.06
C TYR A 61 -1.06 -3.50 5.34
N CYS A 62 -0.07 -2.65 5.12
CA CYS A 62 1.33 -3.03 5.35
C CYS A 62 1.60 -3.24 6.84
N THR A 63 1.13 -2.30 7.65
CA THR A 63 1.32 -2.38 9.09
C THR A 63 0.78 -3.70 9.65
N ASP A 64 -0.19 -4.27 8.95
CA ASP A 64 -0.79 -5.53 9.37
C ASP A 64 0.16 -6.70 9.13
N LEU A 65 0.87 -6.64 8.01
CA LEU A 65 1.82 -7.69 7.65
C LEU A 65 2.82 -7.93 8.77
N ILE A 66 3.18 -6.86 9.47
CA ILE A 66 4.13 -6.95 10.57
C ILE A 66 3.58 -7.82 11.69
N GLU A 67 2.33 -7.58 12.08
CA GLU A 67 1.69 -8.35 13.14
C GLU A 67 1.33 -9.75 12.65
N GLU A 68 1.00 -9.86 11.37
CA GLU A 68 0.63 -11.15 10.78
C GLU A 68 1.88 -11.94 10.38
N LYS A 69 3.03 -11.29 10.45
CA LYS A 69 4.29 -11.93 10.10
C LYS A 69 4.31 -12.30 8.61
N ASP A 70 3.78 -11.41 7.78
CA ASP A 70 3.74 -11.65 6.34
C ASP A 70 4.64 -10.66 5.61
N LEU A 71 5.77 -10.34 6.21
CA LEU A 71 6.71 -9.39 5.62
C LEU A 71 7.11 -9.83 4.21
N GLU A 72 6.96 -11.12 3.93
CA GLU A 72 7.28 -11.67 2.62
C GLU A 72 6.62 -10.86 1.52
N LYS A 73 5.33 -10.60 1.67
CA LYS A 73 4.58 -9.83 0.68
C LYS A 73 4.84 -8.34 0.85
N LEU A 74 5.27 -7.94 2.03
CA LEU A 74 5.56 -6.54 2.32
C LEU A 74 6.61 -5.99 1.36
N ASP A 75 7.79 -6.61 1.39
CA ASP A 75 8.89 -6.19 0.52
C ASP A 75 8.46 -6.18 -0.94
N LEU A 76 7.47 -7.02 -1.26
CA LEU A 76 6.97 -7.12 -2.63
C LEU A 76 6.06 -5.94 -2.95
N VAL A 77 5.07 -5.70 -2.10
CA VAL A 77 4.13 -4.60 -2.29
C VAL A 77 4.84 -3.25 -2.18
N ILE A 78 5.83 -3.18 -1.30
CA ILE A 78 6.59 -1.96 -1.09
C ILE A 78 7.47 -1.64 -2.30
N LYS A 79 8.31 -2.60 -2.68
CA LYS A 79 9.21 -2.43 -3.82
C LYS A 79 8.41 -2.27 -5.11
N TYR A 80 7.20 -2.80 -5.12
CA TYR A 80 6.34 -2.71 -6.31
C TYR A 80 5.65 -1.35 -6.37
N MET A 81 5.16 -0.89 -5.23
CA MET A 81 4.47 0.40 -5.16
C MET A 81 5.47 1.55 -5.24
N LYS A 82 6.67 1.32 -4.71
CA LYS A 82 7.71 2.34 -4.72
C LYS A 82 8.26 2.54 -6.14
N ARG A 83 8.27 1.47 -6.92
CA ARG A 83 8.78 1.54 -8.28
C ARG A 83 7.81 2.32 -9.18
N LEU A 84 6.54 2.27 -8.84
CA LEU A 84 5.51 2.98 -9.61
C LEU A 84 5.45 4.45 -9.20
N MET A 85 5.24 4.69 -7.92
CA MET A 85 5.15 6.05 -7.40
C MET A 85 6.39 6.85 -7.78
N GLN A 86 7.51 6.16 -7.99
CA GLN A 86 8.76 6.81 -8.35
C GLN A 86 8.77 7.16 -9.84
N GLN A 87 8.30 6.23 -10.66
CA GLN A 87 8.26 6.45 -12.11
C GLN A 87 6.99 7.20 -12.51
N SER A 88 6.20 7.57 -11.52
CA SER A 88 4.95 8.29 -11.77
C SER A 88 5.23 9.65 -12.40
N VAL A 89 4.16 10.38 -12.73
CA VAL A 89 4.29 11.69 -13.34
C VAL A 89 4.19 12.79 -12.29
N GLU A 90 3.41 12.55 -11.24
CA GLU A 90 3.24 13.53 -10.18
C GLU A 90 4.24 13.28 -9.05
N SER A 91 5.12 14.26 -8.83
CA SER A 91 6.14 14.15 -7.80
C SER A 91 5.50 13.89 -6.43
N VAL A 92 4.25 14.30 -6.29
CA VAL A 92 3.53 14.12 -5.04
C VAL A 92 3.50 12.66 -4.63
N TRP A 93 3.54 11.77 -5.62
CA TRP A 93 3.53 10.33 -5.36
C TRP A 93 4.76 9.90 -4.57
N ASN A 94 5.89 10.56 -4.84
CA ASN A 94 7.13 10.25 -4.14
C ASN A 94 6.97 10.40 -2.63
N MET A 95 6.29 11.46 -2.22
CA MET A 95 6.07 11.72 -0.81
C MET A 95 5.04 10.74 -0.23
N ALA A 96 4.09 10.32 -1.06
CA ALA A 96 3.07 9.38 -0.64
C ALA A 96 3.68 8.08 -0.12
N PHE A 97 4.66 7.57 -0.85
CA PHE A 97 5.34 6.34 -0.47
C PHE A 97 6.00 6.48 0.90
N ASP A 98 6.67 7.61 1.11
CA ASP A 98 7.36 7.87 2.37
C ASP A 98 6.36 7.92 3.53
N PHE A 99 5.19 8.50 3.27
CA PHE A 99 4.16 8.61 4.28
C PHE A 99 3.79 7.24 4.84
N ILE A 100 3.54 6.30 3.95
CA ILE A 100 3.18 4.94 4.35
C ILE A 100 4.29 4.29 5.16
N LEU A 101 5.53 4.49 4.73
CA LEU A 101 6.68 3.93 5.42
C LEU A 101 6.87 4.59 6.79
N ASP A 102 6.55 5.87 6.87
CA ASP A 102 6.68 6.62 8.11
C ASP A 102 5.82 6.00 9.21
N ASN A 103 4.71 5.38 8.81
CA ASN A 103 3.81 4.75 9.76
C ASN A 103 4.07 3.25 9.85
N VAL A 104 4.40 2.64 8.72
CA VAL A 104 4.68 1.21 8.67
C VAL A 104 6.04 0.89 9.28
N GLN A 105 7.10 1.46 8.71
CA GLN A 105 8.45 1.25 9.19
C GLN A 105 8.52 1.46 10.70
N VAL A 106 7.66 2.34 11.21
CA VAL A 106 7.63 2.62 12.64
C VAL A 106 7.09 1.45 13.43
N VAL A 107 5.92 0.96 13.04
CA VAL A 107 5.30 -0.17 13.72
C VAL A 107 6.08 -1.46 13.46
N LEU A 108 6.81 -1.49 12.36
CA LEU A 108 7.61 -2.66 12.00
C LEU A 108 8.84 -2.77 12.88
N GLN A 109 9.46 -1.63 13.18
CA GLN A 109 10.65 -1.60 14.01
C GLN A 109 10.33 -2.04 15.44
N GLN A 110 9.19 -1.59 15.95
CA GLN A 110 8.77 -1.95 17.31
C GLN A 110 8.50 -3.44 17.42
N THR A 111 8.40 -4.10 16.27
CA THR A 111 8.15 -5.54 16.25
C THR A 111 9.45 -6.32 16.11
N TYR A 112 10.17 -6.07 15.02
CA TYR A 112 11.44 -6.75 14.76
C TYR A 112 12.61 -5.82 15.04
N GLY A 113 12.50 -4.58 14.60
CA GLY A 113 13.56 -3.61 14.81
C GLY A 113 14.25 -3.23 13.51
N SER A 114 14.03 -4.02 12.46
CA SER A 114 14.64 -3.75 11.16
C SER A 114 13.70 -2.94 10.28
N THR A 115 14.10 -2.77 9.01
CA THR A 115 13.29 -2.02 8.06
C THR A 115 13.54 -2.50 6.63
N LEU A 116 12.90 -1.84 5.67
CA LEU A 116 13.05 -2.20 4.27
C LEU A 116 14.14 -1.37 3.60
N LYS A 117 14.72 -1.90 2.54
CA LYS A 117 15.77 -1.21 1.82
C LYS A 117 15.26 -0.71 0.46
N VAL A 118 14.90 0.57 0.42
CA VAL A 118 14.39 1.17 -0.81
C VAL A 118 15.29 2.33 -1.27
N THR A 119 16.22 2.01 -2.15
CA THR A 119 17.14 3.01 -2.67
C THR A 119 16.40 4.22 -3.21
N LYS B 7 -15.01 9.21 1.19
CA LYS B 7 -14.78 9.14 -0.24
C LYS B 7 -13.35 8.70 -0.54
N SER B 8 -13.20 7.76 -1.47
CA SER B 8 -11.89 7.25 -1.85
C SER B 8 -12.00 6.28 -3.02
N PHE B 9 -10.91 6.15 -3.78
CA PHE B 9 -10.88 5.26 -4.93
C PHE B 9 -11.04 3.80 -4.49
N PHE B 10 -10.26 3.40 -3.49
CA PHE B 10 -10.31 2.04 -2.98
C PHE B 10 -11.70 1.72 -2.45
N ASP B 11 -12.42 2.74 -2.01
CA ASP B 11 -13.77 2.56 -1.47
C ASP B 11 -14.76 2.24 -2.59
N LYS B 12 -14.66 2.98 -3.69
CA LYS B 12 -15.55 2.77 -4.83
C LYS B 12 -15.13 1.54 -5.62
N LYS B 13 -13.89 1.12 -5.44
CA LYS B 13 -13.37 -0.06 -6.14
C LYS B 13 -13.63 -1.33 -5.33
N ARG B 14 -13.50 -1.22 -4.01
CA ARG B 14 -13.72 -2.36 -3.13
C ARG B 14 -15.21 -2.68 -3.02
N SER B 15 -16.05 -1.67 -3.25
CA SER B 15 -17.50 -1.84 -3.16
C SER B 15 -18.02 -2.52 -4.42
N GLU B 16 -17.30 -2.36 -5.52
CA GLU B 16 -17.70 -2.95 -6.79
C GLU B 16 -17.60 -4.48 -6.74
N ARG B 17 -16.46 -4.97 -6.28
CA ARG B 17 -16.23 -6.40 -6.17
C ARG B 17 -17.21 -7.04 -5.18
N ILE B 18 -17.69 -6.24 -4.24
CA ILE B 18 -18.63 -6.73 -3.23
C ILE B 18 -20.06 -6.68 -3.75
N SER B 19 -20.53 -5.47 -4.03
CA SER B 19 -21.89 -5.29 -4.54
C SER B 19 -22.14 -3.82 -4.90
N ASN B 20 -22.89 -3.61 -5.98
CA ASN B 20 -23.21 -2.26 -6.43
C ASN B 20 -24.70 -2.00 -6.37
#